data_3AYX
#
_entry.id   3AYX
#
_cell.length_a   75.735
_cell.length_b   116.327
_cell.length_c   113.629
_cell.angle_alpha   90.00
_cell.angle_beta   91.40
_cell.angle_gamma   90.00
#
_symmetry.space_group_name_H-M   'P 1 21 1'
#
loop_
_entity.id
_entity.type
_entity.pdbx_description
1 polymer 'Membrane-bound hydrogenase large subunit'
2 polymer 'Membrane-bound hydrogenase small subunit'
3 non-polymer 'FE (II) ION'
4 non-polymer 'NICKEL (II) ION'
5 non-polymer 'CARBON MONOXIDE'
6 non-polymer 'CYANIDE ION'
7 non-polymer 'OXYGEN ATOM'
8 non-polymer GLYCEROL
9 non-polymer 'MAGNESIUM ION'
10 non-polymer 'FE4-S3 CLUSTER'
11 non-polymer 'FE3-S4 CLUSTER'
12 non-polymer 'IRON/SULFUR CLUSTER'
13 water water
#
loop_
_entity_poly.entity_id
_entity_poly.type
_entity_poly.pdbx_seq_one_letter_code
_entity_poly.pdbx_strand_id
1 'polypeptide(L)'
;MSVLNTPNHYKMDNSGRRVVIDPVTRIEGHMRCEVNVDENNVIQNAVSTGTMWRGLEVILRGRDPRDAWAFVERICGVCT
GCHALASVRAVEDALDIKIPHNATLIREIMAKTLQIHDHIVHFYHLHALDWVNPVNALKADPQATSELQKLVSPHHPMSS
PGYFKDIQIRIQKFVDSGQLGIFKNGYWSNPAYKLSPEADLMAVTHYLEALDFQKEIVKIHAIFGGKNPHPNYMVGGVPC
AINIDGDMAAGAPINMERLNFVKSLIEQGRTFNTNVYVPDVIAIAAFYRDWLYGGGLSATNVMDYGAYPKTPYDKSTDQL
PGGAIINGDWGKIHPVDPRDPEQVQEFVTHSWYKYPDETKGLHPWDGITEPNYELGSKTKGSRTNIIEIDESAKYSWIKS
PRWRGHAVEVGPLARYILAYAQGVEYVKTQVHTSLNRFNAVCRLLDPNHKDITDLKAFLGSTIGRTLARALESEYCGDMM
LDDFNQLISNIKNGDSSTANTDKWDPSSWPEHAKGVGTVAAPRGALAHWIVIEKGKIKNYQCVVPTTWNGSPRDPKGNIG
AFEASLMGTPMERPDEPVEVLRTLHSFDPCLACSTH
;
A,C
2 'polypeptide(L)'
;NKIAHAMETKPRTPVIWLHGLECTCCSESFIRSAHPLAKDVVLSMISLDYDDTLMAASGHAAEAILDEIKEKYKGNYILA
VEGNPPLNQDGMSCIIGGRPFSEQLKRMADDAKAIISWGSCASWGCVQAAKPNPTQATPVHKFLGGGYDKPIIKVPGCPP
IAEVMTGVITYMLTFDRIPELDRQGRPKMFYSQRIHDKCYRRPHFDAGQFVEEWDDEGARKGYCLYKVGCKGPTTYNACS
TVRWNGGTSFPIQSGHGCIGCSEDGFWDKGSFYSRDTEMNAFG
;
B,D
#
loop_
_chem_comp.id
_chem_comp.type
_chem_comp.name
_chem_comp.formula
CMO non-polymer 'CARBON MONOXIDE' 'C O'
CYN non-polymer 'CYANIDE ION' 'C N -1'
F3S non-polymer 'FE3-S4 CLUSTER' 'Fe3 S4'
F4S non-polymer 'FE4-S3 CLUSTER' 'Fe4 S3'
FE2 non-polymer 'FE (II) ION' 'Fe 2'
GOL non-polymer GLYCEROL 'C3 H8 O3'
MG non-polymer 'MAGNESIUM ION' 'Mg 2'
NI non-polymer 'NICKEL (II) ION' 'Ni 2'
O non-polymer 'OXYGEN ATOM' O
SF4 non-polymer 'IRON/SULFUR CLUSTER' 'Fe4 S4'
#
# COMPACT_ATOMS: atom_id res chain seq x y z
N SER A 2 3.63 -58.20 3.08
CA SER A 2 3.91 -58.50 1.71
C SER A 2 5.11 -57.70 1.26
N VAL A 3 5.76 -58.20 0.23
CA VAL A 3 6.80 -57.50 -0.50
C VAL A 3 6.46 -57.41 -1.96
N LEU A 4 6.18 -56.20 -2.39
CA LEU A 4 5.76 -56.01 -3.79
C LEU A 4 6.89 -55.39 -4.58
N ASN A 5 7.36 -56.07 -5.61
CA ASN A 5 8.40 -55.60 -6.53
C ASN A 5 7.74 -54.89 -7.70
N THR A 6 7.75 -53.57 -7.66
CA THR A 6 7.03 -52.82 -8.63
C THR A 6 7.79 -52.76 -9.97
N PRO A 7 7.02 -52.55 -11.04
CA PRO A 7 7.74 -52.45 -12.33
C PRO A 7 8.69 -51.28 -12.40
N ASN A 8 8.42 -50.26 -11.63
CA ASN A 8 9.32 -49.10 -11.61
C ASN A 8 10.38 -49.23 -10.51
N HIS A 9 10.70 -50.47 -10.09
CA HIS A 9 11.89 -50.89 -9.41
C HIS A 9 11.91 -50.46 -7.95
N TYR A 10 10.78 -50.49 -7.25
CA TYR A 10 10.72 -50.32 -5.83
C TYR A 10 10.25 -51.62 -5.16
N LYS A 11 10.68 -51.83 -3.90
CA LYS A 11 10.20 -53.03 -3.22
C LYS A 11 9.35 -52.54 -2.06
N MET A 12 8.06 -52.61 -2.17
CA MET A 12 7.15 -52.11 -1.10
C MET A 12 6.87 -53.17 -0.07
N ASP A 13 7.42 -52.97 1.11
CA ASP A 13 7.45 -53.96 2.17
C ASP A 13 6.72 -53.39 3.40
N ASN A 14 5.56 -54.01 3.72
CA ASN A 14 4.75 -53.52 4.80
C ASN A 14 4.85 -54.39 6.03
N SER A 15 5.98 -55.10 6.16
CA SER A 15 6.18 -55.91 7.36
C SER A 15 6.77 -55.16 8.55
N GLY A 16 7.38 -54.00 8.35
CA GLY A 16 7.85 -53.28 9.46
C GLY A 16 6.78 -52.45 10.16
N ARG A 17 7.20 -51.71 11.18
CA ARG A 17 6.31 -50.87 11.96
C ARG A 17 5.66 -49.84 11.11
N ARG A 18 4.38 -49.66 11.31
CA ARG A 18 3.56 -48.72 10.55
C ARG A 18 3.41 -47.41 11.29
N VAL A 19 3.56 -46.29 10.62
CA VAL A 19 3.46 -44.93 11.14
C VAL A 19 2.38 -44.25 10.31
N VAL A 20 1.40 -43.63 10.96
CA VAL A 20 0.29 -42.97 10.30
C VAL A 20 0.34 -41.47 10.55
N ILE A 21 0.21 -40.68 9.49
CA ILE A 21 0.18 -39.24 9.55
C ILE A 21 -1.16 -38.79 8.93
N ASP A 22 -2.09 -38.45 9.79
CA ASP A 22 -3.43 -38.01 9.35
C ASP A 22 -3.97 -37.11 10.44
N PRO A 23 -4.05 -35.80 10.31
CA PRO A 23 -3.86 -35.07 9.05
C PRO A 23 -2.45 -34.76 8.69
N VAL A 24 -2.13 -34.79 7.42
CA VAL A 24 -0.96 -34.10 6.91
C VAL A 24 -1.28 -32.64 6.84
N THR A 25 -0.66 -31.84 7.68
CA THR A 25 -0.92 -30.39 7.67
C THR A 25 0.12 -29.69 6.78
N ARG A 26 -0.05 -28.39 6.66
CA ARG A 26 0.79 -27.52 5.84
C ARG A 26 0.84 -28.02 4.36
N ILE A 27 -0.36 -28.36 3.90
CA ILE A 27 -0.71 -28.60 2.55
C ILE A 27 -2.01 -27.87 2.28
N GLU A 28 -2.41 -27.79 0.99
CA GLU A 28 -3.78 -27.42 0.72
C GLU A 28 -4.58 -28.71 0.85
N GLY A 29 -5.69 -28.59 1.54
CA GLY A 29 -6.66 -29.70 1.55
C GLY A 29 -6.33 -30.76 2.54
N HIS A 30 -6.65 -32.01 2.23
CA HIS A 30 -6.57 -33.09 3.19
C HIS A 30 -5.87 -34.29 2.59
N MET A 31 -4.89 -34.79 3.34
CA MET A 31 -4.09 -35.98 2.99
C MET A 31 -3.82 -36.81 4.22
N ARG A 32 -3.75 -38.12 3.98
CA ARG A 32 -3.24 -39.09 4.92
C ARG A 32 -2.01 -39.75 4.31
N CYS A 33 -0.99 -40.00 5.09
CA CYS A 33 0.18 -40.73 4.62
C CYS A 33 0.47 -41.83 5.63
N GLU A 34 0.69 -43.07 5.17
CA GLU A 34 1.17 -44.12 6.06
C GLU A 34 2.51 -44.64 5.50
N VAL A 35 3.43 -44.96 6.37
CA VAL A 35 4.69 -45.59 5.99
C VAL A 35 4.96 -46.81 6.89
N ASN A 36 5.84 -47.67 6.36
CA ASN A 36 6.42 -48.71 7.21
C ASN A 36 7.94 -48.49 7.28
N VAL A 37 8.50 -48.66 8.45
CA VAL A 37 9.93 -48.53 8.68
C VAL A 37 10.50 -49.86 9.12
N ASP A 38 11.70 -50.14 8.64
CA ASP A 38 12.45 -51.31 9.04
C ASP A 38 13.16 -51.07 10.39
N GLU A 39 13.92 -52.06 10.83
CA GLU A 39 14.49 -52.02 12.18
C GLU A 39 15.53 -50.95 12.25
N ASN A 40 15.96 -50.37 11.17
CA ASN A 40 16.91 -49.29 11.11
C ASN A 40 16.23 -47.96 10.92
N ASN A 41 14.93 -47.98 11.06
CA ASN A 41 14.18 -46.72 10.86
C ASN A 41 14.20 -46.15 9.49
N VAL A 42 14.40 -47.02 8.52
CA VAL A 42 14.32 -46.63 7.13
C VAL A 42 12.95 -46.99 6.53
N ILE A 43 12.38 -46.06 5.77
CA ILE A 43 11.07 -46.25 5.13
C ILE A 43 11.23 -47.32 4.04
N GLN A 44 10.40 -48.35 4.14
CA GLN A 44 10.38 -49.39 3.13
C GLN A 44 8.99 -49.57 2.51
N ASN A 45 8.03 -48.75 2.82
CA ASN A 45 6.74 -48.68 2.21
C ASN A 45 6.17 -47.29 2.47
N ALA A 46 5.41 -46.78 1.49
CA ALA A 46 4.77 -45.49 1.62
C ALA A 46 3.44 -45.52 0.90
N VAL A 47 2.41 -44.89 1.51
CA VAL A 47 1.07 -44.94 1.08
C VAL A 47 0.53 -43.49 1.07
N SER A 48 0.18 -43.02 -0.12
CA SER A 48 -0.44 -41.70 -0.30
C SER A 48 -1.92 -41.78 -0.43
N THR A 49 -2.66 -41.17 0.47
CA THR A 49 -4.13 -41.19 0.46
C THR A 49 -4.68 -39.78 0.36
N GLY A 50 -5.39 -39.44 -0.72
CA GLY A 50 -6.13 -38.19 -0.79
C GLY A 50 -7.42 -38.39 -0.01
N THR A 51 -7.67 -37.56 1.03
CA THR A 51 -8.74 -37.77 1.96
C THR A 51 -9.91 -36.82 1.71
N MET A 52 -10.07 -36.24 0.55
CA MET A 52 -11.25 -35.45 0.23
C MET A 52 -11.66 -35.67 -1.21
N TRP A 53 -12.93 -35.41 -1.50
CA TRP A 53 -13.46 -35.34 -2.85
C TRP A 53 -14.67 -34.46 -2.86
N ARG A 54 -14.88 -33.71 -3.90
CA ARG A 54 -16.04 -32.84 -4.07
C ARG A 54 -16.85 -33.13 -5.31
N GLY A 55 -16.23 -33.57 -6.41
CA GLY A 55 -16.96 -33.94 -7.60
C GLY A 55 -17.24 -32.88 -8.60
N LEU A 56 -16.33 -31.93 -8.83
CA LEU A 56 -16.51 -30.90 -9.84
C LEU A 56 -16.82 -31.43 -11.22
N GLU A 57 -16.22 -32.59 -11.60
CA GLU A 57 -16.45 -33.14 -12.92
C GLU A 57 -17.92 -33.53 -13.07
N VAL A 58 -18.54 -34.03 -12.00
CA VAL A 58 -19.93 -34.42 -11.97
C VAL A 58 -20.83 -33.21 -12.01
N ILE A 59 -20.50 -32.20 -11.19
CA ILE A 59 -21.27 -30.97 -11.08
C ILE A 59 -21.34 -30.20 -12.37
N LEU A 60 -20.32 -30.25 -13.20
CA LEU A 60 -20.29 -29.52 -14.47
C LEU A 60 -21.25 -30.03 -15.53
N ARG A 61 -21.65 -31.29 -15.43
CA ARG A 61 -22.44 -31.86 -16.49
C ARG A 61 -23.73 -31.07 -16.77
N GLY A 62 -23.97 -30.84 -18.05
CA GLY A 62 -25.16 -30.12 -18.46
C GLY A 62 -25.05 -28.62 -18.42
N ARG A 63 -24.00 -28.07 -17.91
CA ARG A 63 -23.89 -26.63 -17.77
C ARG A 63 -23.31 -26.04 -19.05
N ASP A 64 -23.25 -24.73 -19.14
CA ASP A 64 -22.77 -24.03 -20.33
C ASP A 64 -21.26 -23.98 -20.25
N PRO A 65 -20.56 -24.35 -21.32
CA PRO A 65 -19.09 -24.25 -21.34
C PRO A 65 -18.57 -22.89 -20.94
N ARG A 66 -19.27 -21.81 -21.25
CA ARG A 66 -18.80 -20.48 -20.89
C ARG A 66 -18.74 -20.24 -19.39
N ASP A 67 -19.51 -20.97 -18.61
CA ASP A 67 -19.54 -20.83 -17.17
C ASP A 67 -18.50 -21.70 -16.51
N ALA A 68 -17.95 -22.68 -17.21
CA ALA A 68 -17.15 -23.69 -16.55
C ALA A 68 -15.96 -23.14 -15.79
N TRP A 69 -15.32 -22.12 -16.29
CA TRP A 69 -14.09 -21.63 -15.71
C TRP A 69 -14.30 -21.26 -14.23
N ALA A 70 -15.49 -20.69 -13.94
CA ALA A 70 -15.69 -20.20 -12.60
C ALA A 70 -15.88 -21.33 -11.61
N PHE A 71 -16.56 -22.40 -12.04
CA PHE A 71 -16.73 -23.63 -11.23
C PHE A 71 -15.38 -24.26 -10.93
N VAL A 72 -14.61 -24.51 -12.02
CA VAL A 72 -13.34 -25.20 -11.85
C VAL A 72 -12.29 -24.32 -11.20
N GLU A 73 -12.40 -23.00 -11.27
CA GLU A 73 -11.49 -22.15 -10.51
C GLU A 73 -11.53 -22.52 -9.05
N ARG A 74 -12.70 -22.90 -8.54
CA ARG A 74 -12.94 -23.28 -7.14
C ARG A 74 -12.47 -24.71 -6.87
N ILE A 75 -11.81 -25.35 -7.82
CA ILE A 75 -11.06 -26.52 -7.40
C ILE A 75 -10.01 -26.16 -6.37
N CYS A 76 -9.45 -24.95 -6.49
CA CYS A 76 -8.33 -24.61 -5.63
C CYS A 76 -8.16 -23.11 -5.49
N GLY A 77 -8.05 -22.72 -4.18
CA GLY A 77 -7.83 -21.33 -3.80
C GLY A 77 -6.41 -20.95 -3.65
N VAL A 78 -5.52 -21.92 -3.67
CA VAL A 78 -4.07 -21.77 -3.56
C VAL A 78 -3.56 -21.52 -4.97
N CYS A 79 -3.77 -22.44 -5.87
CA CYS A 79 -3.43 -22.26 -7.30
C CYS A 79 -4.61 -21.60 -7.98
N THR A 80 -5.00 -20.44 -7.43
CA THR A 80 -6.22 -19.78 -7.85
C THR A 80 -6.04 -19.14 -9.21
N GLY A 81 -6.91 -19.48 -10.12
CA GLY A 81 -6.97 -19.09 -11.49
C GLY A 81 -6.40 -20.05 -12.49
N CYS A 82 -5.49 -20.93 -12.08
CA CYS A 82 -4.93 -21.82 -13.10
C CYS A 82 -5.98 -22.72 -13.71
N HIS A 83 -6.99 -23.14 -12.92
CA HIS A 83 -8.03 -23.95 -13.50
C HIS A 83 -8.97 -23.17 -14.41
N ALA A 84 -9.17 -21.89 -14.05
CA ALA A 84 -9.90 -21.02 -14.95
C ALA A 84 -9.22 -20.89 -16.28
N LEU A 85 -7.88 -20.71 -16.23
CA LEU A 85 -7.09 -20.62 -17.45
C LEU A 85 -7.17 -21.88 -18.29
N ALA A 86 -7.04 -23.05 -17.64
CA ALA A 86 -7.16 -24.32 -18.34
C ALA A 86 -8.51 -24.44 -18.98
N SER A 87 -9.57 -24.04 -18.30
CA SER A 87 -10.95 -24.15 -18.76
C SER A 87 -11.24 -23.31 -19.98
N VAL A 88 -10.87 -22.02 -19.90
CA VAL A 88 -11.11 -21.19 -21.07
C VAL A 88 -10.28 -21.67 -22.25
N ARG A 89 -9.04 -22.11 -21.97
CA ARG A 89 -8.27 -22.71 -23.05
C ARG A 89 -8.93 -23.94 -23.63
N ALA A 90 -9.49 -24.79 -22.84
CA ALA A 90 -10.13 -26.01 -23.34
C ALA A 90 -11.33 -25.70 -24.20
N VAL A 91 -12.12 -24.72 -23.75
CA VAL A 91 -13.29 -24.32 -24.53
C VAL A 91 -12.87 -23.69 -25.83
N GLU A 92 -11.86 -22.82 -25.77
CA GLU A 92 -11.35 -22.15 -26.96
C GLU A 92 -10.77 -23.18 -27.92
N ASP A 93 -10.12 -24.20 -27.41
CA ASP A 93 -9.65 -25.29 -28.26
C ASP A 93 -10.78 -26.01 -28.94
N ALA A 94 -11.81 -26.37 -28.15
CA ALA A 94 -12.96 -27.09 -28.73
C ALA A 94 -13.67 -26.29 -29.83
N LEU A 95 -13.75 -24.98 -29.68
CA LEU A 95 -14.50 -24.08 -30.55
C LEU A 95 -13.60 -23.36 -31.54
N ASP A 96 -12.33 -23.63 -31.56
CA ASP A 96 -11.45 -22.99 -32.51
C ASP A 96 -11.57 -21.46 -32.38
N ILE A 97 -11.40 -20.99 -31.13
CA ILE A 97 -11.31 -19.56 -30.80
C ILE A 97 -9.87 -19.12 -30.65
N LYS A 98 -9.45 -18.09 -31.40
CA LYS A 98 -8.12 -17.49 -31.15
C LYS A 98 -8.34 -16.14 -30.45
N ILE A 99 -7.58 -15.88 -29.43
CA ILE A 99 -7.82 -14.72 -28.63
C ILE A 99 -6.85 -13.63 -29.02
N PRO A 100 -7.09 -12.34 -28.72
CA PRO A 100 -6.16 -11.28 -29.04
C PRO A 100 -4.84 -11.43 -28.27
N HIS A 101 -3.75 -10.91 -28.84
CA HIS A 101 -2.44 -10.97 -28.19
C HIS A 101 -2.48 -10.41 -26.80
N ASN A 102 -3.18 -9.31 -26.56
CA ASN A 102 -3.18 -8.76 -25.22
C ASN A 102 -3.87 -9.62 -24.23
N ALA A 103 -4.86 -10.42 -24.66
CA ALA A 103 -5.45 -11.43 -23.79
C ALA A 103 -4.50 -12.55 -23.44
N THR A 104 -3.77 -13.04 -24.43
CA THR A 104 -2.73 -13.99 -24.17
C THR A 104 -1.76 -13.49 -23.16
N LEU A 105 -1.28 -12.26 -23.31
CA LEU A 105 -0.29 -11.64 -22.44
C LEU A 105 -0.86 -11.47 -21.04
N ILE A 106 -2.07 -10.93 -20.95
CA ILE A 106 -2.60 -10.69 -19.60
C ILE A 106 -2.83 -12.01 -18.87
N ARG A 107 -3.31 -13.04 -19.58
CA ARG A 107 -3.42 -14.37 -18.95
C ARG A 107 -2.08 -14.89 -18.46
N GLU A 108 -1.01 -14.68 -19.26
CA GLU A 108 0.34 -15.11 -18.83
C GLU A 108 0.82 -14.28 -17.68
N ILE A 109 0.56 -12.98 -17.64
CA ILE A 109 0.88 -12.17 -16.50
C ILE A 109 0.19 -12.67 -15.24
N MET A 110 -1.08 -12.97 -15.36
CA MET A 110 -1.81 -13.53 -14.21
C MET A 110 -1.22 -14.88 -13.81
N ALA A 111 -0.82 -15.70 -14.78
CA ALA A 111 -0.28 -16.99 -14.48
C ALA A 111 1.07 -16.88 -13.74
N LYS A 112 1.94 -15.94 -14.15
CA LYS A 112 3.22 -15.74 -13.51
C LYS A 112 3.09 -15.08 -12.15
N THR A 113 2.11 -14.19 -12.00
CA THR A 113 1.77 -13.64 -10.68
C THR A 113 1.45 -14.78 -9.73
N LEU A 114 0.58 -15.72 -10.18
CA LEU A 114 0.21 -16.86 -9.38
C LEU A 114 1.47 -17.71 -9.01
N GLN A 115 2.30 -17.98 -10.00
CA GLN A 115 3.48 -18.77 -9.74
C GLN A 115 4.31 -18.22 -8.61
N ILE A 116 4.54 -16.91 -8.66
CA ILE A 116 5.41 -16.19 -7.68
C ILE A 116 4.75 -16.25 -6.33
N HIS A 117 3.47 -15.85 -6.26
CA HIS A 117 2.75 -15.80 -5.01
C HIS A 117 2.73 -17.19 -4.38
N ASP A 118 2.33 -18.17 -5.19
CA ASP A 118 2.18 -19.53 -4.70
C ASP A 118 3.49 -20.09 -4.25
N HIS A 119 4.53 -19.94 -5.05
CA HIS A 119 5.82 -20.48 -4.64
C HIS A 119 6.36 -19.90 -3.37
N ILE A 120 6.30 -18.54 -3.24
CA ILE A 120 6.75 -17.87 -2.01
C ILE A 120 5.96 -18.32 -0.77
N VAL A 121 4.65 -18.30 -0.86
CA VAL A 121 3.85 -18.71 0.29
C VAL A 121 4.09 -20.19 0.58
N HIS A 122 4.24 -21.04 -0.43
CA HIS A 122 4.51 -22.41 -0.15
C HIS A 122 5.82 -22.53 0.65
N PHE A 123 6.90 -21.94 0.18
CA PHE A 123 8.18 -22.18 0.82
C PHE A 123 8.14 -21.70 2.26
N TYR A 124 7.69 -20.44 2.47
CA TYR A 124 7.75 -19.90 3.82
C TYR A 124 6.66 -20.48 4.70
N HIS A 125 5.43 -20.43 4.26
CA HIS A 125 4.31 -20.64 5.19
C HIS A 125 3.90 -22.07 5.31
N LEU A 126 4.26 -22.91 4.33
CA LEU A 126 3.96 -24.34 4.32
CA LEU A 126 3.94 -24.34 4.43
C LEU A 126 5.18 -25.20 4.58
N HIS A 127 6.27 -24.91 3.89
CA HIS A 127 7.41 -25.76 3.88
C HIS A 127 8.45 -25.51 4.96
N ALA A 128 8.68 -24.23 5.29
CA ALA A 128 9.83 -23.85 6.04
C ALA A 128 9.91 -24.51 7.41
N LEU A 129 8.74 -24.75 8.04
CA LEU A 129 8.76 -25.36 9.36
C LEU A 129 9.20 -26.82 9.32
N ASP A 130 9.52 -27.41 8.20
CA ASP A 130 10.19 -28.66 8.07
C ASP A 130 11.71 -28.53 8.12
N TRP A 131 12.19 -27.31 7.99
CA TRP A 131 13.63 -27.05 7.96
C TRP A 131 14.07 -26.10 9.07
N VAL A 132 13.19 -25.28 9.59
CA VAL A 132 13.38 -24.18 10.50
C VAL A 132 12.73 -24.50 11.82
N ASN A 133 13.44 -24.27 12.91
CA ASN A 133 12.98 -24.46 14.25
C ASN A 133 12.85 -23.12 14.97
N PRO A 134 11.64 -22.62 15.09
CA PRO A 134 11.50 -21.26 15.65
C PRO A 134 11.85 -21.16 17.10
N VAL A 135 11.75 -22.27 17.83
CA VAL A 135 12.16 -22.24 19.25
C VAL A 135 13.65 -22.07 19.29
N ASN A 136 14.41 -22.71 18.43
CA ASN A 136 15.87 -22.58 18.45
C ASN A 136 16.31 -21.20 18.07
N ALA A 137 15.50 -20.52 17.27
CA ALA A 137 15.82 -19.10 16.92
C ALA A 137 15.97 -18.26 18.16
N LEU A 138 15.32 -18.61 19.27
CA LEU A 138 15.40 -17.78 20.46
C LEU A 138 16.78 -17.84 21.05
N LYS A 139 17.65 -18.77 20.66
CA LYS A 139 19.01 -18.89 21.08
C LYS A 139 20.01 -18.09 20.27
N ALA A 140 19.58 -17.53 19.16
CA ALA A 140 20.49 -16.87 18.24
C ALA A 140 21.13 -15.61 18.80
N ASP A 141 22.36 -15.34 18.37
CA ASP A 141 23.01 -14.02 18.59
C ASP A 141 22.59 -13.06 17.50
N PRO A 142 21.93 -11.95 17.86
CA PRO A 142 21.48 -11.05 16.77
C PRO A 142 22.62 -10.52 15.89
N GLN A 143 23.80 -10.22 16.45
CA GLN A 143 24.89 -9.75 15.57
CA GLN A 143 24.91 -9.77 15.60
C GLN A 143 25.37 -10.85 14.62
N ALA A 144 25.48 -12.09 15.06
CA ALA A 144 25.88 -13.17 14.18
C ALA A 144 24.74 -13.48 13.18
N THR A 145 23.47 -13.26 13.53
CA THR A 145 22.38 -13.40 12.57
C THR A 145 22.54 -12.40 11.45
N SER A 146 22.85 -11.14 11.76
CA SER A 146 23.12 -10.08 10.83
C SER A 146 24.29 -10.47 9.88
N GLU A 147 25.38 -11.01 10.46
CA GLU A 147 26.50 -11.40 9.60
C GLU A 147 26.10 -12.47 8.59
N LEU A 148 25.28 -13.45 9.08
CA LEU A 148 24.80 -14.51 8.19
C LEU A 148 23.97 -13.88 7.09
N GLN A 149 23.02 -13.03 7.44
CA GLN A 149 22.11 -12.38 6.50
C GLN A 149 22.89 -11.69 5.43
N LYS A 150 23.93 -10.94 5.80
CA LYS A 150 24.67 -10.19 4.80
C LYS A 150 25.41 -11.11 3.84
N LEU A 151 25.84 -12.29 4.31
CA LEU A 151 26.44 -13.23 3.39
C LEU A 151 25.46 -13.95 2.49
N VAL A 152 24.28 -14.27 3.07
CA VAL A 152 23.23 -14.99 2.39
C VAL A 152 22.69 -14.14 1.23
N SER A 153 22.46 -12.85 1.50
CA SER A 153 21.82 -11.99 0.50
C SER A 153 22.36 -10.59 0.71
N PRO A 154 23.50 -10.23 0.13
CA PRO A 154 24.10 -8.94 0.40
C PRO A 154 23.24 -7.75 0.02
N HIS A 155 22.36 -7.83 -0.97
CA HIS A 155 21.58 -6.71 -1.41
C HIS A 155 20.35 -6.47 -0.54
N HIS A 156 19.89 -7.47 0.22
CA HIS A 156 18.66 -7.24 0.97
C HIS A 156 18.90 -6.20 2.05
N PRO A 157 18.16 -5.13 2.12
CA PRO A 157 18.49 -4.09 3.12
C PRO A 157 18.33 -4.45 4.59
N MET A 158 17.45 -5.41 4.86
CA MET A 158 16.91 -5.68 6.17
CA MET A 158 16.95 -5.60 6.22
C MET A 158 17.83 -6.56 7.01
N SER A 159 18.98 -6.06 7.45
CA SER A 159 19.94 -6.90 8.12
C SER A 159 20.38 -6.44 9.47
N SER A 160 19.85 -5.32 10.02
CA SER A 160 20.33 -4.77 11.26
CA SER A 160 20.47 -4.81 11.23
C SER A 160 20.29 -5.78 12.41
N PRO A 161 21.35 -5.85 13.20
CA PRO A 161 21.29 -6.70 14.42
C PRO A 161 20.09 -6.37 15.29
N GLY A 162 19.81 -5.08 15.39
CA GLY A 162 18.66 -4.69 16.21
C GLY A 162 17.31 -5.11 15.70
N TYR A 163 17.20 -5.17 14.36
CA TYR A 163 16.01 -5.74 13.75
C TYR A 163 15.86 -7.21 14.08
N PHE A 164 16.92 -8.01 13.90
CA PHE A 164 16.82 -9.40 14.31
C PHE A 164 16.55 -9.56 15.80
N LYS A 165 17.15 -8.71 16.62
CA LYS A 165 16.86 -8.78 18.06
C LYS A 165 15.42 -8.47 18.30
N ASP A 166 14.83 -7.49 17.62
CA ASP A 166 13.44 -7.13 17.81
C ASP A 166 12.52 -8.26 17.42
N ILE A 167 12.81 -8.95 16.31
CA ILE A 167 12.06 -10.12 15.91
C ILE A 167 12.13 -11.19 16.97
N GLN A 168 13.37 -11.41 17.46
CA GLN A 168 13.56 -12.43 18.48
C GLN A 168 12.77 -12.08 19.73
N ILE A 169 12.73 -10.84 20.16
CA ILE A 169 11.95 -10.45 21.33
C ILE A 169 10.48 -10.73 21.09
N ARG A 170 9.99 -10.51 19.87
CA ARG A 170 8.59 -10.77 19.57
C ARG A 170 8.31 -12.26 19.71
N ILE A 171 9.16 -13.11 19.15
CA ILE A 171 8.91 -14.55 19.21
C ILE A 171 9.07 -15.03 20.67
N GLN A 172 10.01 -14.48 21.39
CA GLN A 172 10.13 -14.85 22.83
C GLN A 172 8.90 -14.53 23.65
N LYS A 173 8.30 -13.34 23.40
CA LYS A 173 7.05 -12.94 24.08
C LYS A 173 5.93 -13.91 23.76
N PHE A 174 5.81 -14.28 22.49
CA PHE A 174 4.84 -15.27 22.03
C PHE A 174 5.02 -16.59 22.76
N VAL A 175 6.22 -17.10 22.79
CA VAL A 175 6.48 -18.36 23.49
C VAL A 175 6.25 -18.19 24.97
N ASP A 176 6.71 -17.09 25.56
CA ASP A 176 6.55 -16.91 26.99
C ASP A 176 5.09 -16.77 27.42
N SER A 177 4.24 -16.48 26.49
CA SER A 177 2.79 -16.38 26.74
C SER A 177 2.18 -17.72 27.05
N GLY A 178 2.86 -18.79 26.66
CA GLY A 178 2.32 -20.11 26.81
C GLY A 178 1.24 -20.51 25.79
N GLN A 179 0.87 -19.60 24.92
CA GLN A 179 -0.08 -19.84 23.82
C GLN A 179 0.74 -19.96 22.53
N LEU A 180 1.20 -21.15 22.23
CA LEU A 180 2.16 -21.30 21.17
C LEU A 180 1.53 -21.42 19.78
N GLY A 181 0.19 -21.51 19.69
CA GLY A 181 -0.48 -21.42 18.44
C GLY A 181 0.02 -22.34 17.38
N ILE A 182 0.41 -21.78 16.22
CA ILE A 182 0.83 -22.57 15.06
C ILE A 182 2.15 -23.25 15.33
N PHE A 183 2.85 -22.97 16.41
CA PHE A 183 4.09 -23.70 16.70
C PHE A 183 3.92 -24.82 17.73
N LYS A 184 2.72 -24.89 18.26
CA LYS A 184 2.41 -25.85 19.32
C LYS A 184 2.57 -27.27 18.82
N ASN A 185 3.21 -28.07 19.59
CA ASN A 185 3.37 -29.48 19.39
C ASN A 185 4.27 -29.76 18.20
N GLY A 186 5.00 -28.75 17.75
CA GLY A 186 6.01 -29.02 16.73
C GLY A 186 7.12 -29.95 17.28
N TYR A 187 7.80 -30.63 16.36
CA TYR A 187 8.81 -31.65 16.71
C TYR A 187 10.18 -31.00 16.92
N TRP A 188 10.17 -29.97 17.81
CA TRP A 188 11.31 -29.07 17.83
C TRP A 188 12.53 -29.66 18.47
N SER A 189 12.41 -30.78 19.21
CA SER A 189 13.60 -31.45 19.74
C SER A 189 14.20 -32.52 18.82
N ASN A 190 13.63 -32.73 17.66
CA ASN A 190 14.14 -33.76 16.73
C ASN A 190 15.39 -33.29 16.06
N PRO A 191 16.49 -34.09 16.13
CA PRO A 191 17.77 -33.70 15.53
C PRO A 191 17.70 -33.60 14.02
N ALA A 192 16.61 -33.95 13.39
CA ALA A 192 16.42 -33.72 12.00
C ALA A 192 16.50 -32.22 11.66
N TYR A 193 16.33 -31.30 12.59
CA TYR A 193 16.46 -29.87 12.38
C TYR A 193 17.94 -29.53 12.42
N LYS A 194 18.51 -28.99 11.35
CA LYS A 194 19.94 -28.84 11.25
C LYS A 194 20.38 -27.39 11.12
N LEU A 195 19.49 -26.39 11.14
CA LEU A 195 19.95 -25.00 11.11
C LEU A 195 20.62 -24.61 12.39
N SER A 196 21.56 -23.66 12.31
CA SER A 196 22.00 -22.97 13.49
C SER A 196 20.90 -22.07 14.07
N PRO A 197 20.97 -21.65 15.33
CA PRO A 197 20.01 -20.64 15.83
C PRO A 197 19.94 -19.39 14.92
N GLU A 198 21.05 -18.89 14.43
CA GLU A 198 21.12 -17.72 13.62
C GLU A 198 20.38 -17.92 12.31
N ALA A 199 20.56 -19.06 11.66
CA ALA A 199 19.82 -19.37 10.44
C ALA A 199 18.32 -19.53 10.75
N ASP A 200 17.95 -20.16 11.85
CA ASP A 200 16.58 -20.24 12.27
C ASP A 200 15.97 -18.86 12.43
N LEU A 201 16.70 -17.91 13.07
CA LEU A 201 16.18 -16.57 13.31
C LEU A 201 16.06 -15.82 12.00
N MET A 202 17.06 -15.94 11.12
CA MET A 202 16.93 -15.34 9.80
C MET A 202 15.71 -15.82 9.05
N ALA A 203 15.51 -17.15 9.09
CA ALA A 203 14.37 -17.74 8.34
C ALA A 203 13.05 -17.35 8.93
N VAL A 204 12.92 -17.28 10.29
CA VAL A 204 11.65 -16.83 10.87
C VAL A 204 11.40 -15.38 10.47
N THR A 205 12.45 -14.57 10.50
CA THR A 205 12.33 -13.17 10.09
C THR A 205 11.78 -13.07 8.67
N HIS A 206 12.31 -13.90 7.80
CA HIS A 206 11.88 -13.90 6.42
C HIS A 206 10.49 -14.47 6.22
N TYR A 207 10.09 -15.45 7.03
CA TYR A 207 8.69 -15.96 7.09
C TYR A 207 7.78 -14.76 7.28
N LEU A 208 8.10 -13.91 8.25
CA LEU A 208 7.26 -12.71 8.53
C LEU A 208 7.32 -11.73 7.36
N GLU A 209 8.49 -11.48 6.81
CA GLU A 209 8.62 -10.56 5.67
C GLU A 209 7.80 -11.09 4.50
N ALA A 210 7.81 -12.41 4.26
CA ALA A 210 7.08 -12.99 3.16
C ALA A 210 5.60 -12.92 3.40
N LEU A 211 5.13 -13.04 4.65
CA LEU A 211 3.71 -12.94 4.95
C LEU A 211 3.24 -11.52 4.63
N ASP A 212 4.02 -10.53 4.93
CA ASP A 212 3.72 -9.13 4.59
C ASP A 212 3.77 -8.90 3.09
N PHE A 213 4.76 -9.46 2.41
CA PHE A 213 4.96 -9.23 0.98
C PHE A 213 3.84 -9.85 0.17
N GLN A 214 3.42 -11.05 0.49
CA GLN A 214 2.64 -11.84 -0.49
C GLN A 214 1.31 -11.19 -0.87
N LYS A 215 0.77 -10.39 0.06
CA LYS A 215 -0.45 -9.73 -0.23
C LYS A 215 -0.28 -8.67 -1.35
N GLU A 216 0.92 -8.17 -1.59
CA GLU A 216 1.11 -7.13 -2.59
C GLU A 216 1.05 -7.70 -3.99
N ILE A 217 1.73 -8.83 -4.26
CA ILE A 217 1.91 -9.23 -5.66
C ILE A 217 0.59 -9.60 -6.30
N VAL A 218 -0.35 -10.11 -5.48
CA VAL A 218 -1.64 -10.52 -6.03
C VAL A 218 -2.52 -9.35 -6.40
N LYS A 219 -2.13 -8.09 -6.08
CA LYS A 219 -2.82 -6.93 -6.59
C LYS A 219 -2.79 -6.90 -8.12
N ILE A 220 -1.85 -7.60 -8.78
CA ILE A 220 -1.90 -7.76 -10.22
C ILE A 220 -3.14 -8.54 -10.65
N HIS A 221 -3.47 -9.60 -9.92
CA HIS A 221 -4.73 -10.29 -10.13
C HIS A 221 -5.93 -9.40 -9.90
N ALA A 222 -5.89 -8.59 -8.84
CA ALA A 222 -7.01 -7.67 -8.61
C ALA A 222 -7.22 -6.71 -9.75
N ILE A 223 -6.09 -6.20 -10.31
CA ILE A 223 -6.24 -5.24 -11.42
C ILE A 223 -6.79 -5.93 -12.66
N PHE A 224 -6.23 -7.06 -13.10
CA PHE A 224 -6.68 -7.67 -14.33
C PHE A 224 -7.92 -8.52 -14.17
N GLY A 225 -8.19 -9.02 -12.99
CA GLY A 225 -9.20 -10.02 -12.70
C GLY A 225 -10.14 -9.72 -11.59
N GLY A 226 -10.10 -8.52 -11.05
CA GLY A 226 -11.08 -8.10 -10.05
C GLY A 226 -10.77 -8.36 -8.60
N LYS A 227 -10.14 -9.50 -8.30
CA LYS A 227 -10.01 -10.01 -6.94
C LYS A 227 -8.97 -11.12 -6.92
N ASN A 228 -8.40 -11.40 -5.78
CA ASN A 228 -7.59 -12.48 -5.44
C ASN A 228 -7.90 -12.84 -3.97
N PRO A 229 -8.14 -14.11 -3.67
CA PRO A 229 -8.28 -15.23 -4.59
C PRO A 229 -9.46 -15.10 -5.54
N HIS A 230 -9.36 -15.95 -6.57
CA HIS A 230 -10.39 -16.26 -7.55
C HIS A 230 -10.70 -15.09 -8.51
N PRO A 231 -9.68 -14.64 -9.27
CA PRO A 231 -9.91 -13.61 -10.29
C PRO A 231 -10.77 -14.13 -11.41
N ASN A 232 -11.42 -13.20 -12.13
CA ASN A 232 -12.25 -13.56 -13.23
C ASN A 232 -11.50 -13.75 -14.55
N TYR A 233 -12.07 -14.65 -15.37
CA TYR A 233 -11.66 -15.02 -16.71
C TYR A 233 -12.86 -15.00 -17.59
N MET A 234 -12.66 -15.16 -18.91
CA MET A 234 -13.82 -15.42 -19.77
CA MET A 234 -13.83 -15.41 -19.77
C MET A 234 -13.33 -16.10 -21.04
N VAL A 235 -14.26 -16.81 -21.69
CA VAL A 235 -13.95 -17.44 -22.97
C VAL A 235 -13.83 -16.39 -24.05
N GLY A 236 -12.75 -16.36 -24.79
CA GLY A 236 -12.49 -15.50 -25.88
C GLY A 236 -11.63 -14.32 -25.62
N GLY A 237 -11.23 -14.08 -24.37
CA GLY A 237 -10.32 -12.92 -24.13
C GLY A 237 -10.16 -12.68 -22.65
N VAL A 238 -9.97 -11.46 -22.26
CA VAL A 238 -9.94 -11.05 -20.86
C VAL A 238 -10.98 -9.93 -20.67
N PRO A 239 -11.62 -9.84 -19.52
CA PRO A 239 -12.67 -8.80 -19.35
C PRO A 239 -12.18 -7.42 -19.10
N CYS A 240 -10.90 -7.26 -18.81
CA CYS A 240 -10.31 -6.02 -18.38
C CYS A 240 -9.93 -5.18 -19.56
N ALA A 241 -10.95 -4.55 -20.15
CA ALA A 241 -10.81 -3.71 -21.35
C ALA A 241 -9.86 -2.55 -21.10
N ILE A 242 -9.14 -2.20 -22.15
CA ILE A 242 -8.07 -1.21 -22.10
C ILE A 242 -8.53 0.07 -22.78
N ASN A 243 -8.29 1.20 -22.12
CA ASN A 243 -8.51 2.54 -22.66
C ASN A 243 -7.52 3.50 -22.02
N ILE A 244 -6.45 3.79 -22.68
CA ILE A 244 -5.44 4.62 -22.07
C ILE A 244 -5.75 6.10 -22.20
N ASP A 245 -6.26 6.59 -23.35
CA ASP A 245 -6.34 8.03 -23.50
CA ASP A 245 -6.19 7.97 -23.85
C ASP A 245 -7.59 8.45 -24.26
N GLY A 246 -8.60 7.62 -24.32
CA GLY A 246 -9.84 7.95 -24.91
C GLY A 246 -10.91 8.36 -23.95
N ASP A 247 -12.06 8.72 -24.42
CA ASP A 247 -13.21 9.11 -23.60
C ASP A 247 -13.42 8.08 -22.52
N MET A 248 -13.55 8.58 -21.30
CA MET A 248 -13.91 7.79 -20.06
C MET A 248 -12.82 6.80 -19.70
N ALA A 249 -11.57 7.05 -20.11
CA ALA A 249 -10.47 6.14 -19.76
C ALA A 249 -10.35 5.87 -18.29
N ALA A 250 -10.56 6.86 -17.42
CA ALA A 250 -10.43 6.63 -15.99
C ALA A 250 -11.37 5.57 -15.48
N GLY A 251 -12.50 5.41 -16.12
CA GLY A 251 -13.44 4.38 -15.78
C GLY A 251 -13.29 3.06 -16.46
N ALA A 252 -12.27 2.91 -17.35
CA ALA A 252 -12.02 1.61 -17.92
C ALA A 252 -11.27 0.71 -16.95
N PRO A 253 -11.41 -0.61 -17.11
CA PRO A 253 -10.60 -1.53 -16.27
C PRO A 253 -9.12 -1.19 -16.33
N ILE A 254 -8.54 -1.02 -17.53
CA ILE A 254 -7.11 -0.78 -17.66
C ILE A 254 -6.90 0.57 -18.28
N ASN A 255 -6.25 1.45 -17.59
CA ASN A 255 -5.88 2.81 -18.02
C ASN A 255 -4.47 3.05 -17.63
N MET A 256 -3.93 4.26 -17.82
CA MET A 256 -2.52 4.54 -17.54
C MET A 256 -2.17 4.27 -16.09
N GLU A 257 -3.02 4.70 -15.18
CA GLU A 257 -2.71 4.57 -13.77
C GLU A 257 -2.67 3.08 -13.41
N ARG A 258 -3.55 2.26 -13.94
CA ARG A 258 -3.55 0.86 -13.63
C ARG A 258 -2.28 0.22 -14.18
N LEU A 259 -1.85 0.60 -15.37
CA LEU A 259 -0.59 0.05 -15.92
C LEU A 259 0.58 0.41 -15.05
N ASN A 260 0.64 1.68 -14.61
CA ASN A 260 1.72 2.08 -13.69
C ASN A 260 1.70 1.23 -12.42
N PHE A 261 0.55 0.91 -11.89
CA PHE A 261 0.42 0.10 -10.71
C PHE A 261 0.98 -1.31 -10.96
N VAL A 262 0.62 -1.91 -12.09
CA VAL A 262 1.15 -3.25 -12.44
C VAL A 262 2.65 -3.21 -12.53
N LYS A 263 3.24 -2.21 -13.21
CA LYS A 263 4.68 -2.10 -13.25
C LYS A 263 5.32 -2.14 -11.91
N SER A 264 4.80 -1.29 -10.98
CA SER A 264 5.34 -1.22 -9.63
CA SER A 264 5.36 -1.24 -9.64
C SER A 264 5.30 -2.60 -8.94
N LEU A 265 4.19 -3.33 -9.06
CA LEU A 265 3.99 -4.62 -8.43
C LEU A 265 4.93 -5.68 -8.99
N ILE A 266 5.12 -5.66 -10.31
CA ILE A 266 6.07 -6.58 -10.88
C ILE A 266 7.45 -6.44 -10.31
N GLU A 267 7.88 -5.16 -10.25
CA GLU A 267 9.26 -4.92 -9.79
C GLU A 267 9.41 -5.33 -8.36
N GLN A 268 8.39 -5.10 -7.51
CA GLN A 268 8.43 -5.51 -6.11
C GLN A 268 8.58 -7.02 -6.01
N GLY A 269 7.89 -7.76 -6.83
CA GLY A 269 8.01 -9.19 -6.82
C GLY A 269 9.35 -9.70 -7.27
N ARG A 270 9.89 -9.08 -8.34
CA ARG A 270 11.28 -9.46 -8.80
C ARG A 270 12.27 -9.29 -7.68
N THR A 271 12.20 -8.12 -6.99
CA THR A 271 13.14 -7.85 -5.93
C THR A 271 13.04 -8.85 -4.83
N PHE A 272 11.81 -9.23 -4.39
CA PHE A 272 11.70 -10.19 -3.32
C PHE A 272 12.22 -11.58 -3.73
N ASN A 273 11.95 -11.99 -4.97
CA ASN A 273 12.52 -13.21 -5.43
C ASN A 273 14.01 -13.30 -5.31
N THR A 274 14.67 -12.23 -5.83
CA THR A 274 16.11 -12.22 -5.91
C THR A 274 16.78 -11.94 -4.58
N ASN A 275 16.17 -11.07 -3.76
CA ASN A 275 16.83 -10.66 -2.54
C ASN A 275 16.44 -11.47 -1.33
N VAL A 276 15.32 -12.15 -1.30
CA VAL A 276 14.86 -12.91 -0.13
C VAL A 276 14.70 -14.42 -0.44
N TYR A 277 13.83 -14.74 -1.36
CA TYR A 277 13.41 -16.14 -1.52
C TYR A 277 14.54 -17.00 -2.06
N VAL A 278 15.05 -16.75 -3.26
CA VAL A 278 16.09 -17.61 -3.83
C VAL A 278 17.29 -17.71 -2.92
N PRO A 279 17.83 -16.60 -2.36
CA PRO A 279 18.97 -16.78 -1.46
C PRO A 279 18.68 -17.65 -0.26
N ASP A 280 17.49 -17.57 0.28
CA ASP A 280 17.14 -18.40 1.47
C ASP A 280 17.13 -19.86 1.11
N VAL A 281 16.56 -20.23 -0.04
CA VAL A 281 16.50 -21.67 -0.38
C VAL A 281 17.90 -22.18 -0.59
N ILE A 282 18.76 -21.39 -1.27
CA ILE A 282 20.13 -21.82 -1.44
C ILE A 282 20.84 -22.02 -0.11
N ALA A 283 20.69 -21.04 0.82
CA ALA A 283 21.38 -21.14 2.06
C ALA A 283 20.88 -22.31 2.92
N ILE A 284 19.55 -22.48 2.97
CA ILE A 284 18.98 -23.57 3.74
C ILE A 284 19.47 -24.88 3.15
N ALA A 285 19.49 -25.00 1.84
CA ALA A 285 20.04 -26.16 1.15
C ALA A 285 21.48 -26.47 1.63
N ALA A 286 22.32 -25.48 1.73
CA ALA A 286 23.67 -25.68 2.17
C ALA A 286 23.70 -26.17 3.59
N PHE A 287 22.87 -25.73 4.49
CA PHE A 287 22.85 -26.26 5.84
C PHE A 287 22.44 -27.73 5.80
N TYR A 288 21.64 -28.11 4.82
CA TYR A 288 21.15 -29.47 4.68
C TYR A 288 21.90 -30.26 3.62
N ARG A 289 23.15 -29.88 3.35
CA ARG A 289 23.96 -30.46 2.27
C ARG A 289 24.17 -31.95 2.39
N ASP A 290 24.05 -32.47 3.63
CA ASP A 290 24.23 -33.90 3.82
C ASP A 290 22.91 -34.66 3.78
N TRP A 291 21.79 -34.04 3.48
CA TRP A 291 20.46 -34.64 3.52
C TRP A 291 19.91 -34.57 2.07
N LEU A 292 20.24 -35.57 1.27
CA LEU A 292 19.97 -35.58 -0.15
C LEU A 292 18.94 -36.60 -0.53
N TYR A 293 18.12 -37.01 0.42
CA TYR A 293 16.98 -37.91 0.18
C TYR A 293 15.89 -37.26 -0.62
N GLY A 294 14.96 -38.06 -1.14
CA GLY A 294 13.74 -37.62 -1.65
C GLY A 294 13.61 -37.45 -3.13
N GLY A 295 14.59 -37.87 -3.91
CA GLY A 295 14.55 -37.67 -5.34
C GLY A 295 13.45 -38.47 -6.00
N GLY A 296 13.17 -39.68 -5.55
CA GLY A 296 12.06 -40.46 -6.12
C GLY A 296 12.21 -40.63 -7.62
N LEU A 297 11.06 -40.34 -8.29
CA LEU A 297 10.99 -40.47 -9.73
C LEU A 297 11.70 -39.35 -10.43
N SER A 298 12.08 -38.28 -9.79
CA SER A 298 12.66 -37.14 -10.48
C SER A 298 13.97 -37.58 -11.22
N ALA A 299 14.56 -38.64 -10.73
CA ALA A 299 15.74 -39.20 -11.36
C ALA A 299 15.48 -39.98 -12.62
N THR A 300 14.23 -40.27 -12.92
CA THR A 300 13.95 -41.16 -14.04
C THR A 300 12.89 -40.57 -14.95
N ASN A 301 11.74 -40.26 -14.45
CA ASN A 301 10.54 -40.01 -15.23
C ASN A 301 9.89 -38.66 -14.85
N VAL A 302 9.98 -37.70 -15.74
CA VAL A 302 9.42 -36.37 -15.50
C VAL A 302 8.66 -35.88 -16.71
N MET A 303 7.63 -35.06 -16.48
CA MET A 303 6.79 -34.58 -17.56
C MET A 303 6.20 -33.22 -17.30
N ASP A 304 6.06 -32.44 -18.34
CA ASP A 304 5.22 -31.21 -18.31
C ASP A 304 4.68 -31.02 -19.69
N TYR A 305 3.53 -30.34 -19.85
CA TYR A 305 2.99 -30.04 -21.18
C TYR A 305 3.74 -28.91 -21.89
N GLY A 306 4.49 -28.06 -21.19
CA GLY A 306 5.19 -26.96 -21.76
C GLY A 306 4.38 -25.70 -21.73
N ALA A 307 5.03 -24.54 -21.51
CA ALA A 307 4.32 -23.29 -21.34
C ALA A 307 5.14 -22.10 -21.73
N TYR A 308 4.46 -20.98 -21.86
CA TYR A 308 4.98 -19.62 -22.01
C TYR A 308 5.72 -19.48 -23.33
N PRO A 309 5.05 -19.66 -24.43
CA PRO A 309 5.72 -19.51 -25.75
C PRO A 309 5.98 -18.04 -26.05
N LYS A 310 7.20 -17.74 -26.50
CA LYS A 310 7.53 -16.36 -26.85
C LYS A 310 6.68 -15.91 -28.03
N THR A 311 6.33 -16.86 -28.90
CA THR A 311 5.42 -16.56 -30.03
C THR A 311 4.12 -17.25 -29.73
N PRO A 312 3.08 -16.45 -29.54
CA PRO A 312 1.80 -17.05 -29.25
C PRO A 312 1.47 -18.22 -30.25
N TYR A 313 0.98 -19.31 -29.61
CA TYR A 313 0.49 -20.50 -30.24
C TYR A 313 1.63 -21.22 -30.91
N ASP A 314 2.89 -20.89 -30.62
CA ASP A 314 3.98 -21.70 -31.18
C ASP A 314 4.78 -22.37 -30.09
N LYS A 315 4.54 -23.65 -29.79
CA LYS A 315 5.09 -24.35 -28.62
C LYS A 315 6.56 -24.63 -28.75
N SER A 316 7.11 -24.54 -29.98
CA SER A 316 8.55 -24.63 -30.09
C SER A 316 9.29 -23.43 -29.47
N THR A 317 8.52 -22.43 -29.06
CA THR A 317 9.02 -21.25 -28.42
C THR A 317 8.71 -21.25 -26.93
N ASP A 318 8.15 -22.31 -26.38
CA ASP A 318 7.88 -22.37 -24.93
C ASP A 318 9.14 -22.07 -24.14
N GLN A 319 9.04 -21.14 -23.20
CA GLN A 319 10.14 -20.79 -22.32
C GLN A 319 10.35 -21.77 -21.20
N LEU A 320 9.32 -22.57 -20.96
CA LEU A 320 9.43 -23.80 -20.11
C LEU A 320 8.96 -24.92 -21.00
N PRO A 321 9.81 -25.44 -21.86
CA PRO A 321 9.38 -26.43 -22.83
C PRO A 321 9.06 -27.78 -22.15
N GLY A 322 8.05 -28.43 -22.71
CA GLY A 322 7.56 -29.68 -22.12
C GLY A 322 8.14 -30.91 -22.78
N GLY A 323 7.43 -32.00 -22.57
CA GLY A 323 7.83 -33.33 -22.98
C GLY A 323 7.92 -34.21 -21.78
N ALA A 324 8.42 -35.44 -22.07
CA ALA A 324 8.63 -36.44 -21.03
C ALA A 324 10.04 -37.00 -21.14
N ILE A 325 10.73 -37.04 -20.05
CA ILE A 325 11.99 -37.79 -19.90
C ILE A 325 11.64 -39.08 -19.18
N ILE A 326 12.12 -40.21 -19.69
CA ILE A 326 11.75 -41.52 -19.16
C ILE A 326 13.01 -42.32 -18.97
N ASN A 327 13.07 -43.09 -17.90
CA ASN A 327 14.20 -43.93 -17.59
C ASN A 327 15.47 -43.17 -17.45
N GLY A 328 15.44 -41.93 -17.01
CA GLY A 328 16.59 -41.13 -16.74
C GLY A 328 17.36 -40.62 -17.94
N ASP A 329 16.84 -40.82 -19.15
CA ASP A 329 17.61 -40.41 -20.34
C ASP A 329 17.30 -38.97 -20.70
N TRP A 330 18.12 -38.02 -20.17
CA TRP A 330 17.87 -36.61 -20.38
C TRP A 330 18.17 -36.25 -21.83
N GLY A 331 18.81 -37.15 -22.60
CA GLY A 331 19.07 -36.89 -23.98
C GLY A 331 17.93 -37.14 -24.94
N LYS A 332 16.81 -37.69 -24.47
CA LYS A 332 15.66 -38.03 -25.27
C LYS A 332 14.38 -37.42 -24.71
N ILE A 333 13.91 -36.38 -25.35
CA ILE A 333 12.66 -35.74 -24.91
C ILE A 333 11.53 -36.35 -25.72
N HIS A 334 10.70 -37.09 -25.09
CA HIS A 334 9.56 -37.68 -25.74
C HIS A 334 8.46 -36.63 -25.87
N PRO A 335 7.88 -36.46 -27.06
CA PRO A 335 6.81 -35.48 -27.19
C PRO A 335 5.56 -35.94 -26.44
N VAL A 336 4.91 -35.01 -25.80
CA VAL A 336 3.63 -35.28 -25.06
C VAL A 336 2.50 -34.61 -25.82
N ASP A 337 1.51 -35.40 -26.12
CA ASP A 337 0.29 -34.93 -26.78
C ASP A 337 -0.90 -35.23 -25.92
N PRO A 338 -1.53 -34.22 -25.32
CA PRO A 338 -2.68 -34.47 -24.47
C PRO A 338 -3.91 -34.98 -25.25
N ARG A 339 -3.86 -34.99 -26.56
CA ARG A 339 -4.94 -35.46 -27.39
C ARG A 339 -4.86 -36.96 -27.68
N ASP A 340 -3.70 -37.59 -27.45
CA ASP A 340 -3.46 -38.95 -27.87
C ASP A 340 -4.03 -39.91 -26.82
N PRO A 341 -5.00 -40.77 -27.16
CA PRO A 341 -5.59 -41.63 -26.14
C PRO A 341 -4.67 -42.67 -25.58
N GLU A 342 -3.54 -42.92 -26.22
CA GLU A 342 -2.53 -43.87 -25.69
C GLU A 342 -1.54 -43.21 -24.75
N GLN A 343 -1.62 -41.90 -24.53
CA GLN A 343 -0.66 -41.18 -23.68
C GLN A 343 -1.21 -40.98 -22.28
N VAL A 344 -1.91 -39.91 -22.01
CA VAL A 344 -2.48 -39.71 -20.68
C VAL A 344 -3.66 -40.63 -20.49
N GLN A 345 -3.60 -41.47 -19.46
CA GLN A 345 -4.72 -42.38 -19.06
CA GLN A 345 -4.73 -42.33 -19.06
C GLN A 345 -4.83 -42.37 -17.54
N GLU A 346 -6.03 -42.51 -17.03
CA GLU A 346 -6.27 -42.62 -15.58
C GLU A 346 -6.87 -43.97 -15.26
N PHE A 347 -6.27 -44.64 -14.31
CA PHE A 347 -6.76 -45.86 -13.69
C PHE A 347 -7.39 -45.58 -12.34
N VAL A 348 -8.25 -46.52 -11.91
CA VAL A 348 -8.91 -46.38 -10.63
C VAL A 348 -8.84 -47.61 -9.77
N THR A 349 -8.04 -48.58 -10.12
CA THR A 349 -7.90 -49.84 -9.37
CA THR A 349 -7.84 -49.80 -9.38
C THR A 349 -7.67 -49.63 -7.88
N HIS A 350 -6.87 -48.62 -7.52
CA HIS A 350 -6.56 -48.34 -6.12
C HIS A 350 -7.14 -46.99 -5.66
N SER A 351 -8.20 -46.58 -6.32
CA SER A 351 -8.87 -45.33 -6.01
C SER A 351 -10.36 -45.58 -5.69
N TRP A 352 -10.99 -44.65 -4.96
CA TRP A 352 -12.40 -44.74 -4.59
C TRP A 352 -13.36 -44.30 -5.69
N TYR A 353 -13.23 -44.96 -6.85
CA TYR A 353 -14.08 -44.74 -8.01
C TYR A 353 -14.37 -46.10 -8.66
N LYS A 354 -15.33 -46.12 -9.55
CA LYS A 354 -15.71 -47.31 -10.29
C LYS A 354 -15.64 -47.02 -11.78
N TYR A 355 -15.13 -47.97 -12.55
CA TYR A 355 -15.30 -48.00 -14.00
C TYR A 355 -16.05 -49.25 -14.39
N PRO A 356 -16.80 -49.25 -15.53
CA PRO A 356 -17.38 -50.51 -15.98
C PRO A 356 -16.37 -51.60 -16.22
N ASP A 357 -15.18 -51.25 -16.75
CA ASP A 357 -14.06 -52.18 -16.96
C ASP A 357 -12.84 -51.59 -16.27
N GLU A 358 -12.64 -52.00 -15.04
CA GLU A 358 -11.63 -51.41 -14.24
C GLU A 358 -10.22 -51.84 -14.60
N THR A 359 -10.10 -52.65 -15.59
CA THR A 359 -8.77 -52.93 -16.14
C THR A 359 -8.26 -51.79 -16.99
N LYS A 360 -9.16 -50.87 -17.39
CA LYS A 360 -8.83 -49.84 -18.34
C LYS A 360 -8.28 -48.60 -17.73
N GLY A 361 -7.33 -48.00 -18.43
CA GLY A 361 -6.98 -46.63 -18.17
C GLY A 361 -7.70 -45.78 -19.18
N LEU A 362 -8.39 -44.76 -18.72
CA LEU A 362 -9.20 -43.94 -19.59
C LEU A 362 -8.52 -42.63 -19.90
N HIS A 363 -8.39 -42.31 -21.18
CA HIS A 363 -7.99 -40.99 -21.60
C HIS A 363 -9.07 -40.03 -21.17
N PRO A 364 -8.76 -38.79 -20.79
CA PRO A 364 -9.80 -37.96 -20.15
C PRO A 364 -11.02 -37.57 -21.00
N TRP A 365 -10.92 -37.58 -22.33
CA TRP A 365 -12.16 -37.34 -23.09
C TRP A 365 -13.10 -38.49 -22.86
N ASP A 366 -12.67 -39.66 -22.47
CA ASP A 366 -13.43 -40.83 -22.13
C ASP A 366 -13.55 -41.06 -20.64
N GLY A 367 -13.17 -40.07 -19.85
CA GLY A 367 -13.08 -40.32 -18.41
C GLY A 367 -14.44 -40.45 -17.75
N ILE A 368 -14.41 -41.11 -16.57
CA ILE A 368 -15.60 -41.41 -15.78
C ILE A 368 -15.31 -41.11 -14.33
N THR A 369 -16.18 -40.42 -13.64
CA THR A 369 -16.00 -40.14 -12.22
C THR A 369 -17.26 -40.54 -11.47
N GLU A 370 -17.22 -41.78 -10.98
CA GLU A 370 -18.33 -42.41 -10.27
C GLU A 370 -17.77 -42.84 -8.92
N PRO A 371 -18.16 -42.20 -7.83
CA PRO A 371 -17.54 -42.48 -6.52
C PRO A 371 -17.83 -43.89 -6.02
N ASN A 372 -16.83 -44.44 -5.34
CA ASN A 372 -16.91 -45.79 -4.82
C ASN A 372 -16.01 -45.89 -3.59
N TYR A 373 -16.50 -45.32 -2.48
CA TYR A 373 -15.79 -45.38 -1.18
C TYR A 373 -15.97 -46.79 -0.65
N GLU A 374 -14.84 -47.52 -0.64
CA GLU A 374 -14.85 -48.94 -0.32
C GLU A 374 -13.50 -49.29 0.26
N LEU A 375 -13.42 -49.83 1.45
CA LEU A 375 -12.13 -50.17 2.06
C LEU A 375 -11.80 -51.63 1.89
N GLY A 376 -10.52 -51.96 1.71
CA GLY A 376 -10.09 -53.32 1.54
C GLY A 376 -10.32 -54.16 2.78
N SER A 377 -10.46 -55.44 2.57
CA SER A 377 -10.86 -56.33 3.62
CA SER A 377 -10.84 -56.30 3.65
C SER A 377 -9.68 -56.49 4.61
N LYS A 378 -8.51 -55.98 4.33
CA LYS A 378 -7.38 -56.01 5.27
C LYS A 378 -7.22 -54.70 6.06
N THR A 379 -8.18 -53.83 5.95
CA THR A 379 -8.15 -52.57 6.71
C THR A 379 -8.15 -52.85 8.20
N LYS A 380 -7.35 -52.12 8.96
CA LYS A 380 -7.46 -52.05 10.44
C LYS A 380 -8.35 -50.86 10.74
N GLY A 381 -9.42 -51.14 11.45
CA GLY A 381 -10.38 -50.17 11.75
C GLY A 381 -11.70 -50.42 11.06
N SER A 382 -12.48 -49.41 10.86
CA SER A 382 -13.79 -49.55 10.29
C SER A 382 -13.96 -48.49 9.21
N ARG A 383 -15.12 -48.53 8.57
CA ARG A 383 -15.41 -47.60 7.47
C ARG A 383 -15.35 -46.14 7.85
N THR A 384 -15.69 -45.83 9.08
CA THR A 384 -15.62 -44.45 9.54
C THR A 384 -14.53 -44.21 10.57
N ASN A 385 -13.59 -45.15 10.68
CA ASN A 385 -12.49 -45.05 11.59
C ASN A 385 -11.27 -45.87 11.15
N ILE A 386 -10.54 -45.26 10.20
CA ILE A 386 -9.46 -45.95 9.55
C ILE A 386 -8.27 -45.90 10.48
N ILE A 387 -7.78 -47.01 10.91
CA ILE A 387 -6.60 -47.05 11.79
C ILE A 387 -5.38 -47.32 10.96
N GLU A 388 -5.42 -48.31 10.09
CA GLU A 388 -4.39 -48.51 9.08
C GLU A 388 -5.08 -48.87 7.77
N ILE A 389 -4.89 -48.03 6.76
CA ILE A 389 -5.51 -48.25 5.47
C ILE A 389 -4.95 -49.47 4.76
N ASP A 390 -5.76 -50.14 3.94
CA ASP A 390 -5.34 -51.29 3.17
C ASP A 390 -4.95 -50.89 1.76
N GLU A 391 -3.69 -50.65 1.52
CA GLU A 391 -3.18 -50.18 0.28
C GLU A 391 -3.15 -51.27 -0.80
N SER A 392 -3.52 -52.50 -0.47
CA SER A 392 -3.69 -53.50 -1.50
C SER A 392 -4.98 -53.33 -2.22
N ALA A 393 -5.90 -52.51 -1.78
CA ALA A 393 -7.20 -52.27 -2.38
C ALA A 393 -7.34 -50.79 -2.67
N LYS A 394 -8.53 -50.24 -2.58
CA LYS A 394 -8.75 -48.82 -2.96
C LYS A 394 -8.42 -47.98 -1.75
N TYR A 395 -7.54 -47.01 -1.89
CA TYR A 395 -7.02 -46.31 -0.73
C TYR A 395 -6.87 -44.79 -0.89
N SER A 396 -7.57 -44.20 -1.88
CA SER A 396 -7.42 -42.78 -2.14
C SER A 396 -8.56 -42.23 -2.98
N TRP A 397 -8.86 -40.93 -2.77
CA TRP A 397 -9.72 -40.19 -3.68
C TRP A 397 -8.98 -39.71 -4.91
N ILE A 398 -7.69 -39.93 -5.01
CA ILE A 398 -6.91 -39.51 -6.18
C ILE A 398 -6.93 -40.65 -7.21
N LYS A 399 -7.29 -40.35 -8.47
CA LYS A 399 -7.12 -41.31 -9.55
C LYS A 399 -5.63 -41.53 -9.83
N SER A 400 -5.34 -42.57 -10.66
CA SER A 400 -3.93 -42.89 -10.99
C SER A 400 -3.62 -42.53 -12.45
N PRO A 401 -3.12 -41.34 -12.72
CA PRO A 401 -2.72 -40.99 -14.10
C PRO A 401 -1.37 -41.59 -14.44
N ARG A 402 -1.26 -42.07 -15.67
CA ARG A 402 0.00 -42.56 -16.21
C ARG A 402 0.20 -42.00 -17.63
N TRP A 403 1.43 -41.94 -18.06
CA TRP A 403 1.77 -41.46 -19.40
C TRP A 403 2.42 -42.61 -20.16
N ARG A 404 1.66 -43.09 -21.18
CA ARG A 404 2.10 -44.34 -21.87
C ARG A 404 2.38 -45.43 -20.85
N GLY A 405 1.65 -45.54 -19.76
CA GLY A 405 1.80 -46.55 -18.76
C GLY A 405 2.88 -46.24 -17.76
N HIS A 406 3.61 -45.15 -17.88
CA HIS A 406 4.65 -44.77 -16.98
C HIS A 406 4.17 -43.85 -15.85
N ALA A 407 4.66 -44.07 -14.64
CA ALA A 407 4.43 -43.13 -13.54
C ALA A 407 5.51 -42.06 -13.67
N VAL A 408 5.14 -40.81 -13.55
CA VAL A 408 6.03 -39.66 -13.72
C VAL A 408 5.82 -38.67 -12.57
N GLU A 409 6.89 -37.88 -12.38
CA GLU A 409 6.85 -36.71 -11.49
C GLU A 409 6.62 -35.47 -12.32
N VAL A 410 5.82 -34.56 -11.79
CA VAL A 410 5.50 -33.29 -12.38
C VAL A 410 5.83 -32.18 -11.39
N GLY A 411 5.98 -30.95 -11.85
CA GLY A 411 6.23 -29.80 -10.99
C GLY A 411 7.40 -28.96 -11.49
N PRO A 412 7.73 -27.92 -10.70
CA PRO A 412 8.87 -27.07 -11.10
C PRO A 412 10.14 -27.84 -11.38
N LEU A 413 10.45 -28.85 -10.55
CA LEU A 413 11.64 -29.64 -10.79
C LEU A 413 11.59 -30.35 -12.15
N ALA A 414 10.45 -30.97 -12.45
CA ALA A 414 10.28 -31.60 -13.75
C ALA A 414 10.52 -30.59 -14.84
N ARG A 415 9.89 -29.40 -14.76
CA ARG A 415 10.10 -28.38 -15.77
C ARG A 415 11.55 -27.94 -15.86
N TYR A 416 12.26 -27.85 -14.74
CA TYR A 416 13.65 -27.40 -14.76
C TYR A 416 14.52 -28.46 -15.42
N ILE A 417 14.30 -29.73 -15.17
CA ILE A 417 15.05 -30.80 -15.83
C ILE A 417 14.74 -30.77 -17.33
N LEU A 418 13.47 -30.66 -17.68
CA LEU A 418 13.09 -30.60 -19.09
C LEU A 418 13.71 -29.38 -19.79
N ALA A 419 13.74 -28.23 -19.18
CA ALA A 419 14.30 -26.98 -19.75
C ALA A 419 15.79 -27.10 -19.86
N TYR A 420 16.47 -27.58 -18.83
CA TYR A 420 17.91 -27.77 -18.83
C TYR A 420 18.24 -28.64 -20.03
N ALA A 421 17.58 -29.78 -20.10
CA ALA A 421 17.88 -30.79 -21.10
C ALA A 421 17.62 -30.33 -22.49
N GLN A 422 16.80 -29.33 -22.68
CA GLN A 422 16.40 -28.76 -23.97
C GLN A 422 17.15 -27.44 -24.23
N GLY A 423 18.15 -27.13 -23.41
CA GLY A 423 19.00 -26.00 -23.78
C GLY A 423 18.45 -24.64 -23.55
N VAL A 424 17.53 -24.49 -22.59
CA VAL A 424 16.99 -23.15 -22.26
C VAL A 424 18.07 -22.44 -21.50
N GLU A 425 18.70 -21.46 -22.09
CA GLU A 425 19.90 -20.87 -21.48
C GLU A 425 19.57 -20.15 -20.18
N TYR A 426 18.42 -19.52 -20.04
CA TYR A 426 18.10 -18.84 -18.79
C TYR A 426 18.14 -19.87 -17.71
N VAL A 427 17.55 -21.03 -17.86
CA VAL A 427 17.46 -22.07 -16.85
C VAL A 427 18.84 -22.64 -16.59
N LYS A 428 19.59 -22.94 -17.66
CA LYS A 428 20.94 -23.49 -17.45
C LYS A 428 21.78 -22.55 -16.59
N THR A 429 21.69 -21.25 -16.84
CA THR A 429 22.43 -20.28 -16.08
C THR A 429 21.93 -20.31 -14.62
N GLN A 430 20.64 -20.30 -14.39
CA GLN A 430 20.12 -20.37 -13.05
C GLN A 430 20.61 -21.59 -12.32
N VAL A 431 20.60 -22.73 -12.97
CA VAL A 431 21.01 -23.96 -12.31
C VAL A 431 22.47 -23.92 -11.97
N HIS A 432 23.31 -23.50 -12.92
CA HIS A 432 24.74 -23.45 -12.66
C HIS A 432 25.12 -22.42 -11.66
N THR A 433 24.55 -21.23 -11.74
CA THR A 433 24.84 -20.23 -10.76
C THR A 433 24.36 -20.62 -9.38
N SER A 434 23.22 -21.31 -9.31
CA SER A 434 22.70 -21.77 -8.01
CA SER A 434 22.73 -21.70 -7.98
C SER A 434 23.60 -22.82 -7.42
N LEU A 435 24.11 -23.72 -8.24
CA LEU A 435 25.05 -24.75 -7.77
C LEU A 435 26.32 -24.10 -7.21
N ASN A 436 26.80 -23.12 -7.92
CA ASN A 436 27.97 -22.40 -7.50
C ASN A 436 27.71 -21.67 -6.18
N ARG A 437 26.55 -21.02 -6.04
CA ARG A 437 26.24 -20.33 -4.80
C ARG A 437 26.07 -21.29 -3.63
N PHE A 438 25.39 -22.44 -3.95
CA PHE A 438 25.24 -23.47 -2.94
C PHE A 438 26.59 -23.93 -2.40
N ASN A 439 27.50 -24.23 -3.35
CA ASN A 439 28.80 -24.64 -2.89
C ASN A 439 29.55 -23.59 -2.16
N ALA A 440 29.40 -22.33 -2.47
CA ALA A 440 30.03 -21.26 -1.70
C ALA A 440 29.44 -21.19 -0.29
N VAL A 441 28.12 -21.29 -0.15
CA VAL A 441 27.54 -21.25 1.22
C VAL A 441 27.98 -22.47 1.99
N CYS A 442 28.03 -23.63 1.30
CA CYS A 442 28.59 -24.84 1.96
C CYS A 442 29.98 -24.64 2.47
N ARG A 443 30.84 -23.93 1.71
CA ARG A 443 32.21 -23.78 2.17
C ARG A 443 32.27 -22.76 3.29
N LEU A 444 31.36 -21.82 3.35
CA LEU A 444 31.24 -20.95 4.49
CA LEU A 444 31.34 -20.96 4.52
C LEU A 444 30.99 -21.77 5.75
N LEU A 445 30.13 -22.79 5.63
CA LEU A 445 29.76 -23.60 6.74
C LEU A 445 30.72 -24.76 7.08
N ASP A 446 31.39 -25.24 6.08
CA ASP A 446 32.32 -26.34 6.16
C ASP A 446 33.53 -25.94 5.30
N PRO A 447 34.62 -25.48 5.90
CA PRO A 447 35.72 -24.93 5.08
C PRO A 447 36.47 -26.02 4.29
N ASN A 448 36.13 -27.28 4.60
CA ASN A 448 36.68 -28.42 3.91
C ASN A 448 35.75 -28.99 2.87
N HIS A 449 34.66 -28.28 2.58
CA HIS A 449 33.69 -28.69 1.58
C HIS A 449 34.31 -29.02 0.22
N LYS A 450 33.87 -30.13 -0.34
CA LYS A 450 34.18 -30.48 -1.69
C LYS A 450 32.96 -30.13 -2.59
N ASP A 451 33.26 -29.40 -3.65
CA ASP A 451 32.16 -28.97 -4.45
C ASP A 451 31.41 -30.11 -5.02
N ILE A 452 30.11 -30.13 -4.97
CA ILE A 452 29.13 -30.79 -5.74
C ILE A 452 29.18 -30.39 -7.21
N THR A 453 29.27 -31.39 -8.06
CA THR A 453 29.28 -31.22 -9.50
C THR A 453 28.27 -31.98 -10.31
N ASP A 454 27.68 -33.00 -9.72
CA ASP A 454 26.72 -33.91 -10.33
C ASP A 454 25.29 -33.37 -10.23
N LEU A 455 24.80 -32.93 -11.34
CA LEU A 455 23.59 -32.17 -11.38
C LEU A 455 22.41 -33.10 -11.14
N LYS A 456 22.56 -34.32 -11.59
CA LYS A 456 21.44 -35.26 -11.35
C LYS A 456 21.24 -35.49 -9.84
N ALA A 457 22.37 -35.61 -9.18
CA ALA A 457 22.23 -35.82 -7.75
C ALA A 457 21.75 -34.59 -7.04
N PHE A 458 22.21 -33.45 -7.54
CA PHE A 458 21.84 -32.20 -6.90
C PHE A 458 20.38 -31.88 -7.08
N LEU A 459 19.92 -31.97 -8.34
CA LEU A 459 18.55 -31.60 -8.58
C LEU A 459 17.59 -32.68 -8.10
N GLY A 460 18.00 -33.94 -8.17
CA GLY A 460 17.15 -35.08 -7.90
C GLY A 460 17.07 -35.41 -6.45
N SER A 461 16.46 -34.57 -5.67
CA SER A 461 16.41 -34.68 -4.23
C SER A 461 15.29 -33.77 -3.79
N THR A 462 14.88 -33.90 -2.53
CA THR A 462 13.98 -32.96 -1.89
C THR A 462 14.53 -31.55 -1.88
N ILE A 463 15.81 -31.37 -1.60
CA ILE A 463 16.46 -30.06 -1.73
C ILE A 463 16.34 -29.54 -3.15
N GLY A 464 16.67 -30.34 -4.14
CA GLY A 464 16.57 -29.91 -5.48
C GLY A 464 15.19 -29.53 -5.92
N ARG A 465 14.20 -30.26 -5.49
CA ARG A 465 12.80 -29.96 -5.77
C ARG A 465 12.43 -28.61 -5.20
N THR A 466 12.91 -28.34 -4.02
CA THR A 466 12.63 -27.07 -3.31
C THR A 466 13.32 -25.92 -4.06
N LEU A 467 14.57 -26.11 -4.47
CA LEU A 467 15.30 -25.10 -5.23
C LEU A 467 14.67 -24.77 -6.54
N ALA A 468 14.28 -25.83 -7.29
CA ALA A 468 13.70 -25.60 -8.59
C ALA A 468 12.48 -24.70 -8.49
N ARG A 469 11.65 -24.89 -7.46
CA ARG A 469 10.48 -24.03 -7.24
C ARG A 469 10.90 -22.54 -7.07
N ALA A 470 11.92 -22.30 -6.27
CA ALA A 470 12.35 -20.93 -6.08
C ALA A 470 12.92 -20.32 -7.35
N LEU A 471 13.74 -21.09 -8.09
CA LEU A 471 14.28 -20.63 -9.34
C LEU A 471 13.18 -20.32 -10.33
N GLU A 472 12.14 -21.17 -10.39
CA GLU A 472 11.02 -20.93 -11.23
C GLU A 472 10.31 -19.62 -10.91
N SER A 473 10.13 -19.32 -9.65
CA SER A 473 9.58 -18.04 -9.21
C SER A 473 10.35 -16.88 -9.82
N GLU A 474 11.68 -16.88 -9.70
CA GLU A 474 12.52 -15.86 -10.22
C GLU A 474 12.34 -15.76 -11.75
N TYR A 475 12.36 -16.88 -12.44
CA TYR A 475 12.17 -16.87 -13.90
C TYR A 475 10.83 -16.25 -14.31
N CYS A 476 9.77 -16.61 -13.59
CA CYS A 476 8.45 -16.07 -13.80
C CYS A 476 8.40 -14.55 -13.62
N GLY A 477 9.12 -13.98 -12.66
CA GLY A 477 9.17 -12.56 -12.49
C GLY A 477 9.80 -11.89 -13.69
N ASP A 478 10.91 -12.44 -14.18
CA ASP A 478 11.56 -11.85 -15.37
C ASP A 478 10.65 -12.00 -16.62
N MET A 479 10.03 -13.16 -16.78
CA MET A 479 9.13 -13.32 -17.90
C MET A 479 7.93 -12.34 -17.82
N MET A 480 7.42 -12.17 -16.59
CA MET A 480 6.27 -11.26 -16.47
C MET A 480 6.61 -9.83 -16.84
N LEU A 481 7.81 -9.39 -16.50
CA LEU A 481 8.28 -8.09 -16.90
C LEU A 481 8.32 -8.00 -18.43
N ASP A 482 8.86 -9.03 -19.06
CA ASP A 482 8.86 -9.09 -20.52
C ASP A 482 7.43 -8.98 -21.07
N ASP A 483 6.51 -9.72 -20.46
CA ASP A 483 5.12 -9.69 -20.91
C ASP A 483 4.51 -8.28 -20.80
N PHE A 484 4.75 -7.65 -19.68
CA PHE A 484 4.28 -6.26 -19.47
C PHE A 484 4.82 -5.34 -20.51
N ASN A 485 6.13 -5.43 -20.77
CA ASN A 485 6.71 -4.56 -21.80
C ASN A 485 6.09 -4.85 -23.13
N GLN A 486 5.78 -6.11 -23.45
CA GLN A 486 5.08 -6.43 -24.71
C GLN A 486 3.69 -5.85 -24.76
N LEU A 487 2.99 -5.91 -23.63
CA LEU A 487 1.64 -5.31 -23.57
C LEU A 487 1.70 -3.81 -23.88
N ILE A 488 2.61 -3.11 -23.23
CA ILE A 488 2.83 -1.69 -23.45
C ILE A 488 3.14 -1.45 -24.94
N SER A 489 4.02 -2.22 -25.55
CA SER A 489 4.36 -2.05 -26.93
C SER A 489 3.14 -2.29 -27.78
N ASN A 490 2.35 -3.28 -27.53
CA ASN A 490 1.16 -3.53 -28.32
C ASN A 490 0.25 -2.31 -28.26
N ILE A 491 -0.02 -1.78 -27.09
CA ILE A 491 -0.88 -0.62 -26.95
C ILE A 491 -0.27 0.55 -27.70
N LYS A 492 1.03 0.76 -27.53
CA LYS A 492 1.70 1.88 -28.22
C LYS A 492 1.56 1.86 -29.70
N ASN A 493 1.55 0.67 -30.27
CA ASN A 493 1.48 0.47 -31.70
C ASN A 493 0.03 0.34 -32.14
N GLY A 494 -0.93 0.59 -31.31
CA GLY A 494 -2.32 0.73 -31.73
C GLY A 494 -3.30 -0.32 -31.28
N ASP A 495 -2.81 -1.39 -30.63
CA ASP A 495 -3.64 -2.53 -30.28
C ASP A 495 -4.00 -2.54 -28.78
N SER A 496 -5.19 -2.11 -28.44
CA SER A 496 -5.71 -2.15 -27.11
C SER A 496 -6.79 -3.26 -27.02
N SER A 497 -6.90 -4.11 -28.01
CA SER A 497 -7.95 -5.11 -27.98
C SER A 497 -7.73 -6.22 -26.94
N THR A 498 -8.85 -6.70 -26.39
CA THR A 498 -8.78 -7.72 -25.31
C THR A 498 -9.72 -8.91 -25.53
N ALA A 499 -10.68 -8.89 -26.42
CA ALA A 499 -11.56 -10.02 -26.59
C ALA A 499 -12.00 -10.22 -28.02
N ASN A 500 -12.21 -11.47 -28.32
CA ASN A 500 -12.74 -12.05 -29.60
C ASN A 500 -14.13 -12.52 -29.21
N THR A 501 -15.21 -12.06 -29.79
CA THR A 501 -16.56 -12.51 -29.51
C THR A 501 -17.27 -13.25 -30.66
N ASP A 502 -16.53 -13.60 -31.67
CA ASP A 502 -17.07 -14.23 -32.85
C ASP A 502 -17.78 -15.52 -32.50
N LYS A 503 -17.37 -16.23 -31.48
CA LYS A 503 -17.95 -17.50 -31.10
C LYS A 503 -18.53 -17.49 -29.68
N TRP A 504 -18.88 -16.32 -29.22
CA TRP A 504 -19.50 -16.20 -27.87
C TRP A 504 -20.82 -16.86 -27.86
N ASP A 505 -21.62 -16.72 -28.92
CA ASP A 505 -22.98 -17.25 -28.92
C ASP A 505 -22.98 -18.74 -29.28
N PRO A 506 -23.63 -19.58 -28.47
CA PRO A 506 -23.67 -21.00 -28.80
C PRO A 506 -24.20 -21.36 -30.18
N SER A 507 -24.99 -20.49 -30.77
CA SER A 507 -25.48 -20.77 -32.13
C SER A 507 -24.32 -20.89 -33.11
N SER A 508 -23.14 -20.38 -32.80
CA SER A 508 -21.98 -20.37 -33.69
C SER A 508 -21.16 -21.64 -33.47
N TRP A 509 -21.52 -22.48 -32.53
CA TRP A 509 -20.75 -23.66 -32.18
C TRP A 509 -21.17 -24.88 -33.00
N PRO A 510 -20.24 -25.81 -33.20
CA PRO A 510 -20.66 -27.07 -33.78
C PRO A 510 -21.52 -27.83 -32.79
N GLU A 511 -22.38 -28.73 -33.23
CA GLU A 511 -23.19 -29.57 -32.35
C GLU A 511 -22.38 -30.45 -31.43
N HIS A 512 -21.24 -30.95 -31.87
CA HIS A 512 -20.35 -31.77 -31.13
C HIS A 512 -18.94 -31.20 -31.22
N ALA A 513 -18.25 -31.07 -30.11
CA ALA A 513 -16.91 -30.54 -30.17
C ALA A 513 -16.17 -31.08 -28.96
N LYS A 514 -14.86 -31.26 -29.01
CA LYS A 514 -14.04 -31.57 -27.89
C LYS A 514 -12.78 -30.74 -27.90
N GLY A 515 -12.25 -30.45 -26.73
CA GLY A 515 -11.07 -29.60 -26.59
C GLY A 515 -10.29 -30.00 -25.35
N VAL A 516 -9.05 -29.55 -25.33
CA VAL A 516 -8.17 -29.70 -24.20
C VAL A 516 -7.40 -28.38 -24.01
N GLY A 517 -7.28 -28.02 -22.74
CA GLY A 517 -6.49 -26.84 -22.34
C GLY A 517 -5.42 -27.28 -21.37
N THR A 518 -4.18 -26.86 -21.56
CA THR A 518 -3.11 -27.16 -20.69
C THR A 518 -2.56 -25.90 -20.07
N VAL A 519 -1.99 -26.06 -18.86
CA VAL A 519 -1.35 -24.98 -18.11
C VAL A 519 -0.13 -25.51 -17.40
N ALA A 520 0.93 -24.76 -17.28
CA ALA A 520 2.05 -25.01 -16.39
C ALA A 520 1.63 -24.46 -15.02
N ALA A 521 0.83 -25.21 -14.29
CA ALA A 521 0.35 -24.77 -12.98
C ALA A 521 1.51 -24.79 -12.03
N PRO A 522 1.41 -24.07 -10.89
CA PRO A 522 2.47 -24.07 -9.90
C PRO A 522 3.06 -25.38 -9.52
N ARG A 523 2.25 -26.41 -9.46
CA ARG A 523 2.64 -27.74 -9.01
C ARG A 523 2.99 -28.70 -10.12
N GLY A 524 2.84 -28.31 -11.39
CA GLY A 524 3.16 -29.13 -12.51
C GLY A 524 2.17 -29.06 -13.62
N ALA A 525 2.03 -30.23 -14.30
CA ALA A 525 1.24 -30.32 -15.53
C ALA A 525 -0.26 -30.38 -15.28
N LEU A 526 -0.99 -29.36 -15.66
CA LEU A 526 -2.46 -29.30 -15.53
C LEU A 526 -3.11 -29.37 -16.88
N ALA A 527 -4.15 -30.15 -17.04
CA ALA A 527 -5.00 -30.08 -18.20
C ALA A 527 -6.44 -30.37 -17.88
N HIS A 528 -7.34 -29.78 -18.64
CA HIS A 528 -8.78 -29.99 -18.65
C HIS A 528 -9.20 -30.44 -20.03
N TRP A 529 -10.03 -31.46 -20.06
CA TRP A 529 -10.57 -32.02 -21.29
C TRP A 529 -12.07 -31.89 -21.30
N ILE A 530 -12.62 -31.25 -22.30
CA ILE A 530 -14.09 -30.98 -22.40
C ILE A 530 -14.63 -31.65 -23.64
N VAL A 531 -15.83 -32.21 -23.48
CA VAL A 531 -16.69 -32.65 -24.57
C VAL A 531 -17.99 -31.84 -24.50
N ILE A 532 -18.30 -31.13 -25.56
CA ILE A 532 -19.47 -30.31 -25.73
C ILE A 532 -20.47 -30.97 -26.62
N GLU A 533 -21.73 -30.96 -26.29
CA GLU A 533 -22.81 -31.48 -27.14
C GLU A 533 -24.01 -30.51 -27.02
N LYS A 534 -24.43 -30.00 -28.15
CA LYS A 534 -25.59 -29.13 -28.24
C LYS A 534 -25.61 -28.05 -27.17
N GLY A 535 -24.46 -27.39 -27.05
CA GLY A 535 -24.40 -26.21 -26.20
C GLY A 535 -24.02 -26.48 -24.77
N LYS A 536 -23.93 -27.72 -24.38
CA LYS A 536 -23.79 -28.11 -22.99
C LYS A 536 -22.60 -28.99 -22.74
N ILE A 537 -22.14 -29.07 -21.54
CA ILE A 537 -21.01 -29.92 -21.16
C ILE A 537 -21.49 -31.36 -21.06
N LYS A 538 -20.99 -32.21 -21.92
CA LYS A 538 -21.27 -33.63 -21.93
C LYS A 538 -20.30 -34.37 -21.06
N ASN A 539 -19.02 -34.07 -21.06
CA ASN A 539 -18.00 -34.58 -20.18
C ASN A 539 -17.01 -33.48 -19.89
N TYR A 540 -16.48 -33.45 -18.67
CA TYR A 540 -15.44 -32.52 -18.29
C TYR A 540 -14.54 -33.27 -17.34
N GLN A 541 -13.30 -33.45 -17.71
CA GLN A 541 -12.34 -34.22 -16.90
C GLN A 541 -11.09 -33.42 -16.66
N CYS A 542 -10.70 -33.32 -15.43
CA CYS A 542 -9.49 -32.68 -15.02
C CYS A 542 -8.47 -33.71 -14.59
N VAL A 543 -7.23 -33.52 -14.95
CA VAL A 543 -6.05 -34.23 -14.45
C VAL A 543 -5.06 -33.18 -14.04
N VAL A 544 -4.76 -33.12 -12.75
CA VAL A 544 -4.06 -31.95 -12.19
CA VAL A 544 -4.11 -32.01 -12.07
C VAL A 544 -2.72 -32.41 -11.64
N PRO A 545 -1.78 -31.48 -11.38
CA PRO A 545 -0.44 -31.91 -11.01
C PRO A 545 -0.38 -32.83 -9.82
N THR A 546 -1.10 -32.53 -8.75
CA THR A 546 -1.05 -33.40 -7.59
C THR A 546 -1.78 -34.72 -7.85
N THR A 547 -2.67 -34.79 -8.83
CA THR A 547 -3.21 -36.10 -9.23
C THR A 547 -2.06 -37.01 -9.69
N TRP A 548 -1.19 -36.45 -10.55
CA TRP A 548 0.02 -37.19 -10.94
C TRP A 548 0.88 -37.53 -9.75
N ASN A 549 1.31 -36.51 -8.97
CA ASN A 549 2.34 -36.77 -7.96
C ASN A 549 1.80 -37.62 -6.86
N GLY A 550 0.55 -37.38 -6.42
CA GLY A 550 -0.04 -38.05 -5.27
C GLY A 550 -0.73 -39.34 -5.57
N SER A 551 -0.70 -39.78 -6.85
N SER A 551 -0.74 -39.73 -6.83
CA SER A 551 -1.34 -40.98 -7.33
CA SER A 551 -1.56 -40.87 -7.22
C SER A 551 -1.12 -42.18 -6.50
C SER A 551 -1.15 -42.18 -6.58
N PRO A 552 -2.16 -43.01 -6.35
CA PRO A 552 -1.96 -44.34 -5.76
C PRO A 552 -1.43 -45.27 -6.85
N ARG A 553 -1.25 -46.50 -6.55
CA ARG A 553 -0.64 -47.50 -7.46
C ARG A 553 -1.59 -47.79 -8.57
N ASP A 554 -1.05 -48.28 -9.68
CA ASP A 554 -1.79 -48.66 -10.89
C ASP A 554 -1.97 -50.16 -10.97
N PRO A 555 -2.64 -50.70 -11.95
CA PRO A 555 -2.87 -52.15 -11.93
C PRO A 555 -1.60 -52.97 -12.02
N LYS A 556 -0.56 -52.47 -12.61
CA LYS A 556 0.70 -53.17 -12.69
C LYS A 556 1.58 -53.03 -11.46
N GLY A 557 1.14 -52.14 -10.52
CA GLY A 557 1.87 -51.95 -9.31
C GLY A 557 2.84 -50.83 -9.32
N ASN A 558 2.97 -50.04 -10.37
CA ASN A 558 3.88 -48.89 -10.29
C ASN A 558 3.38 -47.87 -9.24
N ILE A 559 4.34 -47.37 -8.50
CA ILE A 559 4.06 -46.32 -7.51
C ILE A 559 4.28 -44.96 -8.11
N GLY A 560 3.55 -43.98 -7.59
CA GLY A 560 3.59 -42.59 -7.96
C GLY A 560 4.68 -41.84 -7.22
N ALA A 561 4.79 -40.54 -7.60
CA ALA A 561 5.93 -39.72 -7.19
C ALA A 561 6.04 -39.56 -5.67
N PHE A 562 4.91 -39.28 -4.99
CA PHE A 562 4.98 -39.17 -3.51
C PHE A 562 5.49 -40.41 -2.87
N GLU A 563 4.92 -41.57 -3.21
CA GLU A 563 5.27 -42.83 -2.56
C GLU A 563 6.75 -43.12 -2.83
N ALA A 564 7.18 -42.92 -4.09
CA ALA A 564 8.57 -43.15 -4.48
C ALA A 564 9.57 -42.29 -3.71
N SER A 565 9.21 -41.02 -3.48
CA SER A 565 10.08 -40.06 -2.85
C SER A 565 10.41 -40.43 -1.40
N LEU A 566 9.57 -41.16 -0.75
CA LEU A 566 9.75 -41.49 0.65
C LEU A 566 10.59 -42.77 0.84
N MET A 567 10.59 -43.65 -0.19
CA MET A 567 11.25 -44.95 -0.09
C MET A 567 12.74 -44.74 0.17
N GLY A 568 13.26 -45.50 1.17
CA GLY A 568 14.68 -45.48 1.45
C GLY A 568 15.11 -44.37 2.39
N THR A 569 14.22 -43.53 2.88
CA THR A 569 14.56 -42.41 3.71
C THR A 569 14.69 -42.86 5.18
N PRO A 570 15.83 -42.61 5.82
CA PRO A 570 15.93 -42.87 7.24
C PRO A 570 15.25 -41.77 8.01
N MET A 571 14.66 -42.11 9.16
CA MET A 571 14.04 -41.13 10.03
C MET A 571 14.79 -41.22 11.37
N GLU A 572 15.09 -40.06 11.88
CA GLU A 572 15.62 -39.94 13.22
C GLU A 572 14.63 -40.51 14.26
N ARG A 573 13.34 -40.24 14.12
CA ARG A 573 12.30 -40.57 15.10
C ARG A 573 11.05 -40.85 14.27
N PRO A 574 10.82 -42.11 13.95
CA PRO A 574 9.68 -42.39 13.11
C PRO A 574 8.35 -41.79 13.58
N ASP A 575 8.19 -41.66 14.89
CA ASP A 575 6.94 -41.12 15.40
C ASP A 575 6.96 -39.58 15.47
N GLU A 576 8.05 -38.93 15.09
CA GLU A 576 8.12 -37.46 14.86
C GLU A 576 8.62 -37.26 13.43
N PRO A 577 7.75 -37.53 12.45
CA PRO A 577 8.21 -37.77 11.07
C PRO A 577 8.55 -36.58 10.21
N VAL A 578 9.40 -35.74 10.73
CA VAL A 578 9.89 -34.53 10.08
C VAL A 578 10.32 -34.83 8.67
N GLU A 579 11.05 -35.93 8.45
CA GLU A 579 11.56 -36.18 7.10
C GLU A 579 10.47 -36.45 6.07
N VAL A 580 9.42 -37.16 6.51
CA VAL A 580 8.26 -37.44 5.64
C VAL A 580 7.60 -36.13 5.25
N LEU A 581 7.32 -35.28 6.22
CA LEU A 581 6.69 -33.95 5.93
C LEU A 581 7.59 -33.16 5.01
N ARG A 582 8.92 -33.13 5.29
CA ARG A 582 9.82 -32.33 4.49
C ARG A 582 9.78 -32.74 3.01
N THR A 583 9.82 -34.05 2.77
CA THR A 583 9.79 -34.54 1.41
C THR A 583 8.41 -34.37 0.78
N LEU A 584 7.34 -34.79 1.44
CA LEU A 584 6.03 -34.57 0.84
C LEU A 584 5.79 -33.11 0.53
N HIS A 585 6.11 -32.23 1.51
CA HIS A 585 5.92 -30.81 1.29
C HIS A 585 6.72 -30.27 0.13
N SER A 586 7.84 -30.87 -0.23
CA SER A 586 8.61 -30.43 -1.35
C SER A 586 7.93 -30.52 -2.70
N PHE A 587 6.89 -31.37 -2.75
CA PHE A 587 6.03 -31.42 -3.92
C PHE A 587 4.92 -30.39 -3.88
N ASP A 588 4.80 -29.67 -2.82
CA ASP A 588 3.72 -28.70 -2.64
C ASP A 588 2.37 -29.32 -2.95
N PRO A 589 2.02 -30.39 -2.13
CA PRO A 589 0.77 -31.09 -2.42
C PRO A 589 -0.46 -30.19 -2.34
N CYS A 590 -1.31 -30.27 -3.35
CA CYS A 590 -2.58 -29.55 -3.41
C CYS A 590 -3.65 -30.59 -3.52
N LEU A 591 -4.22 -30.96 -2.35
CA LEU A 591 -5.08 -32.13 -2.33
C LEU A 591 -6.48 -31.86 -2.84
N ALA A 592 -6.96 -30.65 -2.70
CA ALA A 592 -8.25 -30.26 -3.29
C ALA A 592 -8.10 -30.32 -4.78
N CYS A 593 -6.99 -29.81 -5.34
CA CYS A 593 -6.70 -29.98 -6.72
C CYS A 593 -6.66 -31.46 -7.12
N SER A 594 -5.97 -32.26 -6.34
CA SER A 594 -5.70 -33.65 -6.78
C SER A 594 -6.98 -34.42 -7.06
N THR A 595 -8.02 -34.14 -6.30
CA THR A 595 -9.24 -34.89 -6.31
C THR A 595 -10.40 -34.16 -6.94
N HIS A 596 -10.48 -32.83 -6.85
CA HIS A 596 -11.48 -32.01 -7.50
C HIS A 596 -12.91 -32.65 -7.41
N PRO B 11 -4.05 -12.58 27.89
CA PRO B 11 -4.16 -13.77 27.00
C PRO B 11 -5.15 -13.59 25.89
N ARG B 12 -4.76 -14.25 24.84
CA ARG B 12 -5.29 -14.03 23.50
C ARG B 12 -6.39 -14.99 23.22
N THR B 13 -7.45 -14.52 22.56
CA THR B 13 -8.62 -15.35 22.36
C THR B 13 -8.29 -16.61 21.59
N PRO B 14 -8.55 -17.78 22.09
CA PRO B 14 -8.31 -19.00 21.31
C PRO B 14 -9.25 -19.13 20.15
N VAL B 15 -8.68 -19.51 19.02
CA VAL B 15 -9.36 -19.78 17.77
C VAL B 15 -8.93 -21.15 17.25
N ILE B 16 -9.88 -21.98 17.00
CA ILE B 16 -9.73 -23.23 16.34
C ILE B 16 -10.23 -23.06 14.94
N TRP B 17 -9.43 -23.23 13.90
CA TRP B 17 -9.84 -23.03 12.52
C TRP B 17 -9.84 -24.42 11.83
N LEU B 18 -11.06 -24.96 11.68
CA LEU B 18 -11.21 -26.23 11.06
C LEU B 18 -11.41 -26.06 9.54
N HIS B 19 -11.13 -27.12 8.80
CA HIS B 19 -11.19 -27.18 7.36
C HIS B 19 -11.92 -28.44 6.93
N GLY B 20 -13.05 -28.27 6.25
CA GLY B 20 -13.84 -29.36 5.71
C GLY B 20 -13.55 -29.55 4.21
N LEU B 21 -14.58 -29.86 3.45
CA LEU B 21 -14.47 -29.80 1.99
C LEU B 21 -14.37 -28.34 1.59
N GLU B 22 -13.34 -27.99 0.80
CA GLU B 22 -12.93 -26.63 0.63
CA GLU B 22 -13.04 -26.60 0.54
C GLU B 22 -12.00 -26.53 -0.57
N CYS B 23 -11.68 -25.31 -0.98
CA CYS B 23 -10.58 -25.07 -1.91
C CYS B 23 -9.43 -24.29 -1.24
N THR B 24 -9.64 -23.82 0.02
CA THR B 24 -8.68 -23.03 0.80
C THR B 24 -8.65 -21.58 0.42
N CYS B 25 -9.63 -21.11 -0.36
CA CYS B 25 -9.64 -19.69 -0.74
C CYS B 25 -9.91 -18.79 0.44
N CYS B 26 -10.58 -19.27 1.49
CA CYS B 26 -10.91 -18.44 2.63
C CYS B 26 -9.69 -18.18 3.49
N SER B 27 -8.84 -19.20 3.73
CA SER B 27 -7.56 -19.00 4.40
C SER B 27 -6.69 -18.06 3.62
N GLU B 28 -6.64 -18.28 2.30
CA GLU B 28 -5.85 -17.42 1.44
C GLU B 28 -6.26 -15.96 1.52
N SER B 29 -7.58 -15.76 1.43
CA SER B 29 -8.05 -14.36 1.54
C SER B 29 -7.63 -13.76 2.87
N PHE B 30 -7.82 -14.49 3.97
CA PHE B 30 -7.51 -13.95 5.29
C PHE B 30 -6.12 -13.39 5.35
N ILE B 31 -5.13 -14.09 4.79
CA ILE B 31 -3.74 -13.60 4.89
C ILE B 31 -3.45 -12.45 3.95
N ARG B 32 -4.37 -12.07 3.07
CA ARG B 32 -4.20 -10.88 2.29
C ARG B 32 -4.50 -9.59 3.03
N SER B 33 -5.04 -9.65 4.27
CA SER B 33 -5.52 -8.48 4.96
C SER B 33 -4.47 -7.41 5.03
N ALA B 34 -4.83 -6.20 4.57
CA ALA B 34 -3.98 -5.04 4.66
C ALA B 34 -3.87 -4.47 6.04
N HIS B 35 -4.89 -4.57 6.85
CA HIS B 35 -4.99 -3.93 8.13
C HIS B 35 -6.13 -4.61 8.90
N PRO B 36 -5.88 -5.30 9.98
CA PRO B 36 -4.56 -5.64 10.49
C PRO B 36 -3.88 -6.62 9.56
N LEU B 37 -2.56 -6.65 9.67
CA LEU B 37 -1.78 -7.68 8.99
C LEU B 37 -2.01 -9.04 9.62
N ALA B 38 -1.99 -10.08 8.82
CA ALA B 38 -2.14 -11.42 9.31
C ALA B 38 -1.09 -11.76 10.38
N LYS B 39 0.10 -11.29 10.21
CA LYS B 39 1.17 -11.56 11.17
C LYS B 39 0.77 -11.06 12.53
N ASP B 40 0.21 -9.86 12.56
CA ASP B 40 -0.21 -9.24 13.82
C ASP B 40 -1.44 -9.90 14.39
N VAL B 41 -2.40 -10.29 13.56
CA VAL B 41 -3.52 -11.07 14.09
C VAL B 41 -3.00 -12.30 14.80
N VAL B 42 -2.12 -13.08 14.23
CA VAL B 42 -1.67 -14.37 14.77
C VAL B 42 -0.72 -14.19 15.94
N LEU B 43 0.12 -13.18 15.95
CA LEU B 43 1.07 -13.02 17.05
C LEU B 43 0.49 -12.28 18.24
N SER B 44 -0.45 -11.36 17.98
CA SER B 44 -0.81 -10.42 19.00
C SER B 44 -2.28 -10.32 19.27
N MET B 45 -3.19 -10.76 18.43
CA MET B 45 -4.61 -10.54 18.62
C MET B 45 -5.39 -11.78 19.07
N ILE B 46 -5.24 -12.87 18.38
CA ILE B 46 -5.84 -14.15 18.67
C ILE B 46 -4.74 -15.14 19.01
N SER B 47 -5.16 -16.31 19.51
CA SER B 47 -4.27 -17.45 19.54
C SER B 47 -4.79 -18.48 18.55
N LEU B 48 -4.17 -18.61 17.41
CA LEU B 48 -4.60 -19.50 16.34
C LEU B 48 -4.05 -20.87 16.68
N ASP B 49 -4.88 -21.64 17.40
CA ASP B 49 -4.38 -22.82 18.07
C ASP B 49 -4.47 -24.08 17.21
N TYR B 50 -5.28 -24.05 16.15
CA TYR B 50 -5.40 -25.17 15.21
C TYR B 50 -5.75 -24.58 13.87
N ASP B 51 -5.03 -24.98 12.80
CA ASP B 51 -5.30 -24.47 11.45
C ASP B 51 -4.50 -25.30 10.48
N ASP B 52 -5.09 -26.19 9.68
CA ASP B 52 -4.38 -27.12 8.85
C ASP B 52 -3.39 -26.43 7.96
N THR B 53 -3.77 -25.24 7.46
CA THR B 53 -2.91 -24.67 6.42
C THR B 53 -1.53 -24.24 6.93
N LEU B 54 -1.44 -23.74 8.16
CA LEU B 54 -0.28 -23.08 8.66
C LEU B 54 0.41 -23.79 9.79
N MET B 55 -0.23 -24.70 10.43
CA MET B 55 0.25 -25.23 11.71
C MET B 55 1.43 -26.16 11.60
N ALA B 56 2.32 -26.11 12.57
CA ALA B 56 3.52 -26.97 12.66
C ALA B 56 3.18 -28.44 12.76
N ALA B 57 2.33 -28.75 13.76
CA ALA B 57 1.97 -30.10 14.10
C ALA B 57 1.21 -30.82 13.00
N SER B 58 1.41 -32.12 12.84
CA SER B 58 0.59 -32.98 11.98
C SER B 58 0.19 -34.22 12.79
N GLY B 59 -0.69 -35.00 12.16
CA GLY B 59 -1.03 -36.33 12.68
C GLY B 59 -1.50 -36.31 14.11
N HIS B 60 -0.96 -37.30 14.81
CA HIS B 60 -1.39 -37.43 16.19
C HIS B 60 -1.08 -36.17 17.01
N ALA B 61 -0.01 -35.43 16.72
CA ALA B 61 0.30 -34.25 17.50
C ALA B 61 -0.67 -33.11 17.23
N ALA B 62 -1.17 -33.07 16.04
CA ALA B 62 -2.22 -32.09 15.70
C ALA B 62 -3.53 -32.41 16.44
N GLU B 63 -3.96 -33.67 16.35
CA GLU B 63 -5.20 -34.04 17.05
CA GLU B 63 -5.19 -34.04 17.06
C GLU B 63 -5.16 -33.79 18.55
N ALA B 64 -3.99 -33.98 19.13
CA ALA B 64 -3.85 -33.77 20.55
C ALA B 64 -4.07 -32.32 20.94
N ILE B 65 -3.78 -31.41 20.06
CA ILE B 65 -4.05 -29.99 20.29
C ILE B 65 -5.54 -29.82 20.43
N LEU B 66 -6.36 -30.40 19.57
CA LEU B 66 -7.80 -30.36 19.68
CA LEU B 66 -7.82 -30.19 19.72
C LEU B 66 -8.33 -30.75 21.03
N ASP B 67 -7.82 -31.93 21.40
CA ASP B 67 -8.22 -32.48 22.66
C ASP B 67 -7.94 -31.51 23.82
N GLU B 68 -6.70 -30.99 23.72
CA GLU B 68 -6.29 -30.15 24.87
C GLU B 68 -7.06 -28.84 24.91
N ILE B 69 -7.28 -28.24 23.75
CA ILE B 69 -7.84 -26.86 23.71
C ILE B 69 -9.27 -26.96 24.22
N LYS B 70 -9.81 -28.06 23.75
CA LYS B 70 -11.21 -28.30 23.92
C LYS B 70 -11.50 -28.34 25.40
N GLU B 71 -10.71 -29.00 26.20
CA GLU B 71 -10.72 -29.13 27.66
C GLU B 71 -10.41 -27.82 28.35
N LYS B 72 -9.21 -27.35 28.03
CA LYS B 72 -8.57 -26.20 28.72
C LYS B 72 -9.41 -24.95 28.51
N TYR B 73 -9.97 -24.82 27.32
CA TYR B 73 -10.69 -23.58 26.94
C TYR B 73 -12.15 -23.89 26.63
N LYS B 74 -12.71 -24.94 27.23
CA LYS B 74 -14.10 -25.33 27.07
C LYS B 74 -15.03 -24.15 27.21
N GLY B 75 -15.88 -23.87 26.22
CA GLY B 75 -16.74 -22.72 26.16
C GLY B 75 -16.11 -21.38 25.91
N ASN B 76 -14.84 -21.34 25.65
CA ASN B 76 -14.08 -20.10 25.58
C ASN B 76 -13.31 -19.93 24.29
N TYR B 77 -13.33 -20.87 23.38
CA TYR B 77 -12.69 -20.67 22.08
C TYR B 77 -13.69 -20.33 21.01
N ILE B 78 -13.24 -19.57 20.01
CA ILE B 78 -14.06 -19.35 18.82
CA ILE B 78 -13.96 -19.31 18.78
C ILE B 78 -13.70 -20.49 17.86
N LEU B 79 -14.76 -21.11 17.32
CA LEU B 79 -14.57 -22.12 16.27
C LEU B 79 -14.79 -21.47 14.95
N ALA B 80 -13.79 -21.31 14.14
CA ALA B 80 -13.88 -20.85 12.79
C ALA B 80 -13.90 -22.09 11.87
N VAL B 81 -14.79 -22.06 10.90
CA VAL B 81 -14.92 -23.17 9.97
C VAL B 81 -14.79 -22.66 8.55
N GLU B 82 -13.82 -23.25 7.82
CA GLU B 82 -13.65 -23.12 6.39
C GLU B 82 -14.10 -24.43 5.78
N GLY B 83 -14.75 -24.36 4.64
CA GLY B 83 -15.25 -25.57 4.02
C GLY B 83 -16.51 -26.09 4.74
N ASN B 84 -16.89 -27.30 4.40
CA ASN B 84 -18.12 -27.85 4.96
C ASN B 84 -18.06 -29.37 5.05
N PRO B 85 -18.98 -29.92 5.89
CA PRO B 85 -19.06 -31.37 6.01
C PRO B 85 -19.89 -32.04 4.96
N PRO B 86 -19.40 -33.12 4.33
CA PRO B 86 -20.26 -33.98 3.51
C PRO B 86 -20.95 -35.05 4.35
N LEU B 87 -22.17 -35.36 3.89
CA LEU B 87 -22.97 -36.38 4.52
C LEU B 87 -23.01 -37.67 3.71
N ASN B 88 -22.69 -37.64 2.44
CA ASN B 88 -22.65 -38.87 1.64
C ASN B 88 -21.33 -39.56 1.88
N GLN B 89 -21.23 -40.77 1.31
CA GLN B 89 -20.02 -41.58 1.51
C GLN B 89 -19.75 -41.83 2.98
N ASP B 90 -20.78 -41.88 3.83
CA ASP B 90 -20.64 -42.02 5.29
C ASP B 90 -19.73 -40.93 5.83
N GLY B 91 -19.67 -39.77 5.17
CA GLY B 91 -18.84 -38.65 5.53
C GLY B 91 -17.40 -38.76 5.14
N MET B 92 -17.02 -39.86 4.51
CA MET B 92 -15.65 -40.18 4.22
C MET B 92 -15.17 -39.67 2.87
N SER B 93 -15.99 -38.82 2.26
CA SER B 93 -15.50 -37.89 1.28
C SER B 93 -14.75 -36.70 1.89
N CYS B 94 -14.66 -36.60 3.21
CA CYS B 94 -13.73 -35.70 3.87
C CYS B 94 -13.25 -36.36 5.13
N ILE B 95 -12.08 -37.01 5.09
CA ILE B 95 -11.58 -37.80 6.20
C ILE B 95 -10.52 -36.97 6.94
N ILE B 96 -10.60 -36.91 8.23
CA ILE B 96 -9.62 -36.26 9.07
C ILE B 96 -9.29 -37.20 10.21
N GLY B 97 -8.00 -37.60 10.37
CA GLY B 97 -7.67 -38.55 11.45
C GLY B 97 -8.37 -39.83 11.29
N GLY B 98 -8.64 -40.28 10.05
CA GLY B 98 -9.31 -41.55 9.77
C GLY B 98 -10.80 -41.51 10.02
N ARG B 99 -11.39 -40.40 10.36
CA ARG B 99 -12.81 -40.31 10.70
C ARG B 99 -13.45 -39.23 9.85
N PRO B 100 -14.77 -39.22 9.76
CA PRO B 100 -15.46 -38.17 8.99
C PRO B 100 -15.18 -36.82 9.60
N PHE B 101 -14.94 -35.82 8.75
CA PHE B 101 -14.81 -34.44 9.19
C PHE B 101 -16.04 -34.05 9.98
N SER B 102 -17.22 -34.49 9.63
CA SER B 102 -18.40 -34.10 10.40
C SER B 102 -18.30 -34.41 11.89
N GLU B 103 -17.65 -35.52 12.23
CA GLU B 103 -17.43 -35.85 13.62
C GLU B 103 -16.52 -34.83 14.33
N GLN B 104 -15.49 -34.35 13.66
CA GLN B 104 -14.59 -33.35 14.19
C GLN B 104 -15.34 -32.07 14.43
N LEU B 105 -16.10 -31.63 13.41
CA LEU B 105 -16.88 -30.41 13.48
C LEU B 105 -17.87 -30.49 14.65
N LYS B 106 -18.60 -31.58 14.76
CA LYS B 106 -19.58 -31.69 15.82
C LYS B 106 -18.96 -31.59 17.19
N ARG B 107 -17.90 -32.32 17.38
CA ARG B 107 -17.21 -32.34 18.69
C ARG B 107 -16.72 -30.95 19.05
N MET B 108 -16.13 -30.22 18.13
CA MET B 108 -15.59 -28.92 18.47
C MET B 108 -16.76 -27.91 18.60
N ALA B 109 -17.83 -28.04 17.82
CA ALA B 109 -18.97 -27.14 17.95
C ALA B 109 -19.60 -27.23 19.33
N ASP B 110 -19.55 -28.44 19.89
CA ASP B 110 -20.25 -28.68 21.17
C ASP B 110 -19.75 -27.75 22.27
N ASP B 111 -18.45 -27.42 22.22
CA ASP B 111 -17.91 -26.57 23.30
C ASP B 111 -17.32 -25.25 22.88
N ALA B 112 -17.68 -24.83 21.65
CA ALA B 112 -17.29 -23.49 21.22
C ALA B 112 -18.07 -22.39 21.94
N LYS B 113 -17.47 -21.20 22.01
CA LYS B 113 -18.19 -20.04 22.49
C LYS B 113 -19.17 -19.50 21.44
N ALA B 114 -18.71 -19.57 20.19
CA ALA B 114 -19.36 -19.03 19.01
C ALA B 114 -18.65 -19.68 17.80
N ILE B 115 -19.34 -19.69 16.68
CA ILE B 115 -18.84 -20.17 15.40
C ILE B 115 -18.80 -19.04 14.40
N ILE B 116 -17.70 -18.98 13.66
CA ILE B 116 -17.59 -18.19 12.44
C ILE B 116 -17.62 -19.15 11.24
N SER B 117 -18.63 -18.99 10.43
CA SER B 117 -18.76 -19.76 9.18
C SER B 117 -18.06 -18.92 8.11
N TRP B 118 -16.78 -19.22 7.82
CA TRP B 118 -16.09 -18.49 6.78
C TRP B 118 -16.55 -18.83 5.39
N GLY B 119 -16.80 -17.86 4.58
CA GLY B 119 -17.01 -18.09 3.16
C GLY B 119 -18.33 -18.73 2.82
N SER B 120 -18.56 -18.85 1.54
CA SER B 120 -19.73 -19.50 1.03
C SER B 120 -19.75 -20.99 1.33
N CYS B 121 -18.59 -21.67 1.44
CA CYS B 121 -18.67 -23.10 1.75
C CYS B 121 -19.32 -23.31 3.11
N ALA B 122 -18.78 -22.66 4.18
CA ALA B 122 -19.29 -22.92 5.48
C ALA B 122 -20.67 -22.30 5.64
N SER B 123 -20.91 -21.17 5.04
CA SER B 123 -22.18 -20.46 5.15
C SER B 123 -23.37 -21.13 4.44
N TRP B 124 -23.10 -21.59 3.21
CA TRP B 124 -24.16 -22.02 2.33
C TRP B 124 -23.94 -23.34 1.62
N GLY B 125 -22.73 -23.76 1.33
CA GLY B 125 -22.43 -24.97 0.62
C GLY B 125 -21.42 -24.82 -0.51
N CYS B 126 -21.45 -23.66 -1.20
CA CYS B 126 -20.58 -23.29 -2.29
C CYS B 126 -20.47 -24.39 -3.33
N VAL B 127 -19.33 -24.49 -4.02
CA VAL B 127 -19.32 -25.15 -5.33
C VAL B 127 -19.66 -26.61 -5.22
N GLN B 128 -19.18 -27.28 -4.16
CA GLN B 128 -19.41 -28.70 -4.02
C GLN B 128 -20.91 -29.00 -3.78
N ALA B 129 -21.67 -28.03 -3.30
CA ALA B 129 -23.07 -28.20 -3.08
C ALA B 129 -23.94 -27.86 -4.30
N ALA B 130 -23.31 -27.41 -5.36
CA ALA B 130 -24.03 -27.16 -6.58
C ALA B 130 -24.55 -28.48 -7.19
N LYS B 131 -25.63 -28.40 -7.91
CA LYS B 131 -26.24 -29.63 -8.42
C LYS B 131 -25.27 -30.50 -9.16
N PRO B 132 -25.22 -31.81 -8.91
CA PRO B 132 -26.15 -32.60 -8.08
C PRO B 132 -25.62 -32.89 -6.69
N ASN B 133 -24.63 -32.13 -6.19
CA ASN B 133 -24.09 -32.26 -4.84
C ASN B 133 -23.74 -33.69 -4.53
N PRO B 134 -22.76 -34.26 -5.20
CA PRO B 134 -22.46 -35.71 -5.00
C PRO B 134 -22.06 -36.11 -3.63
N THR B 135 -21.50 -35.19 -2.83
CA THR B 135 -21.09 -35.54 -1.48
C THR B 135 -22.13 -35.17 -0.39
N GLN B 136 -23.27 -34.58 -0.82
CA GLN B 136 -24.20 -33.99 0.16
C GLN B 136 -23.46 -33.09 1.10
N ALA B 137 -22.68 -32.21 0.52
CA ALA B 137 -21.98 -31.13 1.26
C ALA B 137 -23.04 -30.20 1.90
N THR B 138 -22.90 -29.88 3.16
CA THR B 138 -23.91 -29.25 3.95
C THR B 138 -23.30 -28.09 4.73
N PRO B 139 -23.87 -26.89 4.69
CA PRO B 139 -23.28 -25.76 5.47
C PRO B 139 -23.38 -26.08 6.96
N VAL B 140 -22.52 -25.37 7.70
CA VAL B 140 -22.36 -25.63 9.15
C VAL B 140 -23.67 -25.52 9.89
N HIS B 141 -24.44 -24.43 9.69
CA HIS B 141 -25.64 -24.20 10.44
C HIS B 141 -26.63 -25.30 10.16
N LYS B 142 -26.72 -25.77 8.90
CA LYS B 142 -27.67 -26.87 8.64
C LYS B 142 -27.17 -28.18 9.26
N PHE B 143 -25.88 -28.43 9.22
CA PHE B 143 -25.34 -29.64 9.83
C PHE B 143 -25.63 -29.70 11.34
N LEU B 144 -25.43 -28.58 12.03
CA LEU B 144 -25.60 -28.58 13.49
C LEU B 144 -27.08 -28.53 13.82
N GLY B 145 -27.97 -28.07 13.02
CA GLY B 145 -29.39 -27.98 13.17
C GLY B 145 -29.90 -26.93 14.09
N GLY B 146 -31.22 -26.85 14.15
CA GLY B 146 -32.05 -25.85 14.72
C GLY B 146 -31.76 -25.64 16.17
N GLY B 147 -31.33 -26.76 16.81
CA GLY B 147 -31.08 -26.85 18.24
C GLY B 147 -29.76 -26.31 18.80
N TYR B 148 -28.85 -26.04 17.88
CA TYR B 148 -27.55 -25.49 18.25
C TYR B 148 -27.74 -24.12 18.88
N ASP B 149 -27.15 -23.96 20.07
CA ASP B 149 -27.47 -22.87 20.95
C ASP B 149 -26.41 -21.79 21.09
N LYS B 150 -25.40 -21.75 20.22
CA LYS B 150 -24.34 -20.76 20.21
C LYS B 150 -24.50 -19.97 18.89
N PRO B 151 -24.05 -18.74 18.87
CA PRO B 151 -24.08 -17.97 17.66
C PRO B 151 -23.27 -18.58 16.51
N ILE B 152 -23.83 -18.50 15.31
CA ILE B 152 -23.15 -18.81 14.05
C ILE B 152 -23.16 -17.54 13.19
N ILE B 153 -21.92 -17.01 13.06
CA ILE B 153 -21.72 -15.81 12.27
C ILE B 153 -21.36 -16.20 10.88
N LYS B 154 -22.23 -15.93 9.91
CA LYS B 154 -21.94 -16.25 8.50
C LYS B 154 -21.22 -15.07 7.89
N VAL B 155 -20.06 -15.38 7.24
CA VAL B 155 -19.24 -14.38 6.60
C VAL B 155 -19.01 -14.85 5.13
N PRO B 156 -20.06 -14.74 4.34
CA PRO B 156 -20.04 -15.43 3.01
C PRO B 156 -19.27 -14.68 1.95
N GLY B 157 -19.17 -15.33 0.79
CA GLY B 157 -18.34 -14.91 -0.30
C GLY B 157 -17.35 -16.01 -0.66
N CYS B 158 -16.92 -16.03 -1.88
CA CYS B 158 -16.07 -17.09 -2.38
C CYS B 158 -14.79 -16.47 -2.97
N PRO B 159 -13.83 -16.17 -2.14
CA PRO B 159 -13.89 -16.06 -0.67
C PRO B 159 -14.45 -14.72 -0.25
N PRO B 160 -14.63 -14.47 1.05
CA PRO B 160 -14.90 -13.13 1.54
C PRO B 160 -13.69 -12.22 1.28
N ILE B 161 -13.92 -10.92 1.32
CA ILE B 161 -12.89 -9.91 1.25
C ILE B 161 -11.99 -10.06 2.48
N ALA B 162 -10.67 -9.89 2.33
CA ALA B 162 -9.76 -10.09 3.42
C ALA B 162 -10.05 -9.21 4.58
N GLU B 163 -10.27 -7.92 4.36
CA GLU B 163 -10.46 -6.97 5.43
C GLU B 163 -11.82 -7.10 6.07
N VAL B 164 -12.75 -7.74 5.37
CA VAL B 164 -14.01 -8.13 6.03
C VAL B 164 -13.76 -9.25 7.05
N MET B 165 -12.96 -10.25 6.68
CA MET B 165 -12.66 -11.33 7.59
C MET B 165 -11.96 -10.80 8.84
N THR B 166 -10.91 -9.99 8.63
CA THR B 166 -10.22 -9.48 9.79
C THR B 166 -10.99 -8.37 10.47
N GLY B 167 -11.88 -7.69 9.79
CA GLY B 167 -12.75 -6.70 10.38
C GLY B 167 -13.73 -7.33 11.33
N VAL B 168 -14.28 -8.53 11.01
CA VAL B 168 -15.16 -9.24 11.96
C VAL B 168 -14.41 -9.58 13.23
N ILE B 169 -13.19 -10.13 13.10
CA ILE B 169 -12.42 -10.49 14.28
CA ILE B 169 -12.37 -10.48 14.25
C ILE B 169 -12.03 -9.27 15.08
N THR B 170 -11.50 -8.23 14.47
CA THR B 170 -11.18 -7.04 15.24
C THR B 170 -12.40 -6.42 15.91
N TYR B 171 -13.58 -6.49 15.31
CA TYR B 171 -14.74 -5.95 15.94
C TYR B 171 -14.93 -6.71 17.27
N MET B 172 -14.99 -8.02 17.19
CA MET B 172 -15.27 -8.84 18.32
C MET B 172 -14.23 -8.59 19.39
N LEU B 173 -12.97 -8.48 19.08
CA LEU B 173 -11.91 -8.25 20.07
C LEU B 173 -11.95 -6.83 20.63
N THR B 174 -12.30 -5.86 19.87
CA THR B 174 -12.28 -4.46 20.29
C THR B 174 -13.53 -4.10 21.10
N PHE B 175 -14.67 -4.54 20.63
CA PHE B 175 -15.95 -4.13 21.19
C PHE B 175 -16.60 -5.21 22.04
N ASP B 176 -15.99 -6.38 22.16
CA ASP B 176 -16.43 -7.37 23.11
C ASP B 176 -17.84 -7.85 22.87
N ARG B 177 -18.24 -7.98 21.64
CA ARG B 177 -19.55 -8.54 21.30
C ARG B 177 -19.56 -9.05 19.90
N ILE B 178 -20.54 -9.90 19.63
CA ILE B 178 -20.87 -10.39 18.30
CA ILE B 178 -20.72 -10.30 18.23
C ILE B 178 -21.46 -9.17 17.53
N PRO B 179 -21.04 -8.90 16.30
CA PRO B 179 -21.73 -7.83 15.55
C PRO B 179 -23.17 -8.18 15.30
N GLU B 180 -23.96 -7.13 15.13
CA GLU B 180 -25.37 -7.31 14.75
C GLU B 180 -25.42 -8.06 13.44
N LEU B 181 -26.32 -9.04 13.36
CA LEU B 181 -26.47 -9.90 12.19
C LEU B 181 -27.83 -9.62 11.55
N ASP B 182 -27.90 -9.80 10.23
CA ASP B 182 -29.15 -9.79 9.50
C ASP B 182 -29.83 -11.15 9.73
N ARG B 183 -31.01 -11.32 9.13
CA ARG B 183 -31.81 -12.54 9.30
CA ARG B 183 -31.75 -12.55 9.40
C ARG B 183 -31.07 -13.78 8.84
N GLN B 184 -30.14 -13.63 7.92
CA GLN B 184 -29.35 -14.72 7.40
C GLN B 184 -28.10 -14.95 8.21
N GLY B 185 -27.90 -14.22 9.27
CA GLY B 185 -26.71 -14.45 10.08
C GLY B 185 -25.48 -13.72 9.66
N ARG B 186 -25.56 -12.76 8.77
CA ARG B 186 -24.40 -12.04 8.21
C ARG B 186 -24.20 -10.73 8.93
N PRO B 187 -22.97 -10.38 9.28
CA PRO B 187 -22.79 -9.09 9.94
C PRO B 187 -23.20 -7.88 9.12
N LYS B 188 -24.06 -7.04 9.69
CA LYS B 188 -24.51 -5.83 9.04
C LYS B 188 -23.36 -4.90 8.78
N MET B 189 -22.24 -5.00 9.52
CA MET B 189 -20.96 -4.32 9.28
C MET B 189 -20.60 -4.30 7.78
N PHE B 190 -20.82 -5.43 7.11
CA PHE B 190 -20.35 -5.63 5.74
C PHE B 190 -21.38 -6.13 4.78
N TYR B 191 -22.49 -6.76 5.18
CA TYR B 191 -23.39 -7.49 4.31
C TYR B 191 -24.78 -6.87 4.20
N SER B 192 -24.92 -5.64 4.59
CA SER B 192 -26.20 -5.00 4.62
C SER B 192 -26.44 -4.01 3.46
N GLN B 193 -25.76 -4.16 2.36
CA GLN B 193 -26.06 -3.51 1.08
C GLN B 193 -25.73 -4.48 -0.02
N ARG B 194 -26.43 -4.36 -1.11
CA ARG B 194 -26.07 -5.08 -2.35
C ARG B 194 -24.98 -4.36 -3.09
N ILE B 195 -24.26 -5.13 -3.92
CA ILE B 195 -23.22 -4.56 -4.76
C ILE B 195 -23.79 -3.36 -5.50
N HIS B 196 -24.97 -3.52 -6.10
CA HIS B 196 -25.65 -2.58 -6.98
C HIS B 196 -26.18 -1.35 -6.18
N ASP B 197 -26.27 -1.48 -4.86
CA ASP B 197 -26.68 -0.35 -4.01
C ASP B 197 -25.55 0.62 -3.82
N LYS B 198 -24.33 0.33 -4.20
CA LYS B 198 -23.16 1.16 -3.99
C LYS B 198 -22.21 1.06 -5.18
N CYS B 199 -22.67 0.78 -6.38
CA CYS B 199 -21.80 0.52 -7.53
C CYS B 199 -21.56 1.77 -8.32
N TYR B 200 -20.30 2.08 -8.52
CA TYR B 200 -19.85 3.26 -9.28
C TYR B 200 -20.23 3.19 -10.77
N ARG B 201 -20.65 2.04 -11.28
CA ARG B 201 -21.16 1.97 -12.67
C ARG B 201 -22.67 2.25 -12.74
N ARG B 202 -23.33 2.45 -11.59
CA ARG B 202 -24.75 2.74 -11.57
C ARG B 202 -25.17 3.90 -12.46
N PRO B 203 -24.41 5.02 -12.55
CA PRO B 203 -24.85 6.07 -13.51
C PRO B 203 -25.08 5.55 -14.91
N HIS B 204 -24.31 4.60 -15.39
CA HIS B 204 -24.48 3.99 -16.68
C HIS B 204 -25.71 3.12 -16.70
N PHE B 205 -25.91 2.28 -15.69
CA PHE B 205 -27.16 1.48 -15.58
C PHE B 205 -28.37 2.39 -15.79
N ASP B 206 -28.32 3.51 -15.04
CA ASP B 206 -29.47 4.42 -15.06
C ASP B 206 -29.70 5.05 -16.44
N ALA B 207 -28.62 5.27 -17.18
CA ALA B 207 -28.68 5.86 -18.54
C ALA B 207 -28.92 4.81 -19.63
N GLY B 208 -29.05 3.53 -19.27
CA GLY B 208 -29.13 2.52 -20.28
C GLY B 208 -27.87 2.31 -21.10
N GLN B 209 -26.72 2.57 -20.46
CA GLN B 209 -25.40 2.47 -21.02
C GLN B 209 -24.75 1.21 -20.52
N PHE B 210 -24.71 0.22 -21.39
CA PHE B 210 -24.26 -1.13 -21.03
C PHE B 210 -23.18 -1.60 -21.94
N VAL B 211 -22.32 -2.46 -21.42
CA VAL B 211 -21.55 -3.41 -22.22
C VAL B 211 -22.55 -4.32 -22.91
N GLU B 212 -22.54 -4.35 -24.23
CA GLU B 212 -23.39 -5.30 -24.93
C GLU B 212 -22.66 -6.56 -25.41
N GLU B 213 -21.40 -6.35 -25.76
CA GLU B 213 -20.49 -7.41 -26.18
C GLU B 213 -19.13 -7.17 -25.55
N TRP B 214 -18.38 -8.20 -25.24
CA TRP B 214 -17.07 -7.96 -24.65
C TRP B 214 -16.22 -7.06 -25.54
N ASP B 215 -15.52 -6.12 -24.88
CA ASP B 215 -14.54 -5.24 -25.50
C ASP B 215 -15.16 -4.34 -26.53
N ASP B 216 -16.44 -4.00 -26.33
CA ASP B 216 -17.14 -3.02 -27.14
C ASP B 216 -16.90 -1.59 -26.59
N GLU B 217 -17.58 -0.61 -27.20
CA GLU B 217 -17.39 0.74 -26.76
C GLU B 217 -17.67 0.91 -25.30
N GLY B 218 -18.79 0.32 -24.84
CA GLY B 218 -19.14 0.45 -23.46
C GLY B 218 -18.12 -0.20 -22.54
N ALA B 219 -17.56 -1.38 -22.90
CA ALA B 219 -16.56 -1.99 -22.07
C ALA B 219 -15.35 -1.03 -21.80
N ARG B 220 -14.97 -0.34 -22.86
CA ARG B 220 -13.84 0.56 -22.80
C ARG B 220 -14.13 1.84 -22.10
N LYS B 221 -15.39 2.16 -21.83
CA LYS B 221 -15.76 3.32 -21.08
C LYS B 221 -16.22 2.95 -19.65
N GLY B 222 -16.24 1.69 -19.31
CA GLY B 222 -16.75 1.26 -17.98
C GLY B 222 -18.22 1.28 -17.82
N TYR B 223 -19.01 1.04 -18.85
CA TYR B 223 -20.48 0.95 -18.80
C TYR B 223 -20.91 -0.21 -17.96
N CYS B 224 -22.18 -0.18 -17.56
CA CYS B 224 -22.72 -1.19 -16.66
C CYS B 224 -22.65 -2.57 -17.30
N LEU B 225 -22.44 -3.56 -16.45
CA LEU B 225 -22.26 -4.99 -16.79
C LEU B 225 -23.50 -5.80 -16.68
N TYR B 226 -24.68 -5.18 -16.50
CA TYR B 226 -25.95 -5.90 -16.33
C TYR B 226 -26.20 -6.83 -17.50
N LYS B 227 -26.04 -6.36 -18.73
CA LYS B 227 -26.43 -7.17 -19.88
C LYS B 227 -25.47 -8.33 -20.13
N VAL B 228 -24.28 -8.31 -19.55
CA VAL B 228 -23.35 -9.42 -19.64
C VAL B 228 -23.38 -10.28 -18.43
N GLY B 229 -24.40 -10.14 -17.55
CA GLY B 229 -24.68 -11.09 -16.48
C GLY B 229 -24.40 -10.64 -15.07
N CYS B 230 -24.07 -9.35 -14.84
CA CYS B 230 -23.77 -8.94 -13.47
C CYS B 230 -24.91 -9.28 -12.46
N LYS B 231 -24.52 -9.95 -11.40
CA LYS B 231 -25.43 -10.33 -10.32
C LYS B 231 -25.40 -9.37 -9.17
N GLY B 232 -24.80 -8.22 -9.36
CA GLY B 232 -24.75 -7.19 -8.32
C GLY B 232 -26.12 -6.79 -7.85
N PRO B 233 -27.15 -6.72 -8.66
CA PRO B 233 -28.52 -6.34 -8.16
C PRO B 233 -29.05 -7.27 -7.08
N THR B 234 -28.61 -8.48 -6.93
CA THR B 234 -29.18 -9.44 -5.98
C THR B 234 -28.14 -9.90 -4.96
N THR B 235 -26.97 -9.29 -4.89
CA THR B 235 -25.88 -9.83 -4.11
C THR B 235 -25.44 -8.91 -3.00
N TYR B 236 -25.48 -9.35 -1.74
CA TYR B 236 -25.11 -8.59 -0.61
C TYR B 236 -23.64 -8.85 -0.24
N ASN B 237 -22.83 -7.78 -0.29
CA ASN B 237 -21.39 -7.88 0.06
C ASN B 237 -20.86 -6.45 0.07
N ALA B 238 -19.57 -6.35 0.44
CA ALA B 238 -18.87 -5.11 0.60
C ALA B 238 -17.94 -4.80 -0.56
N CYS B 239 -18.08 -5.49 -1.70
CA CYS B 239 -17.16 -5.35 -2.79
C CYS B 239 -17.14 -4.02 -3.46
N SER B 240 -18.30 -3.34 -3.52
CA SER B 240 -18.37 -2.02 -4.15
C SER B 240 -18.02 -0.87 -3.22
N THR B 241 -17.71 -1.15 -1.93
CA THR B 241 -17.47 -0.15 -0.91
C THR B 241 -16.05 -0.36 -0.36
N VAL B 242 -15.80 -1.52 0.29
CA VAL B 242 -14.49 -1.87 0.79
C VAL B 242 -13.57 -2.26 -0.35
N ARG B 243 -14.07 -3.02 -1.31
CA ARG B 243 -13.32 -3.52 -2.43
C ARG B 243 -12.29 -4.56 -1.95
N TRP B 244 -11.46 -5.01 -2.89
CA TRP B 244 -10.62 -6.17 -2.74
C TRP B 244 -9.15 -5.87 -2.73
N ASN B 245 -8.36 -6.62 -1.99
CA ASN B 245 -6.89 -6.62 -2.04
C ASN B 245 -6.38 -5.24 -1.68
N GLY B 246 -6.71 -4.79 -0.50
CA GLY B 246 -6.29 -3.44 -0.06
C GLY B 246 -6.96 -2.37 -0.86
N GLY B 247 -8.24 -2.55 -1.23
CA GLY B 247 -9.01 -1.50 -1.95
C GLY B 247 -8.54 -1.35 -3.38
N THR B 248 -7.90 -2.35 -3.98
CA THR B 248 -7.37 -2.23 -5.31
C THR B 248 -8.42 -2.30 -6.35
N SER B 249 -9.35 -3.24 -6.27
CA SER B 249 -10.33 -3.44 -7.34
C SER B 249 -11.51 -4.21 -6.76
N PHE B 250 -12.45 -4.53 -7.67
CA PHE B 250 -13.45 -5.55 -7.40
C PHE B 250 -13.87 -6.10 -8.79
N PRO B 251 -14.60 -7.22 -8.84
CA PRO B 251 -14.93 -7.84 -10.14
C PRO B 251 -15.42 -6.83 -11.19
N ILE B 252 -16.38 -6.00 -10.86
CA ILE B 252 -16.99 -5.06 -11.77
C ILE B 252 -15.97 -4.01 -12.22
N GLN B 253 -15.15 -3.48 -11.34
CA GLN B 253 -14.15 -2.53 -11.78
C GLN B 253 -13.25 -3.09 -12.88
N SER B 254 -12.86 -4.34 -12.75
CA SER B 254 -11.99 -5.02 -13.70
C SER B 254 -12.74 -5.59 -14.88
N GLY B 255 -14.05 -5.39 -15.01
CA GLY B 255 -14.77 -5.65 -16.23
C GLY B 255 -15.63 -6.86 -16.35
N HIS B 256 -15.74 -7.70 -15.30
CA HIS B 256 -16.59 -8.86 -15.29
C HIS B 256 -17.70 -8.60 -14.31
N GLY B 257 -18.98 -8.97 -14.66
CA GLY B 257 -20.03 -8.85 -13.69
C GLY B 257 -19.78 -9.65 -12.43
N CYS B 258 -20.38 -9.23 -11.34
CA CYS B 258 -20.57 -10.06 -10.15
C CYS B 258 -21.17 -11.39 -10.59
N ILE B 259 -20.73 -12.49 -10.03
CA ILE B 259 -21.34 -13.81 -10.24
C ILE B 259 -22.24 -14.22 -9.08
N GLY B 260 -22.39 -13.37 -8.06
CA GLY B 260 -23.27 -13.57 -6.93
C GLY B 260 -22.64 -14.33 -5.80
N CYS B 261 -21.31 -14.33 -5.65
CA CYS B 261 -20.62 -15.39 -4.92
C CYS B 261 -20.82 -15.37 -3.42
N SER B 262 -21.43 -14.38 -2.80
CA SER B 262 -21.77 -14.39 -1.40
C SER B 262 -23.18 -14.88 -1.16
N GLU B 263 -23.97 -15.17 -2.14
CA GLU B 263 -25.39 -15.54 -1.95
C GLU B 263 -25.62 -17.01 -1.96
N ASP B 264 -26.52 -17.48 -1.07
CA ASP B 264 -26.93 -18.84 -1.03
C ASP B 264 -27.39 -19.28 -2.43
N GLY B 265 -26.84 -20.42 -2.89
CA GLY B 265 -27.23 -21.05 -4.11
C GLY B 265 -26.77 -20.39 -5.39
N PHE B 266 -25.76 -19.51 -5.32
CA PHE B 266 -25.44 -18.71 -6.51
C PHE B 266 -25.01 -19.58 -7.70
N TRP B 267 -24.36 -20.74 -7.45
CA TRP B 267 -23.92 -21.61 -8.55
C TRP B 267 -25.07 -22.10 -9.40
N ASP B 268 -26.26 -22.24 -8.80
CA ASP B 268 -27.42 -22.79 -9.53
C ASP B 268 -28.48 -21.73 -9.80
N LYS B 269 -28.17 -20.47 -9.57
CA LYS B 269 -29.12 -19.40 -9.86
C LYS B 269 -29.35 -19.29 -11.34
N GLY B 270 -28.34 -19.48 -12.13
CA GLY B 270 -28.39 -19.45 -13.60
C GLY B 270 -26.98 -19.28 -14.12
N SER B 271 -26.83 -19.36 -15.43
CA SER B 271 -25.56 -19.04 -16.05
C SER B 271 -25.06 -17.69 -15.55
N PHE B 272 -23.76 -17.56 -15.39
CA PHE B 272 -23.21 -16.28 -14.93
C PHE B 272 -23.48 -15.17 -15.95
N TYR B 273 -23.70 -15.56 -17.21
CA TYR B 273 -23.96 -14.62 -18.29
C TYR B 273 -25.43 -14.40 -18.54
N SER B 274 -26.30 -15.10 -17.80
CA SER B 274 -27.73 -14.79 -17.80
C SER B 274 -27.90 -13.52 -17.04
N ARG B 275 -28.79 -12.68 -17.37
CA ARG B 275 -29.20 -11.41 -16.81
C ARG B 275 -29.99 -11.63 -15.51
N ASP B 276 -29.70 -10.72 -14.55
CA ASP B 276 -30.26 -10.83 -13.22
C ASP B 276 -31.73 -10.48 -13.23
N THR B 277 -32.41 -11.05 -12.26
CA THR B 277 -33.86 -10.96 -12.13
C THR B 277 -34.24 -9.94 -11.06
N GLU B 278 -35.59 -9.81 -11.02
CA GLU B 278 -36.37 -9.05 -10.08
C GLU B 278 -35.98 -7.58 -10.14
N MET B 279 -35.71 -7.17 -11.40
CA MET B 279 -35.24 -5.80 -11.60
C MET B 279 -36.34 -4.75 -11.60
N ASN B 280 -37.58 -5.12 -11.89
CA ASN B 280 -38.65 -4.14 -11.99
C ASN B 280 -39.59 -4.25 -10.79
N ALA B 281 -40.01 -3.02 -10.41
CA ALA B 281 -40.91 -2.94 -9.26
C ALA B 281 -42.34 -3.26 -9.68
N PHE B 282 -42.61 -3.56 -10.93
CA PHE B 282 -43.90 -3.96 -11.43
C PHE B 282 -43.91 -5.36 -12.02
N GLY B 283 -42.84 -6.10 -11.80
CA GLY B 283 -42.83 -7.45 -12.34
C GLY B 283 -43.57 -8.40 -11.39
N SER C 2 23.83 53.08 6.88
CA SER C 2 23.25 53.46 8.14
C SER C 2 23.49 52.37 9.18
N VAL C 3 23.41 52.76 10.43
CA VAL C 3 23.59 51.83 11.59
C VAL C 3 22.38 52.07 12.50
N LEU C 4 21.53 51.05 12.53
CA LEU C 4 20.29 51.17 13.29
C LEU C 4 20.39 50.34 14.55
N ASN C 5 20.22 50.97 15.68
CA ASN C 5 20.16 50.31 16.98
C ASN C 5 18.73 50.06 17.44
N THR C 6 18.31 48.80 17.28
CA THR C 6 16.94 48.37 17.42
C THR C 6 16.59 48.25 18.91
N PRO C 7 15.34 48.44 19.25
CA PRO C 7 15.04 48.30 20.67
C PRO C 7 15.22 46.90 21.14
N ASN C 8 15.18 45.92 20.30
CA ASN C 8 15.44 44.52 20.71
C ASN C 8 16.90 44.13 20.52
N HIS C 9 17.85 45.09 20.54
CA HIS C 9 19.27 44.96 20.85
C HIS C 9 20.14 44.46 19.72
N TYR C 10 19.75 44.72 18.49
CA TYR C 10 20.61 44.44 17.36
C TYR C 10 21.11 45.72 16.74
N LYS C 11 22.23 45.64 16.04
CA LYS C 11 22.78 46.84 15.34
C LYS C 11 22.74 46.56 13.86
N MET C 12 21.76 47.03 13.13
CA MET C 12 21.64 46.69 11.72
C MET C 12 22.46 47.66 10.91
N ASP C 13 23.52 47.13 10.28
CA ASP C 13 24.50 47.98 9.65
C ASP C 13 24.57 47.61 8.18
N ASN C 14 24.14 48.54 7.28
CA ASN C 14 24.14 48.11 5.91
C ASN C 14 25.28 48.72 5.12
N SER C 15 26.37 48.96 5.80
CA SER C 15 27.47 49.51 5.02
C SER C 15 28.40 48.51 4.40
N GLY C 16 28.33 47.28 4.85
CA GLY C 16 29.17 46.31 4.21
C GLY C 16 28.61 45.82 2.88
N ARG C 17 29.26 44.80 2.32
CA ARG C 17 28.95 44.20 1.06
C ARG C 17 27.56 43.57 1.15
N ARG C 18 26.73 43.86 0.17
CA ARG C 18 25.38 43.32 0.07
C ARG C 18 25.31 42.06 -0.73
N VAL C 19 24.61 41.05 -0.20
CA VAL C 19 24.44 39.77 -0.86
C VAL C 19 22.93 39.56 -0.96
N VAL C 20 22.44 39.27 -2.13
CA VAL C 20 21.02 39.03 -2.44
C VAL C 20 20.74 37.58 -2.78
N ILE C 21 19.70 37.00 -2.15
CA ILE C 21 19.24 35.64 -2.43
C ILE C 21 17.77 35.80 -2.85
N ASP C 22 17.51 35.68 -4.14
CA ASP C 22 16.17 35.73 -4.69
C ASP C 22 16.20 34.95 -6.00
N PRO C 23 15.62 33.77 -6.09
CA PRO C 23 14.75 33.18 -5.09
C PRO C 23 15.44 32.48 -3.97
N VAL C 24 14.80 32.53 -2.80
CA VAL C 24 15.09 31.59 -1.72
C VAL C 24 14.33 30.28 -2.06
N THR C 25 15.01 29.24 -2.41
CA THR C 25 14.30 27.98 -2.76
C THR C 25 14.19 27.07 -1.54
N ARG C 26 13.59 25.94 -1.70
CA ARG C 26 13.45 24.97 -0.63
C ARG C 26 12.74 25.61 0.59
N ILE C 27 11.68 26.37 0.18
CA ILE C 27 10.65 26.88 1.03
C ILE C 27 9.32 26.65 0.38
N GLU C 28 8.23 26.88 1.08
CA GLU C 28 6.97 27.02 0.38
C GLU C 28 6.93 28.49 -0.08
N GLY C 29 6.54 28.70 -1.36
CA GLY C 29 6.21 30.02 -1.82
C GLY C 29 7.44 30.77 -2.21
N HIS C 30 7.42 32.08 -2.03
CA HIS C 30 8.44 32.98 -2.57
C HIS C 30 8.98 33.91 -1.53
N MET C 31 10.31 33.95 -1.40
CA MET C 31 11.02 34.83 -0.49
C MET C 31 12.24 35.40 -1.16
N ARG C 32 12.57 36.64 -0.79
CA ARG C 32 13.85 37.25 -1.06
C ARG C 32 14.54 37.49 0.27
N CYS C 33 15.84 37.31 0.38
CA CYS C 33 16.63 37.70 1.56
C CYS C 33 17.83 38.47 1.13
N GLU C 34 18.14 39.59 1.73
CA GLU C 34 19.35 40.33 1.45
C GLU C 34 20.12 40.44 2.78
N VAL C 35 21.43 40.33 2.73
CA VAL C 35 22.24 40.57 3.90
C VAL C 35 23.38 41.50 3.57
N ASN C 36 23.97 42.07 4.63
CA ASN C 36 25.26 42.77 4.44
C ASN C 36 26.31 42.06 5.28
N VAL C 37 27.54 41.86 4.79
CA VAL C 37 28.57 41.22 5.59
C VAL C 37 29.73 42.20 5.81
N ASP C 38 30.34 42.11 6.98
CA ASP C 38 31.52 42.91 7.29
C ASP C 38 32.76 42.29 6.62
N GLU C 39 33.90 42.91 6.83
CA GLU C 39 35.18 42.61 6.32
C GLU C 39 35.60 41.22 6.73
N ASN C 40 35.02 40.73 7.79
CA ASN C 40 35.27 39.37 8.27
C ASN C 40 34.17 38.40 7.85
N ASN C 41 33.31 38.80 6.90
CA ASN C 41 32.24 37.97 6.33
C ASN C 41 31.24 37.53 7.40
N VAL C 42 31.06 38.38 8.37
CA VAL C 42 30.03 38.22 9.38
C VAL C 42 28.81 39.07 9.01
N ILE C 43 27.64 38.44 9.02
CA ILE C 43 26.40 39.17 8.74
C ILE C 43 26.14 40.27 9.77
N GLN C 44 25.96 41.51 9.30
CA GLN C 44 25.65 42.64 10.16
C GLN C 44 24.37 43.32 9.79
N ASN C 45 23.61 42.80 8.81
CA ASN C 45 22.30 43.28 8.47
C ASN C 45 21.64 42.13 7.73
N ALA C 46 20.34 42.00 7.90
CA ALA C 46 19.53 40.98 7.24
C ALA C 46 18.11 41.55 7.01
N VAL C 47 17.57 41.25 5.85
CA VAL C 47 16.37 41.77 5.31
C VAL C 47 15.49 40.62 4.81
N SER C 48 14.32 40.47 5.43
CA SER C 48 13.34 39.45 5.07
C SER C 48 12.25 40.00 4.20
N THR C 49 12.10 39.57 2.96
CA THR C 49 11.09 40.07 2.07
C THR C 49 10.22 38.94 1.58
N GLY C 50 8.98 38.96 1.90
CA GLY C 50 7.93 38.06 1.35
C GLY C 50 7.58 38.56 -0.06
N THR C 51 7.78 37.76 -1.09
CA THR C 51 7.69 38.20 -2.47
C THR C 51 6.39 37.69 -3.15
N MET C 52 5.37 37.38 -2.41
CA MET C 52 4.08 37.06 -3.02
C MET C 52 2.93 37.57 -2.14
N TRP C 53 1.79 37.81 -2.75
CA TRP C 53 0.54 38.07 -2.05
C TRP C 53 -0.58 37.67 -2.98
N ARG C 54 -1.65 37.12 -2.38
CA ARG C 54 -2.86 36.73 -3.07
C ARG C 54 -4.13 37.47 -2.63
N GLY C 55 -4.24 37.78 -1.33
CA GLY C 55 -5.38 38.56 -0.84
C GLY C 55 -6.56 37.76 -0.40
N LEU C 56 -6.37 36.59 0.27
CA LEU C 56 -7.52 35.80 0.77
C LEU C 56 -8.40 36.59 1.73
N GLU C 57 -7.83 37.50 2.54
CA GLU C 57 -8.64 38.26 3.46
C GLU C 57 -9.62 39.14 2.73
N VAL C 58 -9.19 39.69 1.57
CA VAL C 58 -10.06 40.51 0.72
C VAL C 58 -11.15 39.67 0.02
N ILE C 59 -10.73 38.52 -0.52
CA ILE C 59 -11.58 37.61 -1.23
C ILE C 59 -12.70 37.09 -0.36
N LEU C 60 -12.49 36.91 0.92
CA LEU C 60 -13.49 36.36 1.81
C LEU C 60 -14.66 37.30 2.11
N ARG C 61 -14.43 38.62 1.92
CA ARG C 61 -15.52 39.52 2.27
CA ARG C 61 -15.51 39.55 2.26
C ARG C 61 -16.81 39.25 1.54
N GLY C 62 -17.90 39.26 2.33
CA GLY C 62 -19.22 39.07 1.80
C GLY C 62 -19.63 37.63 1.69
N ARG C 63 -18.75 36.69 1.92
CA ARG C 63 -19.04 35.27 1.75
C ARG C 63 -19.65 34.72 3.03
N ASP C 64 -20.10 33.46 2.92
CA ASP C 64 -20.71 32.77 4.01
C ASP C 64 -19.64 32.20 4.95
N PRO C 65 -19.71 32.49 6.25
CA PRO C 65 -18.78 31.86 7.17
C PRO C 65 -18.66 30.37 7.03
N ARG C 66 -19.67 29.64 6.68
CA ARG C 66 -19.56 28.21 6.56
C ARG C 66 -18.68 27.74 5.42
N ASP C 67 -18.46 28.58 4.44
CA ASP C 67 -17.61 28.28 3.30
C ASP C 67 -16.16 28.65 3.51
N ALA C 68 -15.88 29.50 4.48
CA ALA C 68 -14.59 30.15 4.62
C ALA C 68 -13.48 29.14 4.74
N TRP C 69 -13.71 28.00 5.40
CA TRP C 69 -12.60 27.08 5.69
C TRP C 69 -11.93 26.61 4.38
N ALA C 70 -12.75 26.42 3.32
CA ALA C 70 -12.21 25.84 2.11
C ALA C 70 -11.34 26.86 1.38
N PHE C 71 -11.72 28.14 1.41
CA PHE C 71 -10.92 29.21 0.86
C PHE C 71 -9.60 29.34 1.56
N VAL C 72 -9.68 29.45 2.90
CA VAL C 72 -8.45 29.68 3.65
C VAL C 72 -7.60 28.43 3.71
N GLU C 73 -8.15 27.22 3.53
CA GLU C 73 -7.31 26.04 3.44
C GLU C 73 -6.29 26.25 2.32
N ARG C 74 -6.70 26.88 1.25
CA ARG C 74 -5.82 27.14 0.09
C ARG C 74 -4.83 28.27 0.32
N ILE C 75 -4.76 28.80 1.55
CA ILE C 75 -3.58 29.62 1.85
C ILE C 75 -2.32 28.81 1.70
N CYS C 76 -2.41 27.48 2.00
CA CYS C 76 -1.20 26.70 1.98
C CYS C 76 -1.47 25.22 1.81
N GLY C 77 -0.71 24.63 0.84
CA GLY C 77 -0.86 23.21 0.56
C GLY C 77 0.15 22.38 1.26
N VAL C 78 1.11 23.02 1.92
CA VAL C 78 2.14 22.33 2.74
C VAL C 78 1.55 22.11 4.13
N CYS C 79 1.13 23.22 4.79
CA CYS C 79 0.42 23.09 6.04
C CYS C 79 -1.06 22.96 5.76
N THR C 80 -1.38 21.91 4.92
CA THR C 80 -2.73 21.73 4.46
C THR C 80 -3.67 21.26 5.54
N GLY C 81 -4.74 22.03 5.71
CA GLY C 81 -5.73 21.78 6.70
C GLY C 81 -5.69 22.64 7.93
N CYS C 82 -4.50 23.14 8.28
CA CYS C 82 -4.44 23.90 9.52
C CYS C 82 -5.26 25.17 9.43
N HIS C 83 -5.33 25.80 8.27
CA HIS C 83 -6.18 26.99 8.12
C HIS C 83 -7.63 26.63 8.10
N ALA C 84 -8.00 25.46 7.58
CA ALA C 84 -9.38 25.01 7.68
C ALA C 84 -9.80 24.83 9.13
N LEU C 85 -8.88 24.23 9.91
CA LEU C 85 -9.14 24.02 11.35
C LEU C 85 -9.31 25.34 12.08
N ALA C 86 -8.41 26.32 11.81
CA ALA C 86 -8.46 27.61 12.41
C ALA C 86 -9.81 28.28 12.07
N SER C 87 -10.23 28.14 10.81
CA SER C 87 -11.44 28.77 10.32
C SER C 87 -12.69 28.24 10.98
N VAL C 88 -12.88 26.92 11.00
CA VAL C 88 -14.04 26.35 11.61
C VAL C 88 -14.03 26.66 13.11
N ARG C 89 -12.88 26.63 13.76
CA ARG C 89 -12.82 27.06 15.13
C ARG C 89 -13.23 28.51 15.32
N ALA C 90 -12.83 29.42 14.45
CA ALA C 90 -13.15 30.82 14.57
C ALA C 90 -14.68 30.99 14.41
N VAL C 91 -15.26 30.30 13.45
CA VAL C 91 -16.71 30.40 13.27
C VAL C 91 -17.45 29.82 14.46
N GLU C 92 -17.01 28.69 14.93
CA GLU C 92 -17.60 28.06 16.11
C GLU C 92 -17.48 28.93 17.30
N ASP C 93 -16.35 29.62 17.48
CA ASP C 93 -16.15 30.56 18.59
C ASP C 93 -17.15 31.71 18.47
N ALA C 94 -17.29 32.28 17.29
CA ALA C 94 -18.21 33.40 17.08
C ALA C 94 -19.65 33.01 17.40
N LEU C 95 -20.04 31.81 17.03
CA LEU C 95 -21.42 31.40 17.06
C LEU C 95 -21.78 30.53 18.29
N ASP C 96 -20.76 30.34 19.16
CA ASP C 96 -20.93 29.53 20.38
C ASP C 96 -21.42 28.12 20.04
N ILE C 97 -20.72 27.48 19.09
CA ILE C 97 -20.98 26.09 18.75
C ILE C 97 -19.94 25.21 19.42
N LYS C 98 -20.46 24.21 20.15
CA LYS C 98 -19.60 23.19 20.73
C LYS C 98 -19.78 21.93 19.86
N ILE C 99 -18.70 21.29 19.55
CA ILE C 99 -18.69 20.14 18.71
C ILE C 99 -18.54 18.85 19.49
N PRO C 100 -19.02 17.70 18.94
CA PRO C 100 -18.92 16.45 19.66
C PRO C 100 -17.47 16.05 19.88
N HIS C 101 -17.27 15.27 20.92
CA HIS C 101 -15.88 14.86 21.30
CA HIS C 101 -15.94 14.75 21.29
C HIS C 101 -15.23 14.13 20.11
N ASN C 102 -15.95 13.26 19.36
CA ASN C 102 -15.28 12.57 18.23
C ASN C 102 -14.80 13.52 17.17
N ALA C 103 -15.51 14.65 17.00
CA ALA C 103 -15.08 15.65 16.05
C ALA C 103 -13.81 16.34 16.54
N THR C 104 -13.77 16.66 17.83
CA THR C 104 -12.56 17.20 18.42
C THR C 104 -11.39 16.27 18.19
N LEU C 105 -11.57 14.99 18.47
CA LEU C 105 -10.55 14.00 18.34
C LEU C 105 -10.08 13.81 16.86
N ILE C 106 -11.04 13.73 15.95
CA ILE C 106 -10.66 13.52 14.57
C ILE C 106 -9.91 14.72 14.03
N ARG C 107 -10.33 15.94 14.39
CA ARG C 107 -9.61 17.14 14.00
C ARG C 107 -8.20 17.11 14.58
N GLU C 108 -7.99 16.68 15.83
CA GLU C 108 -6.65 16.59 16.41
C GLU C 108 -5.85 15.48 15.70
N ILE C 109 -6.45 14.36 15.36
CA ILE C 109 -5.74 13.32 14.65
C ILE C 109 -5.27 13.86 13.29
N MET C 110 -6.15 14.58 12.62
CA MET C 110 -5.72 15.21 11.34
C MET C 110 -4.63 16.23 11.56
N ALA C 111 -4.70 16.99 12.65
CA ALA C 111 -3.68 17.98 12.90
C ALA C 111 -2.32 17.33 13.17
N LYS C 112 -2.29 16.24 13.93
CA LYS C 112 -1.07 15.56 14.25
C LYS C 112 -0.52 14.81 13.05
N THR C 113 -1.39 14.28 12.20
CA THR C 113 -0.94 13.74 10.94
C THR C 113 -0.21 14.77 10.12
N LEU C 114 -0.77 15.99 10.03
CA LEU C 114 -0.14 17.08 9.33
C LEU C 114 1.24 17.41 9.94
N GLN C 115 1.27 17.51 11.29
CA GLN C 115 2.55 17.83 11.94
C GLN C 115 3.62 16.87 11.51
N ILE C 116 3.31 15.59 11.54
CA ILE C 116 4.31 14.53 11.25
C ILE C 116 4.74 14.63 9.79
N HIS C 117 3.72 14.64 8.91
CA HIS C 117 4.03 14.71 7.49
C HIS C 117 4.89 15.92 7.14
N ASP C 118 4.45 17.09 7.61
CA ASP C 118 5.04 18.35 7.33
C ASP C 118 6.45 18.37 7.92
N HIS C 119 6.64 17.98 9.15
CA HIS C 119 7.97 18.00 9.73
C HIS C 119 8.95 17.11 9.03
N ILE C 120 8.55 15.87 8.71
CA ILE C 120 9.43 14.92 8.04
C ILE C 120 9.83 15.44 6.61
N VAL C 121 8.86 15.87 5.84
CA VAL C 121 9.16 16.38 4.50
C VAL C 121 9.99 17.64 4.59
N HIS C 122 9.73 18.52 5.56
CA HIS C 122 10.56 19.70 5.70
C HIS C 122 11.99 19.26 5.91
N PHE C 123 12.25 18.44 6.90
CA PHE C 123 13.65 18.14 7.30
C PHE C 123 14.35 17.50 6.10
N TYR C 124 13.78 16.44 5.51
CA TYR C 124 14.52 15.77 4.44
C TYR C 124 14.52 16.53 3.14
N HIS C 125 13.35 16.96 2.68
CA HIS C 125 13.28 17.41 1.32
C HIS C 125 13.52 18.89 1.16
N LEU C 126 13.40 19.68 2.20
CA LEU C 126 13.72 21.12 2.05
CA LEU C 126 13.67 21.10 2.18
C LEU C 126 14.96 21.48 2.87
N HIS C 127 15.15 20.92 4.07
CA HIS C 127 16.28 21.36 4.90
C HIS C 127 17.57 20.64 4.66
N ALA C 128 17.49 19.32 4.42
CA ALA C 128 18.67 18.47 4.56
C ALA C 128 19.80 18.91 3.66
N LEU C 129 19.49 19.42 2.48
CA LEU C 129 20.53 19.82 1.58
C LEU C 129 21.28 21.05 2.04
N ASP C 130 20.98 21.65 3.18
CA ASP C 130 21.83 22.64 3.82
C ASP C 130 22.89 22.02 4.75
N TRP C 131 22.75 20.73 5.00
CA TRP C 131 23.61 20.00 5.88
C TRP C 131 24.30 18.81 5.25
N VAL C 132 23.75 18.31 4.16
CA VAL C 132 24.11 17.10 3.46
C VAL C 132 24.59 17.43 2.05
N ASN C 133 25.73 16.79 1.73
CA ASN C 133 26.33 16.99 0.43
C ASN C 133 26.21 15.70 -0.37
N PRO C 134 25.27 15.62 -1.30
CA PRO C 134 25.07 14.33 -1.98
C PRO C 134 26.28 13.93 -2.83
N VAL C 135 27.04 14.93 -3.30
CA VAL C 135 28.21 14.53 -4.12
C VAL C 135 29.25 13.82 -3.29
N ASN C 136 29.41 14.31 -2.06
CA ASN C 136 30.35 13.73 -1.11
C ASN C 136 29.93 12.32 -0.72
N ALA C 137 28.63 12.03 -0.68
CA ALA C 137 28.13 10.69 -0.43
C ALA C 137 28.76 9.66 -1.37
N LEU C 138 29.16 10.08 -2.57
CA LEU C 138 29.71 9.16 -3.53
C LEU C 138 31.04 8.66 -3.10
N LYS C 139 31.69 9.29 -2.12
CA LYS C 139 33.00 8.88 -1.66
C LYS C 139 32.91 7.93 -0.48
N ALA C 140 31.70 7.68 0.03
CA ALA C 140 31.49 6.91 1.23
C ALA C 140 31.86 5.42 1.09
N ASP C 141 32.36 4.82 2.15
CA ASP C 141 32.53 3.35 2.19
C ASP C 141 31.23 2.74 2.66
N PRO C 142 30.63 1.88 1.83
CA PRO C 142 29.33 1.33 2.25
C PRO C 142 29.39 0.57 3.57
N GLN C 143 30.44 -0.17 3.93
CA GLN C 143 30.53 -0.89 5.17
C GLN C 143 30.57 0.11 6.32
N ALA C 144 31.37 1.15 6.14
CA ALA C 144 31.42 2.10 7.24
C ALA C 144 30.10 2.87 7.35
N THR C 145 29.39 3.04 6.24
CA THR C 145 28.07 3.67 6.32
C THR C 145 27.12 2.82 7.16
N SER C 146 27.13 1.50 6.97
CA SER C 146 26.32 0.55 7.76
C SER C 146 26.68 0.66 9.20
N GLU C 147 27.96 0.75 9.55
CA GLU C 147 28.36 0.89 10.94
C GLU C 147 27.84 2.17 11.55
N LEU C 148 27.90 3.27 10.78
CA LEU C 148 27.32 4.50 11.27
C LEU C 148 25.81 4.37 11.53
N GLN C 149 25.10 3.83 10.56
CA GLN C 149 23.66 3.63 10.59
C GLN C 149 23.31 2.83 11.85
N LYS C 150 24.00 1.76 12.19
CA LYS C 150 23.71 0.93 13.32
C LYS C 150 23.87 1.70 14.63
N LEU C 151 24.86 2.62 14.69
CA LEU C 151 25.04 3.50 15.83
CA LEU C 151 25.06 3.51 15.80
C LEU C 151 23.95 4.58 15.89
N VAL C 152 23.66 5.19 14.76
CA VAL C 152 22.69 6.27 14.77
C VAL C 152 21.31 5.75 15.19
N SER C 153 20.86 4.59 14.75
CA SER C 153 19.53 4.07 14.97
C SER C 153 19.56 2.55 14.95
N PRO C 154 19.90 1.95 16.04
CA PRO C 154 20.05 0.48 16.03
C PRO C 154 18.83 -0.28 15.66
N HIS C 155 17.61 0.19 15.88
CA HIS C 155 16.41 -0.54 15.56
C HIS C 155 16.00 -0.43 14.09
N HIS C 156 16.53 0.56 13.40
CA HIS C 156 16.09 0.67 12.00
C HIS C 156 16.57 -0.52 11.18
N PRO C 157 15.71 -1.27 10.52
CA PRO C 157 16.22 -2.45 9.84
C PRO C 157 17.14 -2.24 8.65
N MET C 158 17.06 -1.08 7.98
CA MET C 158 17.62 -0.82 6.65
CA MET C 158 17.66 -0.95 6.66
C MET C 158 19.08 -0.41 6.75
N SER C 159 19.99 -1.32 7.02
CA SER C 159 21.35 -0.94 7.24
C SER C 159 22.36 -1.71 6.46
N SER C 160 22.00 -2.65 5.55
CA SER C 160 22.99 -3.47 4.89
CA SER C 160 23.05 -3.48 5.00
C SER C 160 24.01 -2.64 4.14
N PRO C 161 25.29 -3.03 4.24
CA PRO C 161 26.29 -2.37 3.37
C PRO C 161 25.86 -2.39 1.92
N GLY C 162 25.30 -3.54 1.46
CA GLY C 162 24.91 -3.66 0.08
C GLY C 162 23.80 -2.75 -0.33
N TYR C 163 22.90 -2.44 0.62
CA TYR C 163 21.86 -1.43 0.40
C TYR C 163 22.47 -0.06 0.23
N PHE C 164 23.36 0.33 1.16
CA PHE C 164 24.00 1.64 0.97
C PHE C 164 24.80 1.68 -0.31
N LYS C 165 25.46 0.58 -0.69
CA LYS C 165 26.22 0.56 -1.97
C LYS C 165 25.27 0.74 -3.15
N ASP C 166 24.11 0.08 -3.15
CA ASP C 166 23.12 0.20 -4.19
C ASP C 166 22.60 1.62 -4.33
N ILE C 167 22.34 2.27 -3.20
CA ILE C 167 21.92 3.71 -3.24
C ILE C 167 23.02 4.53 -3.86
N GLN C 168 24.23 4.28 -3.40
CA GLN C 168 25.37 5.00 -3.98
C GLN C 168 25.53 4.80 -5.51
N ILE C 169 25.36 3.57 -5.93
CA ILE C 169 25.38 3.30 -7.38
C ILE C 169 24.31 4.10 -8.06
N ARG C 170 23.12 4.21 -7.53
CA ARG C 170 22.06 4.97 -8.18
C ARG C 170 22.40 6.44 -8.24
N ILE C 171 22.92 7.02 -7.15
CA ILE C 171 23.37 8.40 -7.15
CA ILE C 171 23.27 8.44 -7.27
C ILE C 171 24.47 8.64 -8.15
N GLN C 172 25.43 7.74 -8.19
CA GLN C 172 26.53 7.86 -9.10
C GLN C 172 26.09 7.87 -10.57
N LYS C 173 25.11 7.00 -10.85
CA LYS C 173 24.58 6.95 -12.20
C LYS C 173 23.91 8.27 -12.62
N PHE C 174 23.15 8.83 -11.68
CA PHE C 174 22.49 10.11 -11.85
C PHE C 174 23.53 11.21 -12.14
N VAL C 175 24.56 11.28 -11.28
CA VAL C 175 25.64 12.28 -11.42
C VAL C 175 26.32 12.05 -12.75
N ASP C 176 26.59 10.83 -13.15
CA ASP C 176 27.31 10.50 -14.34
C ASP C 176 26.57 10.82 -15.60
N SER C 177 25.25 10.91 -15.46
CA SER C 177 24.42 11.26 -16.59
C SER C 177 24.61 12.70 -17.06
N GLY C 178 25.14 13.53 -16.17
CA GLY C 178 25.37 14.92 -16.45
C GLY C 178 24.09 15.76 -16.37
N GLN C 179 22.99 15.16 -15.96
CA GLN C 179 21.70 15.85 -15.81
C GLN C 179 21.48 15.84 -14.29
N LEU C 180 22.01 16.85 -13.65
CA LEU C 180 22.09 16.83 -12.18
C LEU C 180 20.82 17.30 -11.50
N GLY C 181 19.87 17.81 -12.27
CA GLY C 181 18.52 18.07 -11.73
C GLY C 181 18.56 18.94 -10.48
N ILE C 182 17.93 18.47 -9.41
CA ILE C 182 17.76 19.26 -8.19
C ILE C 182 19.04 19.47 -7.48
N PHE C 183 20.08 18.75 -7.88
CA PHE C 183 21.37 18.97 -7.27
C PHE C 183 22.25 19.97 -8.03
N LYS C 184 21.80 20.35 -9.19
CA LYS C 184 22.57 21.17 -10.07
C LYS C 184 22.90 22.51 -9.40
N ASN C 185 24.15 22.87 -9.49
CA ASN C 185 24.82 24.10 -9.04
C ASN C 185 24.68 24.23 -7.54
N GLY C 186 24.54 23.15 -6.83
CA GLY C 186 24.53 23.25 -5.41
C GLY C 186 25.93 23.71 -4.92
N TYR C 187 26.05 24.15 -3.70
CA TYR C 187 27.30 24.74 -3.18
C TYR C 187 28.22 23.68 -2.59
N TRP C 188 28.43 22.62 -3.37
CA TRP C 188 28.96 21.38 -2.76
C TRP C 188 30.44 21.40 -2.40
N SER C 189 31.11 22.44 -2.92
CA SER C 189 32.54 22.59 -2.54
C SER C 189 32.72 23.53 -1.34
N ASN C 190 31.61 24.05 -0.80
CA ASN C 190 31.72 24.94 0.31
C ASN C 190 32.09 24.18 1.57
N PRO C 191 33.14 24.57 2.28
CA PRO C 191 33.52 23.93 3.55
C PRO C 191 32.50 24.04 4.66
N ALA C 192 31.42 24.79 4.49
CA ALA C 192 30.32 24.77 5.43
C ALA C 192 29.68 23.38 5.61
N TYR C 193 29.81 22.52 4.60
CA TYR C 193 29.33 21.15 4.70
C TYR C 193 30.32 20.31 5.53
N LYS C 194 29.86 19.79 6.68
CA LYS C 194 30.71 19.16 7.62
C LYS C 194 30.45 17.69 7.78
N LEU C 195 29.47 17.06 7.14
CA LEU C 195 29.34 15.61 7.32
C LEU C 195 30.50 14.83 6.71
N SER C 196 30.75 13.67 7.33
CA SER C 196 31.57 12.69 6.62
C SER C 196 30.87 12.13 5.38
N PRO C 197 31.58 11.53 4.43
CA PRO C 197 30.92 10.86 3.31
C PRO C 197 29.87 9.84 3.75
N GLU C 198 30.18 9.07 4.81
CA GLU C 198 29.25 8.05 5.27
C GLU C 198 28.00 8.68 5.79
N ALA C 199 28.13 9.81 6.52
CA ALA C 199 26.91 10.44 7.05
C ALA C 199 26.10 11.04 5.92
N ASP C 200 26.78 11.62 4.92
CA ASP C 200 26.09 12.10 3.72
C ASP C 200 25.35 10.99 3.05
N LEU C 201 25.95 9.80 2.85
CA LEU C 201 25.25 8.70 2.21
C LEU C 201 24.07 8.21 3.04
N MET C 202 24.25 8.09 4.34
CA MET C 202 23.16 7.69 5.21
C MET C 202 22.02 8.69 5.00
N ALA C 203 22.31 9.97 5.01
CA ALA C 203 21.23 10.97 4.98
C ALA C 203 20.57 10.98 3.63
N VAL C 204 21.27 10.83 2.53
CA VAL C 204 20.64 10.71 1.18
C VAL C 204 19.78 9.49 1.15
N THR C 205 20.21 8.39 1.71
CA THR C 205 19.41 7.19 1.75
C THR C 205 18.10 7.46 2.45
N HIS C 206 18.15 8.18 3.54
CA HIS C 206 16.99 8.50 4.34
C HIS C 206 16.13 9.51 3.68
N TYR C 207 16.67 10.45 2.92
CA TYR C 207 15.90 11.34 2.05
C TYR C 207 14.99 10.53 1.15
N LEU C 208 15.52 9.49 0.52
CA LEU C 208 14.71 8.65 -0.35
C LEU C 208 13.70 7.82 0.45
N GLU C 209 14.08 7.28 1.59
CA GLU C 209 13.13 6.55 2.42
C GLU C 209 12.02 7.49 2.84
N ALA C 210 12.33 8.70 3.19
CA ALA C 210 11.28 9.64 3.63
C ALA C 210 10.37 10.03 2.54
N LEU C 211 10.89 10.15 1.30
CA LEU C 211 10.04 10.45 0.14
C LEU C 211 9.05 9.35 -0.08
N ASP C 212 9.48 8.09 0.09
CA ASP C 212 8.55 6.94 0.00
C ASP C 212 7.57 6.89 1.14
N PHE C 213 8.00 7.18 2.37
CA PHE C 213 7.15 7.07 3.49
C PHE C 213 6.06 8.14 3.51
N GLN C 214 6.39 9.36 3.15
CA GLN C 214 5.51 10.48 3.49
C GLN C 214 4.14 10.35 2.86
N LYS C 215 4.03 9.68 1.68
CA LYS C 215 2.75 9.52 1.05
C LYS C 215 1.80 8.60 1.87
N GLU C 216 2.36 7.78 2.75
CA GLU C 216 1.55 6.87 3.50
C GLU C 216 0.79 7.55 4.61
N ILE C 217 1.45 8.42 5.39
CA ILE C 217 0.81 8.93 6.62
C ILE C 217 -0.40 9.78 6.30
N VAL C 218 -0.35 10.49 5.16
CA VAL C 218 -1.47 11.37 4.78
C VAL C 218 -2.70 10.60 4.36
N LYS C 219 -2.62 9.26 4.24
CA LYS C 219 -3.83 8.47 4.06
C LYS C 219 -4.80 8.65 5.22
N ILE C 220 -4.32 9.07 6.40
CA ILE C 220 -5.20 9.40 7.51
C ILE C 220 -6.07 10.57 7.14
N HIS C 221 -5.49 11.60 6.50
CA HIS C 221 -6.30 12.70 5.96
C HIS C 221 -7.26 12.23 4.90
N ALA C 222 -6.87 11.31 4.03
CA ALA C 222 -7.79 10.83 3.00
C ALA C 222 -8.98 10.13 3.65
N ILE C 223 -8.75 9.34 4.72
CA ILE C 223 -9.85 8.62 5.36
C ILE C 223 -10.80 9.60 6.01
N PHE C 224 -10.29 10.52 6.85
CA PHE C 224 -11.19 11.40 7.60
C PHE C 224 -11.67 12.58 6.80
N GLY C 225 -10.96 13.01 5.78
CA GLY C 225 -11.17 14.25 5.05
C GLY C 225 -11.20 14.10 3.56
N GLY C 226 -11.20 12.89 3.01
CA GLY C 226 -11.40 12.67 1.58
C GLY C 226 -10.19 12.67 0.73
N LYS C 227 -9.17 13.51 1.05
CA LYS C 227 -8.05 13.76 0.15
C LYS C 227 -6.98 14.48 0.89
N ASN C 228 -5.77 14.39 0.45
CA ASN C 228 -4.60 15.10 0.82
C ASN C 228 -3.72 15.35 -0.43
N PRO C 229 -3.33 16.57 -0.68
CA PRO C 229 -3.65 17.80 0.08
C PRO C 229 -5.10 18.18 0.07
N HIS C 230 -5.40 19.06 0.98
CA HIS C 230 -6.64 19.84 1.13
C HIS C 230 -7.84 18.94 1.52
N PRO C 231 -7.77 18.29 2.67
CA PRO C 231 -8.90 17.55 3.20
C PRO C 231 -10.07 18.43 3.58
N ASN C 232 -11.24 17.85 3.60
CA ASN C 232 -12.44 18.59 3.97
C ASN C 232 -12.64 18.70 5.45
N TYR C 233 -13.24 19.83 5.85
CA TYR C 233 -13.66 20.15 7.22
C TYR C 233 -15.12 20.63 7.11
N MET C 234 -15.76 20.93 8.28
CA MET C 234 -17.03 21.64 8.25
C MET C 234 -17.27 22.32 9.59
N VAL C 235 -18.08 23.36 9.55
CA VAL C 235 -18.48 24.00 10.82
C VAL C 235 -19.42 23.09 11.59
N GLY C 236 -19.11 22.86 12.85
CA GLY C 236 -19.91 22.10 13.78
C GLY C 236 -19.55 20.66 13.92
N GLY C 237 -18.55 20.14 13.22
CA GLY C 237 -18.22 18.75 13.40
C GLY C 237 -17.20 18.30 12.33
N VAL C 238 -17.28 17.00 12.01
CA VAL C 238 -16.50 16.45 10.91
C VAL C 238 -17.47 15.73 10.00
N PRO C 239 -17.23 15.72 8.66
CA PRO C 239 -18.21 15.09 7.76
C PRO C 239 -18.12 13.59 7.72
N CYS C 240 -17.08 13.00 8.28
CA CYS C 240 -16.83 11.57 8.17
C CYS C 240 -17.61 10.78 9.22
N ALA C 241 -18.91 10.62 8.93
CA ALA C 241 -19.82 9.94 9.83
C ALA C 241 -19.39 8.49 10.10
N ILE C 242 -19.68 8.07 11.31
CA ILE C 242 -19.22 6.77 11.86
C ILE C 242 -20.38 5.83 11.94
N ASN C 243 -20.16 4.61 11.45
CA ASN C 243 -21.14 3.49 11.54
C ASN C 243 -20.35 2.20 11.57
N ILE C 244 -20.12 1.63 12.72
CA ILE C 244 -19.26 0.44 12.79
C ILE C 244 -20.05 -0.83 12.52
N ASP C 245 -21.29 -0.94 13.02
CA ASP C 245 -21.94 -2.26 12.90
CA ASP C 245 -22.05 -2.20 13.29
C ASP C 245 -23.45 -2.16 12.66
N GLY C 246 -23.89 -1.07 12.08
CA GLY C 246 -25.28 -0.89 11.72
C GLY C 246 -25.49 -1.07 10.25
N ASP C 247 -26.77 -0.92 9.84
CA ASP C 247 -27.16 -1.02 8.47
C ASP C 247 -26.32 -0.08 7.61
N MET C 248 -25.77 -0.67 6.53
CA MET C 248 -24.99 -0.02 5.48
C MET C 248 -23.66 0.52 6.02
N ALA C 249 -23.09 -0.07 7.09
CA ALA C 249 -21.82 0.37 7.64
C ALA C 249 -20.70 0.42 6.61
N ALA C 250 -20.64 -0.54 5.69
CA ALA C 250 -19.56 -0.55 4.72
C ALA C 250 -19.54 0.70 3.84
N GLY C 251 -20.69 1.31 3.63
CA GLY C 251 -20.76 2.55 2.92
C GLY C 251 -20.68 3.84 3.70
N ALA C 252 -20.51 3.77 5.03
CA ALA C 252 -20.29 4.96 5.83
C ALA C 252 -18.83 5.40 5.66
N PRO C 253 -18.57 6.71 5.82
CA PRO C 253 -17.20 7.17 5.86
C PRO C 253 -16.27 6.39 6.77
N ILE C 254 -16.68 6.16 8.03
CA ILE C 254 -15.83 5.51 8.99
C ILE C 254 -16.54 4.26 9.46
N ASN C 255 -15.89 3.12 9.26
CA ASN C 255 -16.39 1.79 9.66
C ASN C 255 -15.21 1.04 10.22
N MET C 256 -15.41 -0.24 10.54
CA MET C 256 -14.33 -1.00 11.18
C MET C 256 -13.09 -1.06 10.36
N GLU C 257 -13.21 -1.28 9.04
CA GLU C 257 -12.09 -1.42 8.15
C GLU C 257 -11.31 -0.10 8.09
N ARG C 258 -12.00 1.01 8.05
CA ARG C 258 -11.34 2.31 7.99
C ARG C 258 -10.60 2.57 9.26
N LEU C 259 -11.17 2.22 10.43
CA LEU C 259 -10.48 2.38 11.71
C LEU C 259 -9.22 1.55 11.75
N ASN C 260 -9.32 0.27 11.29
CA ASN C 260 -8.10 -0.57 11.24
C ASN C 260 -7.00 0.07 10.37
N PHE C 261 -7.42 0.67 9.26
CA PHE C 261 -6.47 1.34 8.39
C PHE C 261 -5.77 2.47 9.11
N VAL C 262 -6.55 3.32 9.82
CA VAL C 262 -5.97 4.43 10.57
C VAL C 262 -4.99 3.91 11.62
N LYS C 263 -5.33 2.86 12.36
CA LYS C 263 -4.40 2.29 13.30
C LYS C 263 -3.08 1.96 12.67
N SER C 264 -3.09 1.25 11.53
CA SER C 264 -1.91 0.83 10.84
CA SER C 264 -1.87 0.85 10.88
C SER C 264 -1.04 2.05 10.46
N LEU C 265 -1.69 3.07 9.94
CA LEU C 265 -0.96 4.27 9.48
C LEU C 265 -0.34 5.03 10.62
N ILE C 266 -1.01 5.13 11.72
CA ILE C 266 -0.46 5.77 12.92
C ILE C 266 0.85 5.10 13.37
N GLU C 267 0.74 3.74 13.43
CA GLU C 267 1.92 3.00 13.89
C GLU C 267 3.10 3.15 12.95
N GLN C 268 2.86 3.17 11.64
CA GLN C 268 3.90 3.37 10.68
C GLN C 268 4.59 4.72 10.86
N GLY C 269 3.80 5.74 11.15
CA GLY C 269 4.37 7.04 11.40
C GLY C 269 5.20 7.11 12.65
N ARG C 270 4.70 6.51 13.72
CA ARG C 270 5.46 6.48 14.99
C ARG C 270 6.82 5.84 14.77
N THR C 271 6.83 4.71 14.04
CA THR C 271 8.05 3.99 13.79
C THR C 271 9.03 4.84 12.96
N PHE C 272 8.55 5.53 11.94
CA PHE C 272 9.46 6.37 11.15
C PHE C 272 10.03 7.52 12.01
N ASN C 273 9.22 8.15 12.84
CA ASN C 273 9.73 9.16 13.71
C ASN C 273 10.88 8.72 14.61
N THR C 274 10.65 7.57 15.25
CA THR C 274 11.61 7.14 16.24
CA THR C 274 11.54 7.02 16.25
C THR C 274 12.79 6.41 15.62
N ASN C 275 12.60 5.73 14.49
CA ASN C 275 13.73 4.95 13.92
C ASN C 275 14.51 5.70 12.86
N VAL C 276 13.94 6.72 12.24
CA VAL C 276 14.61 7.38 11.14
C VAL C 276 14.84 8.89 11.44
N TYR C 277 13.75 9.63 11.66
CA TYR C 277 13.82 11.10 11.70
C TYR C 277 14.56 11.58 12.93
N VAL C 278 14.07 11.31 14.11
CA VAL C 278 14.72 11.85 15.30
C VAL C 278 16.19 11.41 15.41
N PRO C 279 16.51 10.14 15.19
CA PRO C 279 17.94 9.78 15.31
C PRO C 279 18.79 10.57 14.27
N ASP C 280 18.30 10.82 13.08
CA ASP C 280 19.09 11.54 12.09
C ASP C 280 19.36 12.96 12.54
N VAL C 281 18.37 13.65 13.07
CA VAL C 281 18.58 15.07 13.44
C VAL C 281 19.59 15.12 14.56
N ILE C 282 19.50 14.17 15.52
CA ILE C 282 20.47 14.18 16.60
C ILE C 282 21.87 13.96 16.07
N ALA C 283 22.00 12.98 15.22
CA ALA C 283 23.34 12.62 14.74
C ALA C 283 23.94 13.75 13.92
N ILE C 284 23.11 14.32 12.99
CA ILE C 284 23.62 15.44 12.18
C ILE C 284 23.99 16.60 13.08
N ALA C 285 23.17 16.84 14.10
CA ALA C 285 23.53 17.91 15.02
C ALA C 285 24.92 17.67 15.59
N ALA C 286 25.24 16.44 15.96
CA ALA C 286 26.58 16.19 16.50
C ALA C 286 27.66 16.47 15.51
N PHE C 287 27.48 16.16 14.25
CA PHE C 287 28.52 16.51 13.30
C PHE C 287 28.63 18.00 13.27
N TYR C 288 27.61 18.76 13.55
CA TYR C 288 27.65 20.22 13.48
C TYR C 288 27.74 20.81 14.88
N ARG C 289 28.30 20.12 15.84
CA ARG C 289 28.37 20.54 17.23
C ARG C 289 29.07 21.87 17.48
N ASP C 290 29.92 22.27 16.55
CA ASP C 290 30.66 23.49 16.74
C ASP C 290 29.99 24.60 15.95
N TRP C 291 28.78 24.41 15.45
CA TRP C 291 28.07 25.43 14.62
C TRP C 291 26.73 25.76 15.31
N LEU C 292 26.82 26.66 16.27
CA LEU C 292 25.73 26.89 17.21
C LEU C 292 25.09 28.23 16.94
N TYR C 293 25.27 28.77 15.74
CA TYR C 293 24.67 30.02 15.28
C TYR C 293 23.17 29.85 15.08
N GLY C 294 22.46 30.95 14.98
CA GLY C 294 21.11 31.08 14.45
C GLY C 294 20.08 31.19 15.51
N GLY C 295 20.33 31.32 16.81
CA GLY C 295 19.33 31.39 17.86
C GLY C 295 18.45 32.57 17.69
N GLY C 296 18.90 33.75 17.31
CA GLY C 296 17.95 34.84 17.14
C GLY C 296 17.23 35.18 18.43
N LEU C 297 15.91 35.36 18.23
CA LEU C 297 14.99 35.66 19.32
C LEU C 297 14.68 34.49 20.18
N SER C 298 15.02 33.26 19.80
CA SER C 298 14.56 32.08 20.51
C SER C 298 15.02 32.04 21.97
N ALA C 299 16.13 32.73 22.17
CA ALA C 299 16.64 32.77 23.54
C ALA C 299 15.88 33.74 24.42
N THR C 300 15.14 34.64 23.78
CA THR C 300 14.58 35.71 24.57
C THR C 300 13.07 35.74 24.53
N ASN C 301 12.43 35.75 23.37
CA ASN C 301 11.05 36.06 23.16
C ASN C 301 10.40 34.96 22.30
N VAL C 302 9.57 34.13 22.89
CA VAL C 302 8.87 33.07 22.15
C VAL C 302 7.41 33.05 22.57
N MET C 303 6.54 32.56 21.68
CA MET C 303 5.12 32.55 21.92
C MET C 303 4.44 31.42 21.17
N ASP C 304 3.44 30.86 21.73
CA ASP C 304 2.47 29.94 21.07
C ASP C 304 1.12 30.15 21.76
N TYR C 305 -0.03 29.91 21.08
CA TYR C 305 -1.34 29.97 21.73
C TYR C 305 -1.61 28.72 22.60
N GLY C 306 -0.93 27.63 22.41
CA GLY C 306 -1.11 26.41 23.15
C GLY C 306 -2.13 25.52 22.48
N ALA C 307 -1.90 24.21 22.58
CA ALA C 307 -2.73 23.26 21.89
C ALA C 307 -2.79 21.90 22.57
N TYR C 308 -3.72 21.10 22.04
CA TYR C 308 -3.92 19.69 22.33
C TYR C 308 -4.29 19.46 23.79
N PRO C 309 -5.43 19.99 24.21
CA PRO C 309 -5.87 19.82 25.61
C PRO C 309 -6.32 18.38 25.82
N LYS C 310 -5.79 17.75 26.86
CA LYS C 310 -6.24 16.41 27.18
C LYS C 310 -7.72 16.41 27.56
N THR C 311 -8.18 17.48 28.15
CA THR C 311 -9.64 17.66 28.34
C THR C 311 -10.22 18.64 27.29
N PRO C 312 -11.12 18.26 26.35
CA PRO C 312 -11.63 19.22 25.38
C PRO C 312 -12.04 20.52 26.06
N TYR C 313 -11.68 21.65 25.52
CA TYR C 313 -12.08 22.98 25.90
C TYR C 313 -11.50 23.44 27.22
N ASP C 314 -10.47 22.77 27.72
CA ASP C 314 -9.77 23.15 28.95
C ASP C 314 -8.30 23.36 28.72
N LYS C 315 -7.93 24.62 28.45
CA LYS C 315 -6.57 24.92 28.00
C LYS C 315 -5.55 24.67 29.09
N SER C 316 -5.91 24.54 30.35
CA SER C 316 -4.88 24.24 31.32
C SER C 316 -4.35 22.82 31.18
N THR C 317 -5.01 22.01 30.33
CA THR C 317 -4.68 20.67 30.03
C THR C 317 -3.93 20.57 28.66
N ASP C 318 -3.61 21.69 28.01
CA ASP C 318 -2.86 21.68 26.74
C ASP C 318 -1.56 20.85 26.89
N GLN C 319 -1.33 19.89 25.98
CA GLN C 319 -0.10 19.10 25.98
C GLN C 319 1.09 19.82 25.38
N LEU C 320 0.82 20.88 24.64
CA LEU C 320 1.79 21.89 24.23
C LEU C 320 1.23 23.21 24.73
N PRO C 321 1.51 23.49 26.01
CA PRO C 321 0.92 24.72 26.57
C PRO C 321 1.59 25.98 26.01
N GLY C 322 0.75 26.98 25.89
CA GLY C 322 1.18 28.23 25.29
C GLY C 322 1.54 29.31 26.30
N GLY C 323 1.52 30.54 25.84
CA GLY C 323 2.03 31.69 26.59
C GLY C 323 3.13 32.35 25.82
N ALA C 324 3.72 33.32 26.51
CA ALA C 324 4.82 34.11 25.98
C ALA C 324 5.91 34.18 27.02
N ILE C 325 7.12 33.87 26.61
CA ILE C 325 8.33 34.13 27.40
C ILE C 325 9.01 35.34 26.74
N ILE C 326 9.39 36.30 27.55
CA ILE C 326 9.91 37.58 27.12
C ILE C 326 11.21 37.84 27.90
N ASN C 327 12.14 38.44 27.19
CA ASN C 327 13.39 38.84 27.73
C ASN C 327 14.15 37.71 28.37
N GLY C 328 13.94 36.49 27.88
CA GLY C 328 14.70 35.30 28.31
C GLY C 328 14.35 34.75 29.69
N ASP C 329 13.28 35.22 30.33
CA ASP C 329 12.90 34.75 31.63
C ASP C 329 11.99 33.55 31.45
N TRP C 330 12.60 32.36 31.42
CA TRP C 330 11.78 31.17 31.36
C TRP C 330 10.93 30.86 32.61
N GLY C 331 11.20 31.61 33.69
CA GLY C 331 10.46 31.35 34.91
C GLY C 331 9.15 32.12 34.97
N LYS C 332 8.85 32.94 33.94
CA LYS C 332 7.65 33.74 33.86
C LYS C 332 6.88 33.51 32.56
N ILE C 333 5.79 32.78 32.63
CA ILE C 333 4.96 32.57 31.43
C ILE C 333 3.88 33.62 31.39
N HIS C 334 3.99 34.53 30.43
CA HIS C 334 2.92 35.53 30.30
C HIS C 334 1.71 34.92 29.60
N PRO C 335 0.51 35.04 30.12
CA PRO C 335 -0.64 34.49 29.41
C PRO C 335 -0.89 35.25 28.13
N VAL C 336 -1.24 34.56 27.07
CA VAL C 336 -1.55 35.09 25.75
C VAL C 336 -3.05 34.98 25.49
N ASP C 337 -3.67 36.09 25.20
CA ASP C 337 -5.08 36.16 24.89
C ASP C 337 -5.30 36.71 23.48
N PRO C 338 -5.69 35.90 22.53
CA PRO C 338 -5.90 36.41 21.18
C PRO C 338 -7.08 37.38 21.07
N ARG C 339 -7.89 37.51 22.09
CA ARG C 339 -9.03 38.45 22.10
C ARG C 339 -8.67 39.86 22.54
N ASP C 340 -7.53 40.02 23.19
CA ASP C 340 -7.12 41.28 23.86
C ASP C 340 -6.53 42.23 22.83
N PRO C 341 -7.10 43.39 22.55
CA PRO C 341 -6.61 44.26 21.46
C PRO C 341 -5.26 44.92 21.71
N GLU C 342 -4.80 44.82 22.95
CA GLU C 342 -3.45 45.29 23.32
C GLU C 342 -2.35 44.25 23.11
N GLN C 343 -2.73 43.02 22.77
CA GLN C 343 -1.75 41.91 22.67
C GLN C 343 -1.30 41.73 21.23
N VAL C 344 -1.99 40.91 20.42
CA VAL C 344 -1.62 40.76 19.05
C VAL C 344 -2.02 41.98 18.27
N GLN C 345 -1.08 42.63 17.59
CA GLN C 345 -1.30 43.75 16.71
C GLN C 345 -0.37 43.62 15.49
N GLU C 346 -0.85 44.08 14.34
CA GLU C 346 -0.06 44.11 13.12
C GLU C 346 0.17 45.53 12.61
N PHE C 347 1.43 45.81 12.36
CA PHE C 347 1.88 47.06 11.77
C PHE C 347 2.18 46.84 10.28
N VAL C 348 2.12 47.92 9.51
CA VAL C 348 2.46 47.84 8.10
C VAL C 348 3.46 48.91 7.63
N THR C 349 4.17 49.55 8.53
CA THR C 349 5.13 50.60 8.25
C THR C 349 6.13 50.14 7.23
N HIS C 350 6.55 48.91 7.29
CA HIS C 350 7.58 48.36 6.38
C HIS C 350 7.06 47.27 5.46
N SER C 351 5.75 47.26 5.26
CA SER C 351 5.10 46.29 4.42
C SER C 351 4.31 46.97 3.29
N TRP C 352 4.02 46.24 2.23
CA TRP C 352 3.33 46.74 1.06
C TRP C 352 1.79 46.78 1.25
N TYR C 353 1.34 47.49 2.30
CA TYR C 353 -0.06 47.75 2.62
C TYR C 353 -0.22 49.19 3.11
N LYS C 354 -1.44 49.61 3.19
CA LYS C 354 -1.85 50.94 3.65
C LYS C 354 -2.81 50.82 4.80
N TYR C 355 -2.62 51.63 5.83
CA TYR C 355 -3.62 51.91 6.84
C TYR C 355 -3.95 53.38 6.82
N PRO C 356 -5.12 53.76 7.27
CA PRO C 356 -5.44 55.18 7.39
C PRO C 356 -4.53 55.91 8.34
N ASP C 357 -4.18 55.24 9.42
CA ASP C 357 -3.19 55.75 10.39
C ASP C 357 -2.11 54.71 10.55
N GLU C 358 -1.07 54.91 9.78
CA GLU C 358 -0.04 53.88 9.72
C GLU C 358 0.89 53.87 10.90
N THR C 359 0.65 54.72 11.86
CA THR C 359 1.27 54.64 13.15
C THR C 359 0.68 53.52 14.02
N LYS C 360 -0.48 52.96 13.68
CA LYS C 360 -1.17 52.06 14.56
C LYS C 360 -0.79 50.62 14.27
N GLY C 361 -0.76 49.86 15.30
CA GLY C 361 -0.88 48.41 15.17
C GLY C 361 -2.30 47.97 15.38
N LEU C 362 -2.81 47.21 14.46
CA LEU C 362 -4.25 46.81 14.48
C LEU C 362 -4.42 45.40 14.95
N HIS C 363 -5.25 45.23 16.00
CA HIS C 363 -5.67 43.89 16.40
C HIS C 363 -6.48 43.29 15.29
N PRO C 364 -6.37 41.96 15.03
CA PRO C 364 -6.95 41.48 13.74
C PRO C 364 -8.45 41.62 13.63
N TRP C 365 -9.24 41.74 14.72
CA TRP C 365 -10.67 42.02 14.51
C TRP C 365 -10.83 43.40 13.88
N ASP C 366 -9.86 44.30 14.00
CA ASP C 366 -9.83 45.61 13.38
C ASP C 366 -8.89 45.65 12.20
N GLY C 367 -8.41 44.53 11.70
CA GLY C 367 -7.37 44.57 10.68
C GLY C 367 -7.86 45.04 9.33
N ILE C 368 -6.91 45.50 8.54
CA ILE C 368 -7.12 46.09 7.24
C ILE C 368 -6.10 45.52 6.26
N THR C 369 -6.52 45.09 5.08
CA THR C 369 -5.62 44.58 4.04
C THR C 369 -5.88 45.31 2.77
N GLU C 370 -5.14 46.35 2.54
CA GLU C 370 -5.22 47.21 1.37
C GLU C 370 -3.85 47.24 0.74
N PRO C 371 -3.62 46.66 -0.43
CA PRO C 371 -2.26 46.55 -0.95
C PRO C 371 -1.71 47.90 -1.35
N ASN C 372 -0.37 48.02 -1.21
CA ASN C 372 0.36 49.27 -1.50
C ASN C 372 1.78 48.89 -1.86
N TYR C 373 1.93 48.40 -3.10
CA TYR C 373 3.26 48.06 -3.59
C TYR C 373 3.97 49.33 -3.99
N GLU C 374 4.99 49.69 -3.23
CA GLU C 374 5.68 50.99 -3.31
C GLU C 374 7.09 50.78 -2.78
N LEU C 375 8.06 51.16 -3.54
CA LEU C 375 9.45 50.96 -3.21
C LEU C 375 10.07 52.26 -2.70
N GLY C 376 10.94 52.19 -1.72
CA GLY C 376 11.66 53.29 -1.19
C GLY C 376 12.56 53.98 -2.20
N SER C 377 12.78 55.27 -2.05
CA SER C 377 13.45 56.12 -3.01
CA SER C 377 13.47 56.07 -3.03
C SER C 377 14.95 55.75 -2.90
N LYS C 378 15.40 54.88 -2.01
CA LYS C 378 16.77 54.42 -1.97
C LYS C 378 16.99 53.07 -2.63
N THR C 379 15.95 52.56 -3.26
CA THR C 379 16.08 51.25 -3.95
C THR C 379 17.14 51.28 -5.01
N LYS C 380 17.93 50.24 -5.15
CA LYS C 380 18.70 50.04 -6.37
C LYS C 380 17.89 49.20 -7.30
N GLY C 381 17.62 49.77 -8.48
CA GLY C 381 16.76 49.13 -9.42
C GLY C 381 15.55 49.92 -9.81
N SER C 382 14.50 49.30 -10.26
CA SER C 382 13.24 49.96 -10.60
C SER C 382 12.17 49.12 -9.98
N ARG C 383 10.95 49.60 -10.17
CA ARG C 383 9.78 48.91 -9.61
C ARG C 383 9.60 47.50 -10.05
N THR C 384 10.05 47.16 -11.26
CA THR C 384 9.90 45.82 -11.77
C THR C 384 11.22 45.10 -11.94
N ASN C 385 12.27 45.67 -11.37
CA ASN C 385 13.60 45.07 -11.37
C ASN C 385 14.37 45.49 -10.13
N ILE C 386 14.18 44.82 -9.02
CA ILE C 386 14.79 45.13 -7.72
C ILE C 386 16.20 44.53 -7.70
N ILE C 387 17.15 45.39 -7.63
CA ILE C 387 18.55 44.94 -7.48
C ILE C 387 18.93 44.84 -6.01
N GLU C 388 18.69 45.92 -5.25
CA GLU C 388 18.83 45.91 -3.81
C GLU C 388 17.63 46.64 -3.21
N ILE C 389 16.81 45.93 -2.46
CA ILE C 389 15.61 46.53 -1.85
C ILE C 389 16.07 47.52 -0.79
N ASP C 390 15.20 48.50 -0.61
CA ASP C 390 15.34 49.58 0.35
C ASP C 390 14.56 49.23 1.64
N GLU C 391 15.22 48.64 2.60
CA GLU C 391 14.62 48.18 3.84
C GLU C 391 14.35 49.33 4.80
N SER C 392 14.69 50.55 4.40
CA SER C 392 14.31 51.70 5.20
C SER C 392 12.82 52.07 4.99
N ALA C 393 12.22 51.48 3.98
CA ALA C 393 10.85 51.79 3.55
C ALA C 393 10.04 50.52 3.51
N LYS C 394 9.06 50.38 2.63
CA LYS C 394 8.24 49.18 2.59
C LYS C 394 8.96 48.14 1.77
N TYR C 395 9.14 46.94 2.33
CA TYR C 395 10.02 45.96 1.70
C TYR C 395 9.50 44.53 1.74
N SER C 396 8.23 44.31 1.99
CA SER C 396 7.70 42.96 2.09
C SER C 396 6.19 42.91 1.97
N TRP C 397 5.68 41.78 1.47
CA TRP C 397 4.27 41.50 1.50
C TRP C 397 3.79 40.94 2.86
N ILE C 398 4.67 40.75 3.80
CA ILE C 398 4.42 40.21 5.09
C ILE C 398 4.12 41.42 6.04
N LYS C 399 2.99 41.42 6.72
CA LYS C 399 2.70 42.39 7.81
C LYS C 399 3.66 42.14 8.98
N SER C 400 3.74 43.12 9.91
CA SER C 400 4.53 42.99 11.10
C SER C 400 3.74 42.71 12.35
N PRO C 401 3.52 41.48 12.76
CA PRO C 401 2.83 41.20 14.03
C PRO C 401 3.75 41.37 15.21
N ARG C 402 3.18 41.95 16.28
CA ARG C 402 3.92 42.07 17.53
C ARG C 402 2.96 41.64 18.66
N TRP C 403 3.53 41.24 19.79
CA TRP C 403 2.78 40.82 20.95
C TRP C 403 3.09 41.80 22.07
N ARG C 404 2.14 42.63 22.46
CA ARG C 404 2.36 43.72 23.43
C ARG C 404 3.56 44.53 22.97
N GLY C 405 3.76 44.70 21.67
CA GLY C 405 4.86 45.46 21.14
C GLY C 405 6.17 44.74 20.96
N HIS C 406 6.21 43.49 21.41
CA HIS C 406 7.39 42.67 21.34
C HIS C 406 7.42 41.84 20.06
N ALA C 407 8.59 41.74 19.47
CA ALA C 407 8.90 40.80 18.41
C ALA C 407 9.20 39.45 19.07
N VAL C 408 8.57 38.39 18.60
CA VAL C 408 8.73 37.05 19.10
C VAL C 408 8.99 36.03 18.02
N GLU C 409 9.61 34.92 18.42
CA GLU C 409 9.72 33.75 17.53
C GLU C 409 8.61 32.76 17.88
N VAL C 410 8.06 32.12 16.85
CA VAL C 410 7.08 31.08 16.98
C VAL C 410 7.58 29.82 16.29
N GLY C 411 6.98 28.68 16.57
CA GLY C 411 7.33 27.43 15.99
C GLY C 411 7.54 26.31 16.95
N PRO C 412 7.93 25.13 16.46
CA PRO C 412 8.19 24.03 17.36
C PRO C 412 9.17 24.37 18.48
N LEU C 413 10.26 25.11 18.15
CA LEU C 413 11.20 25.48 19.20
C LEU C 413 10.53 26.34 20.24
N ALA C 414 9.72 27.28 19.85
CA ALA C 414 8.97 28.12 20.83
C ALA C 414 8.12 27.23 21.73
N ARG C 415 7.40 26.28 21.10
CA ARG C 415 6.55 25.39 21.86
C ARG C 415 7.37 24.52 22.79
N TYR C 416 8.51 24.06 22.37
CA TYR C 416 9.36 23.20 23.19
C TYR C 416 9.89 23.97 24.41
N ILE C 417 10.27 25.22 24.22
CA ILE C 417 10.74 26.04 25.36
C ILE C 417 9.58 26.28 26.32
N LEU C 418 8.43 26.65 25.75
CA LEU C 418 7.23 26.89 26.57
C LEU C 418 6.78 25.65 27.34
N ALA C 419 6.88 24.50 26.71
CA ALA C 419 6.51 23.25 27.39
C ALA C 419 7.52 22.82 28.46
N TYR C 420 8.79 22.95 28.12
CA TYR C 420 9.85 22.64 29.08
C TYR C 420 9.62 23.48 30.31
N ALA C 421 9.46 24.79 30.11
CA ALA C 421 9.37 25.78 31.17
C ALA C 421 8.11 25.60 32.00
N GLN C 422 7.10 24.95 31.45
CA GLN C 422 5.89 24.65 32.14
C GLN C 422 5.77 23.23 32.69
N GLY C 423 6.86 22.51 32.73
CA GLY C 423 6.93 21.26 33.38
C GLY C 423 6.25 20.07 32.68
N VAL C 424 6.14 20.16 31.35
CA VAL C 424 5.52 19.05 30.59
C VAL C 424 6.52 17.91 30.55
N GLU C 425 6.27 16.88 31.30
CA GLU C 425 7.33 15.87 31.49
C GLU C 425 7.74 15.14 30.24
N TYR C 426 6.80 14.87 29.34
CA TYR C 426 7.13 14.21 28.09
C TYR C 426 8.21 15.01 27.37
N VAL C 427 8.03 16.32 27.28
CA VAL C 427 8.91 17.23 26.57
C VAL C 427 10.26 17.31 27.31
N LYS C 428 10.20 17.41 28.66
CA LYS C 428 11.46 17.48 29.40
C LYS C 428 12.32 16.22 29.13
N THR C 429 11.66 15.08 29.12
CA THR C 429 12.33 13.81 28.85
C THR C 429 12.92 13.83 27.43
N GLN C 430 12.13 14.25 26.47
CA GLN C 430 12.67 14.29 25.13
C GLN C 430 13.90 15.18 25.06
N VAL C 431 13.80 16.34 25.73
CA VAL C 431 14.94 17.27 25.63
C VAL C 431 16.20 16.69 26.24
N HIS C 432 16.04 16.13 27.44
CA HIS C 432 17.23 15.68 28.16
C HIS C 432 17.81 14.45 27.52
N THR C 433 16.92 13.57 27.07
CA THR C 433 17.46 12.37 26.41
C THR C 433 18.09 12.73 25.08
N SER C 434 17.52 13.68 24.35
CA SER C 434 18.16 14.08 23.11
CA SER C 434 18.11 14.17 23.12
C SER C 434 19.51 14.77 23.33
N LEU C 435 19.61 15.61 24.37
CA LEU C 435 20.93 16.19 24.73
C LEU C 435 21.95 15.10 25.07
N ASN C 436 21.48 14.08 25.81
CA ASN C 436 22.40 13.03 26.13
C ASN C 436 22.79 12.26 24.88
N ARG C 437 21.86 11.93 24.04
CA ARG C 437 22.18 11.23 22.82
C ARG C 437 23.09 12.07 21.95
N PHE C 438 22.77 13.36 21.86
CA PHE C 438 23.68 14.26 21.14
C PHE C 438 25.08 14.15 21.70
N ASN C 439 25.19 14.27 23.02
CA ASN C 439 26.58 14.26 23.49
C ASN C 439 27.23 12.91 23.32
N ALA C 440 26.46 11.82 23.32
CA ALA C 440 27.10 10.56 23.02
C ALA C 440 27.69 10.45 21.62
N VAL C 441 26.91 10.93 20.64
CA VAL C 441 27.40 10.93 19.24
C VAL C 441 28.60 11.87 19.18
N CYS C 442 28.54 13.01 19.77
CA CYS C 442 29.69 13.90 19.80
C CYS C 442 30.99 13.23 20.22
N ARG C 443 30.86 12.42 21.25
CA ARG C 443 31.99 11.74 21.88
C ARG C 443 32.54 10.65 20.98
N LEU C 444 31.63 10.00 20.27
CA LEU C 444 31.97 9.00 19.23
C LEU C 444 32.82 9.72 18.19
N LEU C 445 32.45 10.95 17.84
CA LEU C 445 33.19 11.73 16.84
C LEU C 445 34.45 12.39 17.42
N ASP C 446 34.35 12.68 18.71
CA ASP C 446 35.51 13.29 19.35
C ASP C 446 35.61 12.75 20.76
N PRO C 447 36.46 11.79 21.10
CA PRO C 447 36.49 11.22 22.47
C PRO C 447 36.92 12.28 23.48
N ASN C 448 37.47 13.39 22.97
CA ASN C 448 37.88 14.57 23.74
C ASN C 448 36.74 15.54 23.95
N HIS C 449 35.57 15.17 23.43
CA HIS C 449 34.39 16.00 23.58
C HIS C 449 34.03 16.31 25.02
N LYS C 450 33.68 17.56 25.29
CA LYS C 450 33.08 17.90 26.55
C LYS C 450 31.58 18.16 26.38
N ASP C 451 30.88 17.52 27.30
CA ASP C 451 29.46 17.58 27.05
C ASP C 451 28.89 18.97 27.25
N ILE C 452 27.82 19.23 26.60
CA ILE C 452 27.06 20.39 26.42
C ILE C 452 25.97 20.17 27.50
N THR C 453 25.84 21.12 28.42
CA THR C 453 24.90 21.10 29.54
C THR C 453 23.89 22.26 29.56
N ASP C 454 24.19 23.38 28.93
CA ASP C 454 23.53 24.66 28.78
C ASP C 454 22.39 24.61 27.74
N LEU C 455 21.22 24.34 28.30
CA LEU C 455 19.99 24.10 27.56
C LEU C 455 19.66 25.35 26.70
N LYS C 456 19.93 26.56 27.21
CA LYS C 456 19.57 27.70 26.40
C LYS C 456 20.42 27.83 25.17
N ALA C 457 21.70 27.51 25.29
CA ALA C 457 22.61 27.58 24.19
C ALA C 457 22.30 26.50 23.15
N PHE C 458 21.94 25.34 23.71
CA PHE C 458 21.65 24.16 22.90
C PHE C 458 20.36 24.32 22.14
N LEU C 459 19.30 24.61 22.83
CA LEU C 459 17.99 24.79 22.13
C LEU C 459 17.99 26.09 21.32
N GLY C 460 18.64 27.17 21.83
CA GLY C 460 18.54 28.47 21.17
C GLY C 460 19.55 28.62 20.06
N SER C 461 19.36 27.87 19.00
CA SER C 461 20.32 27.75 17.89
C SER C 461 19.54 27.21 16.68
N THR C 462 20.07 27.40 15.50
CA THR C 462 19.49 26.69 14.33
C THR C 462 19.48 25.20 14.52
N ILE C 463 20.49 24.57 15.10
CA ILE C 463 20.43 23.15 15.42
C ILE C 463 19.29 22.82 16.34
N GLY C 464 19.13 23.61 17.40
CA GLY C 464 18.08 23.37 18.33
C GLY C 464 16.71 23.52 17.76
N ARG C 465 16.54 24.51 16.90
CA ARG C 465 15.28 24.73 16.19
C ARG C 465 14.91 23.52 15.33
N THR C 466 15.93 22.95 14.68
CA THR C 466 15.78 21.75 13.88
C THR C 466 15.41 20.53 14.69
N LEU C 467 16.08 20.39 15.83
CA LEU C 467 15.79 19.31 16.75
C LEU C 467 14.41 19.42 17.33
N ALA C 468 13.98 20.61 17.76
CA ALA C 468 12.66 20.72 18.34
C ALA C 468 11.60 20.26 17.37
N ARG C 469 11.72 20.59 16.10
CA ARG C 469 10.76 20.13 15.08
C ARG C 469 10.67 18.62 15.06
N ALA C 470 11.81 17.91 15.09
CA ALA C 470 11.77 16.47 15.06
C ALA C 470 11.14 15.88 16.29
N LEU C 471 11.52 16.41 17.46
CA LEU C 471 10.93 15.97 18.71
C LEU C 471 9.44 16.15 18.71
N GLU C 472 8.95 17.29 18.20
CA GLU C 472 7.52 17.56 18.12
C GLU C 472 6.85 16.55 17.26
N SER C 473 7.43 16.16 16.13
CA SER C 473 6.87 15.09 15.31
C SER C 473 6.67 13.82 16.13
N GLU C 474 7.67 13.38 16.84
CA GLU C 474 7.57 12.21 17.69
C GLU C 474 6.48 12.30 18.74
N TYR C 475 6.40 13.45 19.40
CA TYR C 475 5.35 13.69 20.40
C TYR C 475 3.97 13.62 19.75
N CYS C 476 3.81 14.20 18.56
CA CYS C 476 2.54 14.17 17.84
C CYS C 476 2.14 12.74 17.49
N GLY C 477 3.08 11.86 17.13
CA GLY C 477 2.67 10.49 16.89
C GLY C 477 2.15 9.80 18.10
N ASP C 478 2.78 10.02 19.26
CA ASP C 478 2.32 9.43 20.49
C ASP C 478 0.96 9.97 20.89
N MET C 479 0.78 11.31 20.78
CA MET C 479 -0.51 11.91 21.08
C MET C 479 -1.61 11.37 20.16
N MET C 480 -1.29 11.23 18.88
CA MET C 480 -2.29 10.76 17.92
C MET C 480 -2.70 9.36 18.21
N LEU C 481 -1.84 8.48 18.66
CA LEU C 481 -2.27 7.15 19.11
C LEU C 481 -3.19 7.23 20.29
N ASP C 482 -2.89 8.12 21.26
CA ASP C 482 -3.76 8.34 22.38
C ASP C 482 -5.15 8.81 21.89
N ASP C 483 -5.19 9.72 20.91
CA ASP C 483 -6.47 10.23 20.38
C ASP C 483 -7.26 9.10 19.72
N PHE C 484 -6.57 8.26 18.92
CA PHE C 484 -7.23 7.13 18.27
C PHE C 484 -7.86 6.20 19.30
N ASN C 485 -7.08 5.90 20.35
CA ASN C 485 -7.61 5.01 21.41
C ASN C 485 -8.81 5.66 22.08
N GLN C 486 -8.79 6.95 22.28
CA GLN C 486 -9.97 7.63 22.85
C GLN C 486 -11.14 7.58 21.92
N LEU C 487 -10.96 7.70 20.62
CA LEU C 487 -12.01 7.59 19.65
C LEU C 487 -12.63 6.21 19.72
N ILE C 488 -11.84 5.18 19.71
CA ILE C 488 -12.35 3.84 19.84
C ILE C 488 -13.11 3.67 21.14
N SER C 489 -12.56 4.17 22.26
CA SER C 489 -13.29 4.10 23.51
C SER C 489 -14.63 4.77 23.45
N ASN C 490 -14.67 5.94 22.83
CA ASN C 490 -15.95 6.66 22.70
C ASN C 490 -16.98 5.83 21.96
N ILE C 491 -16.57 5.28 20.83
CA ILE C 491 -17.44 4.44 20.04
C ILE C 491 -17.91 3.22 20.81
N LYS C 492 -16.99 2.59 21.49
CA LYS C 492 -17.29 1.41 22.29
C LYS C 492 -18.32 1.71 23.35
N ASN C 493 -18.23 2.87 23.96
CA ASN C 493 -19.20 3.21 24.98
C ASN C 493 -20.46 3.80 24.44
N GLY C 494 -20.69 3.80 23.12
CA GLY C 494 -21.98 4.22 22.57
C GLY C 494 -22.00 5.48 21.76
N ASP C 495 -20.92 6.24 21.72
CA ASP C 495 -20.91 7.53 21.06
C ASP C 495 -20.16 7.45 19.71
N SER C 496 -20.96 7.44 18.64
CA SER C 496 -20.51 7.51 17.27
C SER C 496 -20.80 8.90 16.64
N SER C 497 -21.25 9.87 17.41
CA SER C 497 -21.59 11.14 16.89
C SER C 497 -20.40 11.96 16.40
N THR C 498 -20.66 12.71 15.33
CA THR C 498 -19.61 13.50 14.66
C THR C 498 -19.98 14.95 14.35
N ALA C 499 -21.21 15.39 14.47
CA ALA C 499 -21.55 16.79 14.21
C ALA C 499 -22.65 17.31 15.10
N ASN C 500 -22.58 18.61 15.36
CA ASN C 500 -23.55 19.46 16.11
C ASN C 500 -24.13 20.33 15.00
N THR C 501 -25.43 20.25 14.64
CA THR C 501 -26.03 21.05 13.62
C THR C 501 -26.98 22.14 14.10
N ASP C 502 -27.01 22.36 15.38
CA ASP C 502 -27.98 23.29 16.00
C ASP C 502 -27.86 24.69 15.45
N LYS C 503 -26.69 25.08 15.02
CA LYS C 503 -26.40 26.40 14.52
C LYS C 503 -25.94 26.39 13.06
N TRP C 504 -26.29 25.33 12.34
CA TRP C 504 -25.96 25.28 10.89
C TRP C 504 -26.61 26.37 10.12
N ASP C 505 -27.87 26.64 10.41
CA ASP C 505 -28.65 27.58 9.63
C ASP C 505 -28.39 29.02 10.11
N PRO C 506 -28.08 29.92 9.19
CA PRO C 506 -27.75 31.28 9.64
C PRO C 506 -28.88 31.98 10.34
N SER C 507 -30.11 31.47 10.27
CA SER C 507 -31.20 32.12 11.01
C SER C 507 -31.04 31.95 12.52
N SER C 508 -30.19 31.05 12.95
CA SER C 508 -29.89 30.78 14.38
C SER C 508 -28.74 31.63 14.91
N TRP C 509 -28.13 32.44 14.06
CA TRP C 509 -26.97 33.23 14.36
C TRP C 509 -27.35 34.62 14.88
N PRO C 510 -26.56 35.22 15.72
CA PRO C 510 -26.77 36.62 16.08
C PRO C 510 -26.52 37.49 14.84
N GLU C 511 -27.14 38.71 14.72
CA GLU C 511 -26.89 39.63 13.63
C GLU C 511 -25.44 40.07 13.60
N HIS C 512 -24.78 40.17 14.72
CA HIS C 512 -23.37 40.57 14.82
C HIS C 512 -22.62 39.58 15.68
N ALA C 513 -21.49 39.10 15.17
CA ALA C 513 -20.71 38.18 16.02
C ALA C 513 -19.26 38.29 15.64
N LYS C 514 -18.37 37.98 16.61
CA LYS C 514 -16.94 37.89 16.29
C LYS C 514 -16.34 36.67 16.98
N GLY C 515 -15.33 36.10 16.36
CA GLY C 515 -14.71 34.91 16.86
C GLY C 515 -13.26 34.82 16.50
N VAL C 516 -12.50 33.98 17.22
CA VAL C 516 -11.11 33.70 16.93
C VAL C 516 -10.89 32.21 17.09
N GLY C 517 -10.11 31.65 16.14
CA GLY C 517 -9.75 30.25 16.22
C GLY C 517 -8.24 30.19 16.20
N THR C 518 -7.63 29.40 17.05
CA THR C 518 -6.21 29.20 17.14
C THR C 518 -5.84 27.79 16.85
N VAL C 519 -4.62 27.60 16.32
CA VAL C 519 -4.07 26.28 16.00
C VAL C 519 -2.59 26.31 16.28
N ALA C 520 -2.04 25.22 16.80
CA ALA C 520 -0.58 24.97 16.82
C ALA C 520 -0.19 24.43 15.44
N ALA C 521 -0.01 25.30 14.48
CA ALA C 521 0.32 24.90 13.12
C ALA C 521 1.74 24.41 13.11
N PRO C 522 2.11 23.61 12.11
CA PRO C 522 3.49 23.10 12.09
C PRO C 522 4.58 24.14 12.28
N ARG C 523 4.39 25.37 11.83
CA ARG C 523 5.42 26.41 11.91
C ARG C 523 5.24 27.36 13.08
N GLY C 524 4.21 27.17 13.91
CA GLY C 524 4.00 27.98 15.10
C GLY C 524 2.59 28.41 15.33
N ALA C 525 2.43 29.62 15.86
CA ALA C 525 1.12 30.12 16.31
C ALA C 525 0.25 30.64 15.18
N LEU C 526 -0.84 29.97 14.91
CA LEU C 526 -1.78 30.36 13.87
C LEU C 526 -3.07 30.82 14.48
N ALA C 527 -3.65 31.91 14.02
CA ALA C 527 -5.00 32.26 14.39
C ALA C 527 -5.70 32.99 13.25
N HIS C 528 -7.01 32.80 13.22
CA HIS C 528 -7.93 33.47 12.32
C HIS C 528 -8.98 34.22 13.16
N TRP C 529 -9.24 35.47 12.78
CA TRP C 529 -10.20 36.34 13.45
C TRP C 529 -11.28 36.68 12.47
N ILE C 530 -12.52 36.41 12.78
CA ILE C 530 -13.70 36.66 11.93
C ILE C 530 -14.63 37.59 12.65
N VAL C 531 -15.24 38.50 11.83
CA VAL C 531 -16.34 39.36 12.19
C VAL C 531 -17.50 39.01 11.24
N ILE C 532 -18.63 38.58 11.77
CA ILE C 532 -19.82 38.21 11.03
C ILE C 532 -20.91 39.26 11.24
N GLU C 533 -21.54 39.62 10.14
CA GLU C 533 -22.68 40.57 10.08
C GLU C 533 -23.75 40.07 9.16
N LYS C 534 -24.90 39.86 9.73
CA LYS C 534 -26.02 39.45 8.96
C LYS C 534 -25.76 38.34 7.99
N GLY C 535 -25.15 37.31 8.54
CA GLY C 535 -24.86 36.08 7.84
C GLY C 535 -23.67 36.04 6.93
N LYS C 536 -22.91 37.12 6.84
CA LYS C 536 -21.81 37.27 5.94
C LYS C 536 -20.53 37.69 6.64
N ILE C 537 -19.42 37.45 5.96
CA ILE C 537 -18.13 37.82 6.54
C ILE C 537 -17.91 39.34 6.33
N LYS C 538 -17.85 40.06 7.43
CA LYS C 538 -17.55 41.48 7.39
C LYS C 538 -16.04 41.70 7.45
N ASN C 539 -15.28 40.96 8.22
CA ASN C 539 -13.83 41.04 8.24
C ASN C 539 -13.33 39.64 8.52
N TYR C 540 -12.19 39.29 7.91
CA TYR C 540 -11.56 38.01 8.13
C TYR C 540 -10.08 38.33 8.07
N GLN C 541 -9.36 38.12 9.17
CA GLN C 541 -7.95 38.42 9.23
C GLN C 541 -7.18 37.20 9.76
N CYS C 542 -6.14 36.85 9.08
CA CYS C 542 -5.25 35.79 9.40
C CYS C 542 -3.93 36.33 9.87
N VAL C 543 -3.37 35.77 10.92
CA VAL C 543 -2.02 36.07 11.37
C VAL C 543 -1.39 34.68 11.55
N VAL C 544 -0.38 34.37 10.74
CA VAL C 544 0.09 32.99 10.55
CA VAL C 544 0.14 33.04 10.58
C VAL C 544 1.53 32.84 11.08
N PRO C 545 2.04 31.66 11.37
CA PRO C 545 3.35 31.57 11.99
C PRO C 545 4.44 32.25 11.27
N THR C 546 4.51 32.09 9.95
CA THR C 546 5.57 32.74 9.18
C THR C 546 5.32 34.26 9.04
N THR C 547 4.09 34.73 9.24
CA THR C 547 3.94 36.17 9.36
C THR C 547 4.75 36.68 10.56
N TRP C 548 4.65 36.02 11.70
CA TRP C 548 5.43 36.39 12.86
C TRP C 548 6.91 36.23 12.53
N ASN C 549 7.37 35.07 12.10
CA ASN C 549 8.82 34.85 12.03
C ASN C 549 9.46 35.66 10.92
N GLY C 550 8.77 35.79 9.75
CA GLY C 550 9.30 36.48 8.61
C GLY C 550 9.04 37.96 8.56
N SER C 551 8.39 38.48 9.58
CA SER C 551 8.04 39.90 9.74
CA SER C 551 8.00 39.89 9.47
C SER C 551 9.15 40.88 9.37
N PRO C 552 8.80 41.97 8.68
CA PRO C 552 9.71 43.09 8.52
C PRO C 552 9.66 43.92 9.80
N ARG C 553 10.50 44.96 9.81
CA ARG C 553 10.64 45.75 10.99
C ARG C 553 9.34 46.53 11.32
N ASP C 554 9.24 46.91 12.62
CA ASP C 554 8.05 47.67 13.10
C ASP C 554 8.38 49.16 13.18
N PRO C 555 7.42 50.03 13.56
CA PRO C 555 7.75 51.44 13.63
C PRO C 555 8.89 51.76 14.58
N LYS C 556 9.10 51.01 15.64
CA LYS C 556 10.18 51.31 16.56
C LYS C 556 11.52 50.73 16.17
N GLY C 557 11.45 49.92 15.13
CA GLY C 557 12.66 49.37 14.61
C GLY C 557 12.95 47.99 15.09
N ASN C 558 12.15 47.33 15.90
CA ASN C 558 12.39 45.94 16.27
C ASN C 558 12.42 45.04 15.02
N ILE C 559 13.43 44.16 14.94
CA ILE C 559 13.49 43.15 13.90
C ILE C 559 12.81 41.88 14.33
N GLY C 560 12.32 41.14 13.38
CA GLY C 560 11.67 39.86 13.59
C GLY C 560 12.63 38.70 13.58
N ALA C 561 12.03 37.52 13.74
CA ALA C 561 12.81 36.32 14.06
C ALA C 561 13.81 35.94 12.94
N PHE C 562 13.39 35.98 11.67
CA PHE C 562 14.28 35.64 10.59
C PHE C 562 15.48 36.59 10.58
N GLU C 563 15.22 37.89 10.62
CA GLU C 563 16.31 38.87 10.54
C GLU C 563 17.26 38.69 11.70
N ALA C 564 16.69 38.47 12.88
CA ALA C 564 17.54 38.32 14.08
C ALA C 564 18.39 37.08 14.02
N SER C 565 17.84 35.97 13.50
CA SER C 565 18.57 34.72 13.47
C SER C 565 19.80 34.77 12.58
N LEU C 566 19.94 35.66 11.61
CA LEU C 566 21.08 35.74 10.70
C LEU C 566 22.18 36.64 11.24
N MET C 567 21.84 37.56 12.10
CA MET C 567 22.77 38.59 12.65
C MET C 567 23.91 37.85 13.36
N GLY C 568 25.12 38.25 13.03
CA GLY C 568 26.32 37.74 13.71
C GLY C 568 26.79 36.42 13.16
N THR C 569 26.17 35.89 12.09
CA THR C 569 26.65 34.62 11.60
C THR C 569 27.80 34.77 10.59
N PRO C 570 28.90 34.09 10.81
CA PRO C 570 29.95 34.10 9.81
C PRO C 570 29.61 33.20 8.64
N MET C 571 30.07 33.63 7.46
CA MET C 571 29.84 32.86 6.24
C MET C 571 31.19 32.47 5.69
N GLU C 572 31.38 31.18 5.41
CA GLU C 572 32.61 30.78 4.71
C GLU C 572 32.77 31.49 3.39
N ARG C 573 31.69 31.62 2.60
CA ARG C 573 31.66 32.20 1.27
C ARG C 573 30.38 32.95 1.10
N PRO C 574 30.39 34.27 1.37
CA PRO C 574 29.14 34.99 1.29
C PRO C 574 28.36 34.81 0.00
N ASP C 575 28.95 34.59 -1.17
CA ASP C 575 28.33 34.38 -2.50
C ASP C 575 27.82 32.95 -2.67
N GLU C 576 28.08 32.09 -1.71
CA GLU C 576 27.54 30.72 -1.57
C GLU C 576 26.89 30.54 -0.21
N PRO C 577 25.75 31.13 -0.02
CA PRO C 577 25.25 31.41 1.35
C PRO C 577 24.58 30.27 2.04
N VAL C 578 25.32 29.17 2.11
CA VAL C 578 24.79 27.99 2.80
C VAL C 578 24.29 28.26 4.20
N GLU C 579 25.00 29.06 4.98
CA GLU C 579 24.68 29.33 6.35
C GLU C 579 23.35 30.07 6.43
N VAL C 580 23.09 31.01 5.52
CA VAL C 580 21.83 31.78 5.55
C VAL C 580 20.69 30.81 5.27
N LEU C 581 20.86 29.98 4.24
CA LEU C 581 19.80 29.02 3.88
C LEU C 581 19.57 28.07 5.05
N ARG C 582 20.65 27.58 5.70
CA ARG C 582 20.52 26.62 6.79
C ARG C 582 19.69 27.22 7.93
N THR C 583 19.96 28.43 8.29
CA THR C 583 19.20 29.08 9.40
C THR C 583 17.80 29.48 8.97
N LEU C 584 17.63 30.11 7.79
CA LEU C 584 16.23 30.44 7.41
C LEU C 584 15.41 29.19 7.30
N HIS C 585 16.00 28.17 6.62
CA HIS C 585 15.21 26.93 6.49
C HIS C 585 14.86 26.30 7.82
N SER C 586 15.60 26.53 8.89
CA SER C 586 15.31 25.97 10.19
C SER C 586 14.00 26.48 10.77
N PHE C 587 13.52 27.62 10.26
CA PHE C 587 12.20 28.15 10.62
C PHE C 587 11.08 27.51 9.80
N ASP C 588 11.47 26.72 8.77
CA ASP C 588 10.50 26.13 7.86
C ASP C 588 9.60 27.22 7.27
N PRO C 589 10.18 28.21 6.58
CA PRO C 589 9.38 29.33 6.09
C PRO C 589 8.29 28.89 5.15
N CYS C 590 7.08 29.39 5.40
CA CYS C 590 5.89 29.11 4.56
C CYS C 590 5.42 30.47 4.04
N LEU C 591 5.86 30.84 2.85
CA LEU C 591 5.66 32.25 2.43
C LEU C 591 4.31 32.50 1.90
N ALA C 592 3.64 31.52 1.35
CA ALA C 592 2.25 31.63 0.94
C ALA C 592 1.39 31.85 2.20
N CYS C 593 1.67 31.08 3.25
CA CYS C 593 1.08 31.31 4.55
C CYS C 593 1.29 32.74 5.03
N SER C 594 2.53 33.17 4.97
CA SER C 594 2.93 34.43 5.60
C SER C 594 2.12 35.61 5.13
N THR C 595 1.75 35.56 3.86
CA THR C 595 1.13 36.68 3.16
C THR C 595 -0.29 36.47 2.85
N HIS C 596 -0.73 35.24 2.58
CA HIS C 596 -2.13 34.92 2.35
C HIS C 596 -2.86 35.93 1.46
N PRO D 11 19.02 10.33 -22.67
CA PRO D 11 18.83 11.42 -21.72
C PRO D 11 17.36 11.63 -21.41
N ARG D 12 17.28 12.09 -20.18
CA ARG D 12 15.95 12.15 -19.59
C ARG D 12 15.31 13.46 -19.99
N THR D 13 13.98 13.43 -20.18
CA THR D 13 13.28 14.62 -20.64
C THR D 13 13.44 15.79 -19.68
N PRO D 14 13.95 16.92 -20.14
CA PRO D 14 14.03 18.06 -19.25
C PRO D 14 12.66 18.67 -18.92
N VAL D 15 12.52 18.94 -17.62
CA VAL D 15 11.34 19.58 -17.11
C VAL D 15 11.78 20.76 -16.25
N ILE D 16 11.19 21.90 -16.57
CA ILE D 16 11.29 23.10 -15.80
C ILE D 16 9.96 23.32 -15.11
N TRP D 17 9.95 23.34 -13.79
CA TRP D 17 8.72 23.46 -13.00
C TRP D 17 8.75 24.83 -12.34
N LEU D 18 7.95 25.71 -12.89
CA LEU D 18 7.86 27.08 -12.39
C LEU D 18 6.71 27.20 -11.35
N HIS D 19 6.84 28.18 -10.49
CA HIS D 19 5.90 28.41 -9.41
C HIS D 19 5.51 29.89 -9.44
N GLY D 20 4.21 30.18 -9.65
CA GLY D 20 3.74 31.56 -9.54
C GLY D 20 3.04 31.82 -8.20
N LEU D 21 1.92 32.54 -8.24
CA LEU D 21 1.06 32.63 -7.07
C LEU D 21 0.40 31.27 -6.87
N GLU D 22 0.48 30.72 -5.71
CA GLU D 22 0.23 29.31 -5.44
CA GLU D 22 0.11 29.34 -5.44
C GLU D 22 0.10 29.09 -3.95
N CYS D 23 -0.35 27.86 -3.60
CA CYS D 23 -0.24 27.38 -2.24
C CYS D 23 0.71 26.22 -2.12
N THR D 24 1.20 25.70 -3.24
CA THR D 24 2.12 24.56 -3.34
C THR D 24 1.43 23.19 -3.20
N CYS D 25 0.05 23.18 -3.27
CA CYS D 25 -0.67 21.93 -3.16
C CYS D 25 -0.39 21.04 -4.33
N CYS D 26 -0.07 21.55 -5.49
CA CYS D 26 0.17 20.71 -6.71
C CYS D 26 1.48 20.00 -6.60
N SER D 27 2.54 20.62 -6.16
CA SER D 27 3.83 19.94 -5.87
C SER D 27 3.64 18.86 -4.81
N GLU D 28 2.91 19.22 -3.75
CA GLU D 28 2.65 18.29 -2.67
C GLU D 28 1.90 17.07 -3.19
N SER D 29 0.86 17.29 -4.00
CA SER D 29 0.14 16.14 -4.55
C SER D 29 1.06 15.28 -5.38
N PHE D 30 1.90 15.85 -6.23
CA PHE D 30 2.75 15.12 -7.13
C PHE D 30 3.58 14.08 -6.35
N ILE D 31 4.14 14.50 -5.24
CA ILE D 31 5.00 13.59 -4.48
C ILE D 31 4.22 12.52 -3.75
N ARG D 32 2.93 12.59 -3.69
CA ARG D 32 2.12 11.49 -3.14
C ARG D 32 1.97 10.32 -4.04
N SER D 33 2.40 10.41 -5.31
CA SER D 33 2.14 9.39 -6.29
C SER D 33 2.55 8.01 -5.82
N ALA D 34 1.65 7.04 -5.86
CA ALA D 34 1.89 5.68 -5.47
C ALA D 34 2.68 4.93 -6.52
N HIS D 35 2.46 5.31 -7.79
CA HIS D 35 3.04 4.55 -8.93
C HIS D 35 2.93 5.44 -10.14
N PRO D 36 4.02 5.91 -10.74
CA PRO D 36 5.38 5.74 -10.24
C PRO D 36 5.60 6.55 -8.98
N LEU D 37 6.59 6.12 -8.20
CA LEU D 37 7.02 6.87 -7.04
C LEU D 37 7.77 8.15 -7.50
N ALA D 38 7.56 9.23 -6.76
CA ALA D 38 8.24 10.48 -7.08
C ALA D 38 9.75 10.27 -7.17
N LYS D 39 10.36 9.44 -6.31
CA LYS D 39 11.79 9.30 -6.35
C LYS D 39 12.22 8.79 -7.74
N ASP D 40 11.41 7.84 -8.27
CA ASP D 40 11.74 7.22 -9.54
C ASP D 40 11.46 8.15 -10.70
N VAL D 41 10.39 8.98 -10.64
CA VAL D 41 10.20 9.99 -11.67
C VAL D 41 11.43 10.89 -11.78
N VAL D 42 11.93 11.39 -10.65
CA VAL D 42 13.00 12.36 -10.63
C VAL D 42 14.34 11.73 -10.98
N LEU D 43 14.61 10.51 -10.55
CA LEU D 43 15.92 9.91 -10.75
C LEU D 43 16.03 9.28 -12.12
N SER D 44 14.94 8.78 -12.65
CA SER D 44 14.98 7.87 -13.76
C SER D 44 14.14 8.27 -14.93
N MET D 45 13.09 9.05 -14.82
CA MET D 45 12.14 9.25 -15.90
C MET D 45 12.29 10.61 -16.57
N ILE D 46 12.32 11.66 -15.78
CA ILE D 46 12.52 13.03 -16.24
C ILE D 46 13.83 13.59 -15.73
N SER D 47 14.24 14.75 -16.15
CA SER D 47 15.30 15.51 -15.47
C SER D 47 14.63 16.81 -14.97
N LEU D 48 14.34 16.77 -13.68
CA LEU D 48 13.69 17.93 -13.02
C LEU D 48 14.72 19.01 -12.84
N ASP D 49 14.85 19.90 -13.82
CA ASP D 49 15.99 20.81 -13.87
C ASP D 49 15.82 22.04 -13.04
N TYR D 50 14.59 22.44 -12.78
CA TYR D 50 14.34 23.62 -11.96
C TYR D 50 13.03 23.37 -11.22
N ASP D 51 12.93 23.67 -9.92
CA ASP D 51 11.75 23.44 -9.10
C ASP D 51 12.02 24.09 -7.76
N ASP D 52 11.48 25.27 -7.50
CA ASP D 52 11.73 25.94 -6.26
C ASP D 52 11.63 25.12 -5.01
N THR D 53 10.67 24.19 -4.98
CA THR D 53 10.31 23.45 -3.80
C THR D 53 11.42 22.50 -3.39
N LEU D 54 12.04 21.75 -4.29
CA LEU D 54 13.01 20.71 -3.90
C LEU D 54 14.44 21.11 -4.27
N MET D 55 14.70 22.16 -5.09
CA MET D 55 16.04 22.32 -5.63
C MET D 55 17.11 22.86 -4.74
N ALA D 56 18.34 22.38 -4.93
CA ALA D 56 19.49 22.70 -4.06
C ALA D 56 19.88 24.14 -4.10
N ALA D 57 20.00 24.61 -5.37
CA ALA D 57 20.36 25.98 -5.73
C ALA D 57 19.32 27.03 -5.34
N SER D 58 19.77 28.18 -4.95
CA SER D 58 18.96 29.38 -4.80
C SER D 58 19.66 30.55 -5.46
N GLY D 59 18.93 31.68 -5.40
CA GLY D 59 19.44 32.96 -5.88
C GLY D 59 20.01 32.91 -7.29
N HIS D 60 21.17 33.55 -7.37
CA HIS D 60 21.82 33.64 -8.68
C HIS D 60 22.10 32.28 -9.30
N ALA D 61 22.39 31.33 -8.48
CA ALA D 61 22.72 29.97 -9.00
C ALA D 61 21.54 29.23 -9.54
N ALA D 62 20.40 29.53 -8.93
CA ALA D 62 19.16 28.99 -9.49
C ALA D 62 18.84 29.60 -10.85
N GLU D 63 18.91 30.89 -10.94
CA GLU D 63 18.59 31.65 -12.14
C GLU D 63 19.43 31.21 -13.35
N ALA D 64 20.69 30.92 -12.94
CA ALA D 64 21.64 30.50 -14.00
C ALA D 64 21.22 29.18 -14.65
N ILE D 65 20.58 28.27 -13.93
CA ILE D 65 20.07 27.02 -14.50
C ILE D 65 19.06 27.37 -15.56
N LEU D 66 18.16 28.29 -15.24
CA LEU D 66 17.16 28.63 -16.26
C LEU D 66 17.78 29.13 -17.54
N ASP D 67 18.76 30.07 -17.31
CA ASP D 67 19.46 30.49 -18.48
C ASP D 67 20.06 29.32 -19.23
N GLU D 68 20.70 28.38 -18.56
CA GLU D 68 21.42 27.30 -19.23
C GLU D 68 20.45 26.33 -19.88
N ILE D 69 19.37 26.04 -19.23
CA ILE D 69 18.48 24.97 -19.74
C ILE D 69 17.74 25.44 -20.99
N LYS D 70 17.43 26.72 -20.97
CA LYS D 70 16.72 27.46 -22.03
C LYS D 70 17.44 27.40 -23.38
N GLU D 71 18.65 27.89 -23.57
CA GLU D 71 19.66 27.71 -24.56
C GLU D 71 20.02 26.25 -24.85
N LYS D 72 20.40 25.46 -23.85
CA LYS D 72 20.86 24.09 -24.08
C LYS D 72 19.86 23.13 -24.69
N TYR D 73 18.66 23.23 -24.11
CA TYR D 73 17.49 22.45 -24.46
C TYR D 73 16.32 23.25 -25.10
N LYS D 74 16.62 24.38 -25.76
CA LYS D 74 15.70 25.18 -26.55
C LYS D 74 14.72 24.35 -27.38
N GLY D 75 13.41 24.49 -27.19
CA GLY D 75 12.40 23.70 -27.85
C GLY D 75 12.21 22.24 -27.42
N ASN D 76 13.02 21.89 -26.39
CA ASN D 76 13.10 20.46 -26.00
C ASN D 76 12.73 20.19 -24.56
N TYR D 77 12.41 21.23 -23.80
CA TYR D 77 11.98 21.00 -22.44
C TYR D 77 10.49 21.13 -22.29
N ILE D 78 9.93 20.39 -21.35
CA ILE D 78 8.56 20.58 -20.91
CA ILE D 78 8.59 20.52 -20.84
C ILE D 78 8.59 21.66 -19.82
N LEU D 79 7.70 22.64 -19.98
CA LEU D 79 7.49 23.67 -18.96
C LEU D 79 6.24 23.30 -18.20
N ALA D 80 6.43 22.95 -16.97
CA ALA D 80 5.37 22.68 -16.05
C ALA D 80 5.11 23.96 -15.21
N VAL D 81 3.90 24.36 -15.01
CA VAL D 81 3.62 25.56 -14.25
C VAL D 81 2.60 25.25 -13.15
N GLU D 82 3.01 25.58 -11.94
CA GLU D 82 2.21 25.55 -10.76
C GLU D 82 1.93 27.01 -10.38
N GLY D 83 0.72 27.29 -9.92
CA GLY D 83 0.38 28.64 -9.65
C GLY D 83 0.13 29.46 -10.95
N ASN D 84 0.04 30.77 -10.79
CA ASN D 84 -0.28 31.65 -11.92
C ASN D 84 0.31 33.04 -11.75
N PRO D 85 0.40 33.72 -12.88
CA PRO D 85 0.92 35.14 -12.87
C PRO D 85 -0.13 36.15 -12.53
N PRO D 86 0.19 37.07 -11.60
CA PRO D 86 -0.63 38.25 -11.40
C PRO D 86 -0.21 39.37 -12.36
N LEU D 87 -1.26 40.11 -12.78
CA LEU D 87 -1.12 41.29 -13.60
C LEU D 87 -1.22 42.59 -12.87
N ASN D 88 -1.81 42.62 -11.68
CA ASN D 88 -1.88 43.87 -10.88
C ASN D 88 -0.59 44.04 -10.11
N GLN D 89 -0.41 45.18 -9.48
CA GLN D 89 0.76 45.56 -8.78
C GLN D 89 1.99 45.51 -9.71
N ASP D 90 1.86 45.80 -10.99
CA ASP D 90 2.90 45.69 -11.98
C ASP D 90 3.55 44.30 -12.00
N GLY D 91 2.76 43.31 -11.59
CA GLY D 91 3.20 41.92 -11.49
C GLY D 91 4.00 41.61 -10.27
N MET D 92 4.22 42.62 -9.39
CA MET D 92 5.10 42.49 -8.25
C MET D 92 4.42 42.00 -6.97
N SER D 93 3.17 41.49 -7.16
CA SER D 93 2.54 40.63 -6.17
C SER D 93 3.06 39.19 -6.32
N CYS D 94 3.92 38.93 -7.29
CA CYS D 94 4.69 37.68 -7.34
C CYS D 94 6.08 37.99 -7.90
N ILE D 95 7.11 38.19 -7.09
CA ILE D 95 8.40 38.64 -7.48
C ILE D 95 9.36 37.43 -7.51
N ILE D 96 10.05 37.22 -8.60
CA ILE D 96 11.11 36.19 -8.62
C ILE D 96 12.37 36.78 -9.18
N GLY D 97 13.46 36.73 -8.46
CA GLY D 97 14.70 37.38 -8.86
C GLY D 97 14.58 38.85 -9.04
N GLY D 98 13.75 39.55 -8.25
CA GLY D 98 13.57 41.00 -8.30
C GLY D 98 12.64 41.42 -9.42
N ARG D 99 12.04 40.52 -10.23
CA ARG D 99 11.23 40.85 -11.41
C ARG D 99 9.90 40.14 -11.32
N PRO D 100 8.89 40.60 -12.06
CA PRO D 100 7.64 39.92 -12.01
C PRO D 100 7.75 38.48 -12.46
N PHE D 101 7.03 37.60 -11.78
CA PHE D 101 6.95 36.20 -12.26
C PHE D 101 6.44 36.13 -13.70
N SER D 102 5.50 37.00 -14.11
CA SER D 102 5.03 36.96 -15.47
C SER D 102 6.17 36.98 -16.49
N GLU D 103 7.24 37.74 -16.26
CA GLU D 103 8.34 37.82 -17.20
C GLU D 103 9.10 36.50 -17.24
N GLN D 104 9.27 35.80 -16.10
CA GLN D 104 9.90 34.49 -16.08
C GLN D 104 9.07 33.46 -16.87
N LEU D 105 7.75 33.45 -16.60
CA LEU D 105 6.85 32.57 -17.29
C LEU D 105 6.88 32.81 -18.79
N LYS D 106 6.79 34.08 -19.23
CA LYS D 106 6.86 34.37 -20.67
C LYS D 106 8.15 33.87 -21.29
N ARG D 107 9.26 34.18 -20.65
CA ARG D 107 10.59 33.82 -21.19
C ARG D 107 10.67 32.31 -21.37
N MET D 108 10.18 31.55 -20.41
CA MET D 108 10.37 30.07 -20.48
C MET D 108 9.36 29.50 -21.42
N ALA D 109 8.20 30.10 -21.49
CA ALA D 109 7.17 29.60 -22.39
C ALA D 109 7.63 29.75 -23.84
N ASP D 110 8.38 30.80 -24.15
CA ASP D 110 8.79 31.10 -25.52
C ASP D 110 9.55 29.94 -26.12
N ASP D 111 10.33 29.21 -25.32
CA ASP D 111 11.17 28.11 -25.87
C ASP D 111 10.86 26.72 -25.35
N ALA D 112 9.70 26.58 -24.71
CA ALA D 112 9.17 25.25 -24.34
C ALA D 112 8.70 24.41 -25.50
N LYS D 113 8.79 23.10 -25.33
CA LYS D 113 8.24 22.18 -26.26
C LYS D 113 6.75 22.11 -26.06
N ALA D 114 6.30 22.16 -24.82
CA ALA D 114 4.92 22.05 -24.44
C ALA D 114 4.79 22.58 -22.99
N ILE D 115 3.60 22.98 -22.64
CA ILE D 115 3.31 23.36 -21.24
C ILE D 115 2.32 22.41 -20.59
N ILE D 116 2.60 22.12 -19.34
CA ILE D 116 1.65 21.48 -18.45
C ILE D 116 1.20 22.56 -17.45
N SER D 117 -0.07 22.86 -17.47
CA SER D 117 -0.67 23.74 -16.46
C SER D 117 -1.19 22.92 -15.28
N TRP D 118 -0.36 22.80 -14.24
CA TRP D 118 -0.80 21.99 -13.13
C TRP D 118 -1.89 22.65 -12.32
N GLY D 119 -2.91 21.90 -11.98
CA GLY D 119 -3.87 22.39 -11.02
C GLY D 119 -4.82 23.48 -11.52
N SER D 120 -5.73 23.80 -10.64
CA SER D 120 -6.68 24.87 -10.96
C SER D 120 -6.04 26.25 -11.00
N CYS D 121 -4.93 26.48 -10.25
CA CYS D 121 -4.26 27.78 -10.37
C CYS D 121 -3.80 27.99 -11.80
N ALA D 122 -2.99 27.10 -12.35
CA ALA D 122 -2.39 27.35 -13.65
C ALA D 122 -3.46 27.19 -14.71
N SER D 123 -4.39 26.31 -14.59
CA SER D 123 -5.47 26.04 -15.55
C SER D 123 -6.50 27.15 -15.64
N TRP D 124 -6.93 27.64 -14.47
CA TRP D 124 -8.11 28.50 -14.42
C TRP D 124 -7.94 29.78 -13.63
N GLY D 125 -7.16 29.76 -12.56
CA GLY D 125 -7.02 30.89 -11.65
C GLY D 125 -7.06 30.52 -10.17
N CYS D 126 -7.91 29.58 -9.84
CA CYS D 126 -8.09 29.07 -8.47
C CYS D 126 -8.32 30.22 -7.50
N VAL D 127 -7.95 30.04 -6.22
CA VAL D 127 -8.52 30.80 -5.12
C VAL D 127 -8.18 32.27 -5.28
N GLN D 128 -6.95 32.59 -5.69
CA GLN D 128 -6.54 33.98 -5.76
C GLN D 128 -7.32 34.73 -6.83
N ALA D 129 -7.88 34.01 -7.80
CA ALA D 129 -8.69 34.61 -8.84
C ALA D 129 -10.13 34.70 -8.50
N ALA D 130 -10.54 34.22 -7.33
CA ALA D 130 -11.93 34.38 -6.90
C ALA D 130 -12.23 35.84 -6.61
N LYS D 131 -13.50 36.23 -6.76
CA LYS D 131 -13.80 37.65 -6.62
C LYS D 131 -13.31 38.24 -5.30
N PRO D 132 -12.72 39.42 -5.32
CA PRO D 132 -12.54 40.36 -6.47
C PRO D 132 -11.20 40.29 -7.14
N ASN D 133 -10.45 39.21 -6.97
CA ASN D 133 -9.21 38.96 -7.64
C ASN D 133 -8.26 40.16 -7.51
N PRO D 134 -7.82 40.46 -6.30
CA PRO D 134 -6.98 41.61 -6.05
C PRO D 134 -5.69 41.74 -6.81
N THR D 135 -5.10 40.61 -7.19
CA THR D 135 -3.85 40.64 -7.96
C THR D 135 -4.00 40.47 -9.44
N GLN D 136 -5.26 40.36 -9.90
CA GLN D 136 -5.53 40.00 -11.33
C GLN D 136 -4.69 38.77 -11.71
N ALA D 137 -4.76 37.74 -10.87
CA ALA D 137 -4.19 36.45 -11.10
C ALA D 137 -4.84 35.86 -12.39
N THR D 138 -4.09 35.33 -13.29
CA THR D 138 -4.54 34.98 -14.63
C THR D 138 -4.02 33.60 -14.99
N PRO D 139 -4.82 32.67 -15.45
CA PRO D 139 -4.26 31.32 -15.78
C PRO D 139 -3.29 31.43 -16.94
N VAL D 140 -2.41 30.40 -17.05
CA VAL D 140 -1.33 30.41 -18.02
C VAL D 140 -1.83 30.65 -19.45
N HIS D 141 -2.84 29.90 -19.93
CA HIS D 141 -3.25 30.02 -21.31
C HIS D 141 -3.74 31.43 -21.62
N LYS D 142 -4.44 32.05 -20.67
CA LYS D 142 -4.92 33.41 -20.91
C LYS D 142 -3.77 34.41 -20.87
N PHE D 143 -2.78 34.21 -20.00
CA PHE D 143 -1.65 35.10 -19.96
C PHE D 143 -0.87 35.02 -21.26
N LEU D 144 -0.66 33.84 -21.83
CA LEU D 144 0.08 33.71 -23.08
C LEU D 144 -0.71 34.10 -24.31
N GLY D 145 -2.03 33.98 -24.25
CA GLY D 145 -2.95 34.46 -25.29
C GLY D 145 -3.10 33.49 -26.45
N GLY D 146 -4.03 33.76 -27.36
CA GLY D 146 -4.41 32.93 -28.44
C GLY D 146 -3.35 32.59 -29.45
N GLY D 147 -2.34 33.44 -29.54
CA GLY D 147 -1.29 33.26 -30.51
C GLY D 147 -0.23 32.27 -30.05
N TYR D 148 -0.38 31.77 -28.83
CA TYR D 148 0.67 30.81 -28.34
C TYR D 148 0.55 29.51 -29.11
N ASP D 149 1.62 29.00 -29.64
CA ASP D 149 1.65 28.01 -30.69
C ASP D 149 2.07 26.62 -30.24
N LYS D 150 2.24 26.37 -28.95
CA LYS D 150 2.59 25.09 -28.39
C LYS D 150 1.43 24.60 -27.54
N PRO D 151 1.35 23.27 -27.38
CA PRO D 151 0.31 22.71 -26.54
C PRO D 151 0.38 23.18 -25.10
N ILE D 152 -0.78 23.48 -24.55
CA ILE D 152 -0.99 23.71 -23.11
C ILE D 152 -1.94 22.65 -22.59
N ILE D 153 -1.38 21.76 -21.78
CA ILE D 153 -2.14 20.67 -21.22
C ILE D 153 -2.71 21.07 -19.88
N LYS D 154 -4.00 21.26 -19.75
CA LYS D 154 -4.56 21.63 -18.45
C LYS D 154 -4.82 20.35 -17.66
N VAL D 155 -4.32 20.35 -16.39
CA VAL D 155 -4.49 19.22 -15.48
C VAL D 155 -5.08 19.79 -14.16
N PRO D 156 -6.37 20.11 -14.25
CA PRO D 156 -6.96 20.91 -13.14
C PRO D 156 -7.35 20.10 -11.91
N GLY D 157 -7.83 20.78 -10.92
CA GLY D 157 -8.08 20.26 -9.59
C GLY D 157 -7.22 21.01 -8.60
N CYS D 158 -7.71 21.05 -7.37
CA CYS D 158 -7.06 21.83 -6.30
C CYS D 158 -6.75 20.92 -5.14
N PRO D 159 -5.64 20.17 -5.19
CA PRO D 159 -4.79 19.94 -6.33
C PRO D 159 -5.36 18.82 -7.19
N PRO D 160 -4.74 18.47 -8.32
CA PRO D 160 -5.08 17.24 -9.02
C PRO D 160 -4.69 16.01 -8.20
N ILE D 161 -5.25 14.87 -8.52
CA ILE D 161 -4.90 13.60 -7.94
C ILE D 161 -3.46 13.29 -8.30
N ALA D 162 -2.69 12.75 -7.36
CA ALA D 162 -1.29 12.48 -7.57
C ALA D 162 -1.00 11.59 -8.78
N GLU D 163 -1.72 10.49 -8.92
CA GLU D 163 -1.50 9.52 -9.96
C GLU D 163 -2.00 10.01 -11.31
N VAL D 164 -2.90 11.00 -11.31
CA VAL D 164 -3.26 11.74 -12.52
C VAL D 164 -2.08 12.55 -13.00
N MET D 165 -1.40 13.25 -12.11
CA MET D 165 -0.25 14.07 -12.47
C MET D 165 0.85 13.23 -13.04
N THR D 166 1.20 12.14 -12.30
CA THR D 166 2.25 11.30 -12.81
C THR D 166 1.75 10.41 -13.96
N GLY D 167 0.50 10.16 -14.09
CA GLY D 167 -0.03 9.44 -15.21
C GLY D 167 0.08 10.25 -16.53
N VAL D 168 -0.10 11.56 -16.46
CA VAL D 168 0.09 12.41 -17.64
C VAL D 168 1.55 12.34 -18.09
N ILE D 169 2.47 12.47 -17.14
CA ILE D 169 3.89 12.41 -17.48
CA ILE D 169 3.90 12.39 -17.39
C ILE D 169 4.26 11.06 -18.03
N THR D 170 3.88 9.96 -17.37
CA THR D 170 4.24 8.64 -17.88
C THR D 170 3.64 8.39 -19.26
N TYR D 171 2.44 8.90 -19.52
CA TYR D 171 1.85 8.73 -20.85
C TYR D 171 2.78 9.35 -21.86
N MET D 172 3.16 10.62 -21.63
CA MET D 172 3.96 11.35 -22.60
CA MET D 172 3.92 11.26 -22.70
C MET D 172 5.27 10.59 -22.87
N LEU D 173 5.89 10.12 -21.82
CA LEU D 173 7.16 9.42 -21.92
C LEU D 173 7.03 8.05 -22.54
N THR D 174 6.00 7.32 -22.32
CA THR D 174 5.81 5.94 -22.78
C THR D 174 5.36 5.93 -24.22
N PHE D 175 4.44 6.82 -24.53
CA PHE D 175 3.78 6.79 -25.84
C PHE D 175 4.18 7.90 -26.77
N ASP D 176 5.03 8.82 -26.32
CA ASP D 176 5.64 9.74 -27.23
C ASP D 176 4.62 10.62 -27.93
N ARG D 177 3.60 11.05 -27.20
CA ARG D 177 2.71 12.04 -27.72
C ARG D 177 1.97 12.72 -26.58
N ILE D 178 1.42 13.90 -26.89
CA ILE D 178 0.48 14.61 -26.03
CA ILE D 178 0.52 14.47 -25.90
C ILE D 178 -0.80 13.74 -25.98
N PRO D 179 -1.38 13.51 -24.80
CA PRO D 179 -2.65 12.76 -24.78
C PRO D 179 -3.72 13.61 -25.44
N GLU D 180 -4.77 12.93 -25.90
CA GLU D 180 -5.95 13.61 -26.49
C GLU D 180 -6.56 14.50 -25.45
N LEU D 181 -6.90 15.73 -25.84
CA LEU D 181 -7.47 16.71 -24.92
C LEU D 181 -8.91 16.96 -25.32
N ASP D 182 -9.74 17.31 -24.34
CA ASP D 182 -11.08 17.83 -24.58
C ASP D 182 -10.94 19.29 -25.06
N ARG D 183 -12.10 19.91 -25.28
CA ARG D 183 -12.14 21.27 -25.80
C ARG D 183 -11.59 22.26 -24.81
N GLN D 184 -11.53 21.94 -23.51
CA GLN D 184 -10.93 22.80 -22.53
C GLN D 184 -9.46 22.51 -22.26
N GLY D 185 -8.87 21.62 -23.07
CA GLY D 185 -7.48 21.28 -22.91
C GLY D 185 -7.08 20.27 -21.87
N ARG D 186 -8.07 19.53 -21.37
CA ARG D 186 -7.83 18.58 -20.29
C ARG D 186 -7.67 17.18 -20.90
N PRO D 187 -6.70 16.41 -20.43
CA PRO D 187 -6.57 15.03 -20.99
C PRO D 187 -7.77 14.15 -20.78
N LYS D 188 -8.29 13.60 -21.85
CA LYS D 188 -9.40 12.67 -21.79
C LYS D 188 -9.04 11.43 -20.95
N MET D 189 -7.77 11.06 -20.77
CA MET D 189 -7.21 10.00 -19.89
C MET D 189 -7.92 10.09 -18.56
N PHE D 190 -8.16 11.31 -18.01
CA PHE D 190 -8.63 11.48 -16.61
C PHE D 190 -9.80 12.42 -16.46
N TYR D 191 -10.12 13.32 -17.42
CA TYR D 191 -11.03 14.43 -17.22
C TYR D 191 -12.28 14.35 -18.10
N SER D 192 -12.56 13.14 -18.64
CA SER D 192 -13.68 13.01 -19.57
C SER D 192 -14.92 12.32 -18.99
N GLN D 193 -15.03 12.36 -17.67
CA GLN D 193 -16.25 12.01 -16.98
C GLN D 193 -16.41 12.97 -15.79
N ARG D 194 -17.67 13.21 -15.40
CA ARG D 194 -17.96 13.93 -14.20
C ARG D 194 -17.91 13.01 -12.97
N ILE D 195 -17.71 13.56 -11.82
CA ILE D 195 -17.72 12.75 -10.58
C ILE D 195 -18.97 11.91 -10.53
N HIS D 196 -20.10 12.56 -10.80
CA HIS D 196 -21.47 12.00 -10.72
C HIS D 196 -21.67 10.91 -11.77
N ASP D 197 -20.89 10.88 -12.84
CA ASP D 197 -21.00 9.86 -13.88
C ASP D 197 -20.41 8.53 -13.49
N LYS D 198 -19.68 8.49 -12.34
CA LYS D 198 -19.06 7.28 -11.83
C LYS D 198 -19.12 7.24 -10.29
N CYS D 199 -20.11 7.80 -9.65
CA CYS D 199 -20.16 7.94 -8.23
C CYS D 199 -20.88 6.77 -7.58
N TYR D 200 -20.23 6.08 -6.65
CA TYR D 200 -20.79 4.93 -5.95
C TYR D 200 -22.01 5.26 -5.04
N ARG D 201 -22.24 6.56 -4.76
CA ARG D 201 -23.48 6.93 -4.03
C ARG D 201 -24.64 7.16 -4.96
N ARG D 202 -24.44 7.04 -6.28
CA ARG D 202 -25.52 7.26 -7.25
C ARG D 202 -26.78 6.39 -6.93
N PRO D 203 -26.67 5.14 -6.50
CA PRO D 203 -27.92 4.36 -6.17
C PRO D 203 -28.81 5.12 -5.20
N HIS D 204 -28.21 5.83 -4.25
CA HIS D 204 -28.97 6.64 -3.31
C HIS D 204 -29.56 7.87 -3.94
N PHE D 205 -28.82 8.58 -4.76
CA PHE D 205 -29.37 9.69 -5.53
C PHE D 205 -30.65 9.22 -6.25
N ASP D 206 -30.51 8.10 -6.94
CA ASP D 206 -31.61 7.53 -7.75
C ASP D 206 -32.81 7.22 -6.91
N ALA D 207 -32.63 6.77 -5.67
CA ALA D 207 -33.71 6.41 -4.75
C ALA D 207 -34.26 7.57 -3.94
N GLY D 208 -33.75 8.78 -4.15
CA GLY D 208 -34.17 9.91 -3.30
C GLY D 208 -33.63 9.77 -1.87
N GLN D 209 -32.51 9.14 -1.64
CA GLN D 209 -31.90 8.87 -0.40
C GLN D 209 -30.69 9.80 -0.24
N PHE D 210 -30.87 10.85 0.55
CA PHE D 210 -29.95 11.92 0.74
C PHE D 210 -29.56 12.11 2.21
N VAL D 211 -28.35 12.61 2.40
CA VAL D 211 -28.00 13.29 3.63
C VAL D 211 -28.84 14.57 3.66
N GLU D 212 -29.63 14.77 4.69
CA GLU D 212 -30.40 15.99 4.80
C GLU D 212 -29.79 16.96 5.83
N GLU D 213 -29.13 16.44 6.86
CA GLU D 213 -28.48 17.21 7.90
C GLU D 213 -27.19 16.45 8.22
N TRP D 214 -26.10 17.08 8.60
CA TRP D 214 -24.90 16.35 8.95
C TRP D 214 -25.15 15.35 10.06
N ASP D 215 -24.57 14.18 9.87
CA ASP D 215 -24.57 13.10 10.85
C ASP D 215 -25.99 12.61 11.08
N ASP D 216 -26.87 12.70 10.11
CA ASP D 216 -28.16 12.08 10.14
C ASP D 216 -28.08 10.58 9.76
N GLU D 217 -29.28 9.96 9.68
CA GLU D 217 -29.31 8.55 9.30
C GLU D 217 -28.66 8.35 7.95
N GLY D 218 -28.93 9.15 6.98
CA GLY D 218 -28.36 9.01 5.65
C GLY D 218 -26.84 9.18 5.69
N ALA D 219 -26.32 10.15 6.43
CA ALA D 219 -24.89 10.30 6.47
C ALA D 219 -24.19 9.04 6.93
N ARG D 220 -24.78 8.33 7.93
CA ARG D 220 -24.26 7.13 8.55
C ARG D 220 -24.44 5.89 7.64
N LYS D 221 -25.24 6.02 6.60
CA LYS D 221 -25.42 4.97 5.61
C LYS D 221 -24.70 5.30 4.30
N GLY D 222 -24.09 6.44 4.16
CA GLY D 222 -23.47 6.85 2.92
C GLY D 222 -24.41 7.27 1.84
N TYR D 223 -25.53 7.91 2.19
CA TYR D 223 -26.50 8.44 1.22
C TYR D 223 -25.88 9.61 0.42
N CYS D 224 -26.55 9.92 -0.69
CA CYS D 224 -26.06 10.95 -1.60
C CYS D 224 -25.96 12.33 -0.95
N LEU D 225 -24.95 13.09 -1.33
CA LEU D 225 -24.62 14.38 -0.81
C LEU D 225 -25.16 15.54 -1.60
N TYR D 226 -26.05 15.30 -2.56
CA TYR D 226 -26.61 16.38 -3.40
C TYR D 226 -27.24 17.48 -2.61
N LYS D 227 -28.05 17.14 -1.56
CA LYS D 227 -28.78 18.16 -0.80
C LYS D 227 -27.91 18.93 0.17
N VAL D 228 -26.67 18.49 0.43
CA VAL D 228 -25.70 19.27 1.19
C VAL D 228 -24.69 19.92 0.26
N GLY D 229 -24.97 20.04 -1.01
CA GLY D 229 -24.21 20.92 -1.88
C GLY D 229 -23.26 20.22 -2.86
N CYS D 230 -23.23 18.91 -2.94
CA CYS D 230 -22.29 18.20 -3.84
C CYS D 230 -22.36 18.75 -5.27
N LYS D 231 -21.17 19.13 -5.75
CA LYS D 231 -21.05 19.66 -7.10
C LYS D 231 -20.56 18.59 -8.08
N GLY D 232 -20.57 17.33 -7.65
CA GLY D 232 -20.20 16.22 -8.54
C GLY D 232 -20.92 16.18 -9.85
N PRO D 233 -22.23 16.56 -9.92
CA PRO D 233 -22.93 16.56 -11.23
C PRO D 233 -22.35 17.45 -12.27
N THR D 234 -21.55 18.45 -11.95
CA THR D 234 -21.01 19.37 -12.94
C THR D 234 -19.49 19.39 -12.99
N THR D 235 -18.79 18.45 -12.37
CA THR D 235 -17.34 18.51 -12.15
C THR D 235 -16.66 17.34 -12.79
N TYR D 236 -15.77 17.64 -13.75
CA TYR D 236 -15.00 16.63 -14.45
C TYR D 236 -13.66 16.35 -13.76
N ASN D 237 -13.49 15.12 -13.34
CA ASN D 237 -12.30 14.68 -12.67
C ASN D 237 -12.32 13.15 -12.52
N ALA D 238 -11.23 12.62 -11.98
CA ALA D 238 -11.06 11.17 -11.81
C ALA D 238 -11.27 10.76 -10.38
N CYS D 239 -11.87 11.55 -9.55
CA CYS D 239 -11.97 11.28 -8.10
C CYS D 239 -12.81 10.09 -7.79
N SER D 240 -13.83 9.82 -8.55
CA SER D 240 -14.73 8.70 -8.31
C SER D 240 -14.29 7.39 -8.93
N THR D 241 -13.18 7.42 -9.69
CA THR D 241 -12.67 6.30 -10.42
C THR D 241 -11.27 5.97 -9.94
N VAL D 242 -10.30 6.85 -10.12
CA VAL D 242 -8.95 6.68 -9.61
C VAL D 242 -8.91 6.90 -8.10
N ARG D 243 -9.64 7.89 -7.61
CA ARG D 243 -9.64 8.22 -6.21
C ARG D 243 -8.28 8.80 -5.77
N TRP D 244 -8.14 9.08 -4.48
CA TRP D 244 -7.10 9.90 -3.90
C TRP D 244 -6.13 9.09 -3.05
N ASN D 245 -4.87 9.44 -3.00
CA ASN D 245 -3.89 8.95 -2.04
C ASN D 245 -3.77 7.45 -2.14
N GLY D 246 -3.41 7.01 -3.34
CA GLY D 246 -3.27 5.56 -3.56
C GLY D 246 -4.58 4.85 -3.51
N GLY D 247 -5.66 5.48 -4.03
CA GLY D 247 -6.97 4.91 -4.07
C GLY D 247 -7.62 4.74 -2.73
N THR D 248 -7.25 5.52 -1.73
CA THR D 248 -7.79 5.42 -0.39
C THR D 248 -9.16 5.98 -0.26
N SER D 249 -9.44 7.16 -0.80
CA SER D 249 -10.70 7.81 -0.57
C SER D 249 -10.93 8.82 -1.66
N PHE D 250 -12.06 9.58 -1.51
CA PHE D 250 -12.22 10.84 -2.24
C PHE D 250 -13.23 11.66 -1.42
N PRO D 251 -13.39 12.92 -1.69
CA PRO D 251 -14.28 13.74 -0.81
C PRO D 251 -15.64 13.13 -0.44
N ILE D 252 -16.33 12.63 -1.44
CA ILE D 252 -17.66 12.08 -1.22
C ILE D 252 -17.59 10.82 -0.39
N GLN D 253 -16.58 9.95 -0.58
CA GLN D 253 -16.47 8.79 0.27
C GLN D 253 -16.40 9.12 1.71
N SER D 254 -15.63 10.15 2.03
CA SER D 254 -15.41 10.57 3.38
C SER D 254 -16.46 11.50 3.91
N GLY D 255 -17.54 11.78 3.14
CA GLY D 255 -18.74 12.42 3.66
C GLY D 255 -18.99 13.86 3.30
N HIS D 256 -18.14 14.51 2.55
CA HIS D 256 -18.35 15.91 2.16
C HIS D 256 -18.61 15.93 0.66
N GLY D 257 -19.59 16.73 0.22
CA GLY D 257 -19.81 16.86 -1.23
C GLY D 257 -18.52 17.37 -1.91
N CYS D 258 -18.42 17.04 -3.21
CA CYS D 258 -17.57 17.75 -4.14
C CYS D 258 -17.83 19.24 -4.07
N ILE D 259 -16.78 20.05 -4.06
CA ILE D 259 -16.90 21.50 -4.12
C ILE D 259 -16.65 22.04 -5.53
N GLY D 260 -16.37 21.15 -6.51
CA GLY D 260 -16.17 21.51 -7.89
C GLY D 260 -14.75 21.89 -8.22
N CYS D 261 -13.73 21.42 -7.50
CA CYS D 261 -12.46 22.10 -7.47
C CYS D 261 -11.64 22.00 -8.75
N SER D 262 -12.03 21.15 -9.72
CA SER D 262 -11.36 21.09 -10.96
C SER D 262 -12.01 21.96 -12.06
N GLU D 263 -13.10 22.64 -11.76
CA GLU D 263 -13.79 23.42 -12.77
C GLU D 263 -13.49 24.90 -12.70
N ASP D 264 -13.45 25.52 -13.89
CA ASP D 264 -13.23 26.94 -13.95
C ASP D 264 -14.22 27.69 -13.08
N GLY D 265 -13.80 28.59 -12.22
CA GLY D 265 -14.73 29.51 -11.53
C GLY D 265 -15.39 28.88 -10.35
N PHE D 266 -14.92 27.72 -9.87
CA PHE D 266 -15.70 27.01 -8.84
C PHE D 266 -15.82 27.78 -7.57
N TRP D 267 -14.89 28.67 -7.21
CA TRP D 267 -14.95 29.48 -6.01
C TRP D 267 -16.13 30.45 -6.02
N ASP D 268 -16.60 30.82 -7.19
CA ASP D 268 -17.66 31.83 -7.33
C ASP D 268 -18.95 31.29 -7.91
N LYS D 269 -19.14 30.00 -7.71
CA LYS D 269 -20.35 29.34 -8.17
C LYS D 269 -21.40 29.40 -7.09
N GLY D 270 -21.25 29.90 -5.93
CA GLY D 270 -22.16 29.97 -4.80
C GLY D 270 -21.58 29.14 -3.67
N SER D 271 -22.30 29.16 -2.55
CA SER D 271 -21.98 28.39 -1.38
C SER D 271 -21.77 26.90 -1.71
N PHE D 272 -20.74 26.33 -1.09
CA PHE D 272 -20.49 24.95 -1.29
C PHE D 272 -21.65 24.06 -0.83
N TYR D 273 -22.48 24.59 0.07
CA TYR D 273 -23.55 23.83 0.69
C TYR D 273 -24.87 24.11 0.02
N SER D 274 -24.88 24.95 -0.99
CA SER D 274 -26.07 25.22 -1.81
C SER D 274 -26.06 24.29 -2.99
N ARG D 275 -27.22 23.78 -3.33
CA ARG D 275 -27.39 22.68 -4.24
C ARG D 275 -27.04 22.99 -5.67
N ASP D 276 -26.63 21.88 -6.35
CA ASP D 276 -26.06 22.11 -7.67
C ASP D 276 -27.17 22.36 -8.66
N THR D 277 -26.98 23.31 -9.56
CA THR D 277 -28.24 23.46 -10.34
C THR D 277 -28.03 23.31 -11.83
FE FE2 E . -3.28 -27.02 -8.27
NI NI F . -4.19 -26.16 -6.04
C CMO G . -3.54 -27.21 -10.01
O CMO G . -3.69 -27.33 -11.17
C CYN H . -1.57 -26.27 -8.71
N CYN H . -0.53 -25.86 -9.01
C CYN I . -2.55 -28.73 -8.15
N CYN I . -2.01 -29.77 -8.02
O O J . -2.72 -27.00 -5.92
O O K . -5.46 -28.11 -5.14
O O L . -5.20 -28.16 -3.66
O O M . -5.27 -24.88 -6.40
O O N . -5.08 -26.70 -5.11
C1 GOL O . 14.84 -14.59 -21.31
O1 GOL O . 14.73 -14.68 -22.75
C2 GOL O . 13.38 -14.63 -21.07
O2 GOL O . 12.98 -15.98 -21.38
C3 GOL O . 13.19 -14.16 -19.59
O3 GOL O . 13.46 -12.76 -19.30
C1 GOL P . -8.28 4.14 -26.21
O1 GOL P . -7.16 5.00 -26.21
C2 GOL P . -7.44 2.85 -26.13
O2 GOL P . -6.29 2.44 -25.31
C3 GOL P . -8.37 1.68 -26.46
O3 GOL P . -9.61 1.95 -25.94
MG MG Q . -10.11 -35.87 -12.72
S1 F4S R . -12.91 -22.50 0.58
FE1 F4S R . -12.92 -21.98 -1.68
S2 F4S R . -14.84 -22.82 -2.55
FE2 F4S R . -15.06 -22.49 -0.26
S3 F4S R . -15.82 -20.34 -0.10
FE3 F4S R . -16.25 -21.03 -2.31
FE4 F4S R . -13.49 -20.26 0.43
FE1 F3S S . -19.78 -10.35 -6.66
FE3 F3S S . -18.32 -12.13 -5.26
FE4 F3S S . -18.12 -9.49 -4.76
S1 F3S S . -18.77 -12.25 -7.49
S2 F3S S . -18.53 -8.51 -6.70
S3 F3S S . -19.96 -10.76 -4.39
S4 F3S S . -16.47 -10.99 -4.83
FE1 SF4 T . -22.88 -2.13 -11.10
FE2 SF4 T . -24.37 -2.44 -13.37
FE3 SF4 T . -23.62 -4.63 -11.85
FE4 SF4 T . -25.45 -2.87 -10.94
S1 SF4 T . -25.70 -4.26 -12.73
S2 SF4 T . -23.78 -3.80 -9.72
S3 SF4 T . -24.66 -0.86 -11.76
S4 SF4 T . -22.23 -3.17 -13.02
MG MG U . -3.16 38.69 7.66
FE FE2 V . 1.47 27.60 7.49
NI NI W . 1.97 26.84 5.10
C CMO X . 0.21 28.10 8.70
O CMO X . -0.54 28.41 9.47
C CYN Y . 2.18 26.43 8.82
N CYN Y . 2.53 25.72 9.66
C CYN Z . 2.72 28.93 8.10
N CYN Z . 3.46 29.72 8.43
O O AA . 3.37 27.11 6.01
O O BA . 2.36 28.96 3.79
O O CA . 3.39 28.73 2.84
O O DA . 0.58 25.98 4.61
O O EA . 2.03 27.52 3.86
C1 GOL FA . 1.91 11.52 27.36
O1 GOL FA . 1.21 11.83 28.57
C2 GOL FA . 0.96 12.03 26.32
O2 GOL FA . 0.99 13.49 26.41
C3 GOL FA . 1.67 11.56 25.03
O3 GOL FA . 1.44 10.17 24.81
C1 GOL GA . -23.79 2.19 14.25
O1 GOL GA . -22.87 1.18 14.65
C2 GOL GA . -22.75 3.22 14.86
O2 GOL GA . -21.31 3.14 14.98
C3 GOL GA . -23.86 4.33 14.67
O3 GOL GA . -23.79 4.90 13.42
S1 F4S HA . -1.20 25.47 -5.92
FE1 F4S HA . -2.78 25.25 -4.24
S2 F4S HA . -4.40 26.80 -4.69
FE2 F4S HA . -3.24 26.27 -6.62
S3 F4S HA . -4.37 24.49 -7.48
FE3 F4S HA . -5.84 25.55 -5.98
FE4 F4S HA . -2.41 23.59 -6.42
FE1 F3S IA . -14.64 17.29 -6.24
FE3 F3S IA . -12.15 18.32 -6.15
FE4 F3S IA . -12.54 15.71 -6.72
S1 F3S IA . -13.84 18.87 -4.72
S2 F3S IA . -14.40 15.18 -5.65
S3 F3S IA . -13.19 17.45 -8.03
S4 F3S IA . -10.95 16.59 -5.44
FE1 SF4 JA . -22.30 11.18 -5.85
FE2 SF4 JA . -24.71 12.24 -5.03
FE3 SF4 JA . -22.47 13.88 -5.44
FE4 SF4 JA . -23.77 12.68 -7.51
S1 SF4 JA . -24.63 14.29 -6.14
S2 SF4 JA . -21.51 12.87 -7.25
S3 SF4 JA . -24.41 10.63 -6.62
S4 SF4 JA . -22.73 12.19 -3.82
#